data_6Z18
# 
_entry.id   6Z18 
# 
_audit_conform.dict_name       mmcif_pdbx.dic 
_audit_conform.dict_version    5.391 
_audit_conform.dict_location   http://mmcif.pdb.org/dictionaries/ascii/mmcif_pdbx.dic 
# 
loop_
_database_2.database_id 
_database_2.database_code 
_database_2.pdbx_database_accession 
_database_2.pdbx_DOI 
PDB   6Z18         pdb_00006z18 10.2210/pdb6z18/pdb 
WWPDB D_1292108654 ?            ?                   
# 
loop_
_pdbx_audit_revision_history.ordinal 
_pdbx_audit_revision_history.data_content_type 
_pdbx_audit_revision_history.major_revision 
_pdbx_audit_revision_history.minor_revision 
_pdbx_audit_revision_history.revision_date 
1 'Structure model' 1 0 2020-09-02 
2 'Structure model' 1 1 2021-03-17 
3 'Structure model' 1 2 2024-05-01 
# 
_pdbx_audit_revision_details.ordinal             1 
_pdbx_audit_revision_details.revision_ordinal    1 
_pdbx_audit_revision_details.data_content_type   'Structure model' 
_pdbx_audit_revision_details.provider            repository 
_pdbx_audit_revision_details.type                'Initial release' 
_pdbx_audit_revision_details.description         ? 
_pdbx_audit_revision_details.details             ? 
# 
loop_
_pdbx_audit_revision_group.ordinal 
_pdbx_audit_revision_group.revision_ordinal 
_pdbx_audit_revision_group.data_content_type 
_pdbx_audit_revision_group.group 
1 2 'Structure model' 'Database references'    
2 3 'Structure model' 'Data collection'        
3 3 'Structure model' 'Database references'    
4 3 'Structure model' 'Refinement description' 
# 
loop_
_pdbx_audit_revision_category.ordinal 
_pdbx_audit_revision_category.revision_ordinal 
_pdbx_audit_revision_category.data_content_type 
_pdbx_audit_revision_category.category 
1 2 'Structure model' citation                      
2 2 'Structure model' citation_author               
3 3 'Structure model' chem_comp_atom                
4 3 'Structure model' chem_comp_bond                
5 3 'Structure model' database_2                    
6 3 'Structure model' pdbx_initial_refinement_model 
# 
loop_
_pdbx_audit_revision_item.ordinal 
_pdbx_audit_revision_item.revision_ordinal 
_pdbx_audit_revision_item.data_content_type 
_pdbx_audit_revision_item.item 
1  2 'Structure model' '_citation.country'                   
2  2 'Structure model' '_citation.journal_abbrev'            
3  2 'Structure model' '_citation.journal_id_ASTM'           
4  2 'Structure model' '_citation.journal_id_CSD'            
5  2 'Structure model' '_citation.journal_id_ISSN'           
6  2 'Structure model' '_citation.journal_volume'            
7  2 'Structure model' '_citation.page_first'                
8  2 'Structure model' '_citation.page_last'                 
9  2 'Structure model' '_citation.pdbx_database_id_DOI'      
10 2 'Structure model' '_citation.pdbx_database_id_PubMed'   
11 2 'Structure model' '_citation.title'                     
12 2 'Structure model' '_citation.year'                      
13 3 'Structure model' '_database_2.pdbx_DOI'                
14 3 'Structure model' '_database_2.pdbx_database_accession' 
# 
_pdbx_database_status.status_code                     REL 
_pdbx_database_status.status_code_sf                  REL 
_pdbx_database_status.status_code_mr                  ? 
_pdbx_database_status.entry_id                        6Z18 
_pdbx_database_status.recvd_initial_deposition_date   2020-05-12 
_pdbx_database_status.SG_entry                        N 
_pdbx_database_status.deposit_site                    PDBE 
_pdbx_database_status.process_site                    PDBE 
_pdbx_database_status.status_code_cs                  ? 
_pdbx_database_status.status_code_nmr_data            ? 
_pdbx_database_status.methods_development_category    ? 
_pdbx_database_status.pdb_format_compatible           Y 
# 
loop_
_audit_author.name 
_audit_author.pdbx_ordinal 
_audit_author.identifier_ORCID 
'Ruszkowski, M.'      1 ? 
'Sekula, B.'          2 ? 
'Mao, S.'             3 ? 
'Haruehanroengra, P.' 4 ? 
'Sheng, J.'           5 ? 
# 
_citation.abstract                  ? 
_citation.abstract_id_CAS           ? 
_citation.book_id_ISBN              ? 
_citation.book_publisher            ? 
_citation.book_publisher_city       ? 
_citation.book_title                ? 
_citation.coordinate_linkage        ? 
_citation.country                   UK 
_citation.database_id_Medline       ? 
_citation.details                   ? 
_citation.id                        primary 
_citation.journal_abbrev            'Nucleic Acids Res.' 
_citation.journal_id_ASTM           NARHAD 
_citation.journal_id_CSD            0389 
_citation.journal_id_ISSN           1362-4962 
_citation.journal_full              ? 
_citation.journal_issue             ? 
_citation.journal_volume            48 
_citation.language                  ? 
_citation.page_first                10087 
_citation.page_last                 10100 
_citation.title                     
'Base pairing, structural and functional insights into N4-methylcytidine (m4C) and N4,N4-dimethylcytidine (m42C) modified RNA.' 
_citation.year                      2020 
_citation.database_id_CSD           ? 
_citation.pdbx_database_id_DOI      10.1093/nar/gkaa737 
_citation.pdbx_database_id_PubMed   32941619 
_citation.unpublished_flag          ? 
# 
loop_
_citation_author.citation_id 
_citation_author.name 
_citation_author.ordinal 
_citation_author.identifier_ORCID 
primary 'Mao, S.'             1 ? 
primary 'Sekula, B.'          2 ? 
primary 'Ruszkowski, M.'      3 ? 
primary 'Ranganathan, S.V.'   4 ? 
primary 'Haruehanroengra, P.' 5 ? 
primary 'Wu, Y.'              6 ? 
primary 'Shen, F.'            7 ? 
primary 'Sheng, J.'           8 ? 
# 
loop_
_entity.id 
_entity.type 
_entity.src_method 
_entity.pdbx_description 
_entity.formula_weight 
_entity.pdbx_number_of_molecules 
_entity.pdbx_ec 
_entity.pdbx_mutation 
_entity.pdbx_fragment 
_entity.details 
1 polymer syn 'RNA-10mer: CCGG(N4,N4-dimethyl-C)GCCGG' 3235.033 2 ? ? ? ? 
2 water   nat water                                    18.015   3 ? ? ? ? 
# 
_entity_poly.entity_id                      1 
_entity_poly.type                           polyribonucleotide 
_entity_poly.nstd_linkage                   no 
_entity_poly.nstd_monomer                   yes 
_entity_poly.pdbx_seq_one_letter_code       'CCGG(LV2)GCCGG' 
_entity_poly.pdbx_seq_one_letter_code_can   CCGGCGCCGG 
_entity_poly.pdbx_strand_id                 A,B 
_entity_poly.pdbx_target_identifier         ? 
# 
_pdbx_entity_nonpoly.entity_id   2 
_pdbx_entity_nonpoly.name        water 
_pdbx_entity_nonpoly.comp_id     HOH 
# 
loop_
_entity_poly_seq.entity_id 
_entity_poly_seq.num 
_entity_poly_seq.mon_id 
_entity_poly_seq.hetero 
1 1  C   n 
1 2  C   n 
1 3  G   n 
1 4  G   n 
1 5  LV2 n 
1 6  G   n 
1 7  C   n 
1 8  C   n 
1 9  G   n 
1 10 G   n 
# 
_pdbx_entity_src_syn.entity_id              1 
_pdbx_entity_src_syn.pdbx_src_id            1 
_pdbx_entity_src_syn.pdbx_alt_source_flag   sample 
_pdbx_entity_src_syn.pdbx_beg_seq_num       1 
_pdbx_entity_src_syn.pdbx_end_seq_num       10 
_pdbx_entity_src_syn.organism_scientific    'synthetic construct' 
_pdbx_entity_src_syn.organism_common_name   ? 
_pdbx_entity_src_syn.ncbi_taxonomy_id       32630 
_pdbx_entity_src_syn.details                ? 
# 
loop_
_chem_comp.id 
_chem_comp.type 
_chem_comp.mon_nstd_flag 
_chem_comp.name 
_chem_comp.pdbx_synonyms 
_chem_comp.formula 
_chem_comp.formula_weight 
C   'RNA linking' y "CYTIDINE-5'-MONOPHOSPHATE" ? 'C9 H14 N3 O8 P'  323.197 
G   'RNA linking' y "GUANOSINE-5'-MONOPHOSPHATE" ? 'C10 H14 N5 O8 P' 363.221 
HOH non-polymer   . WATER ? 'H2 O'            18.015  
LV2 'RNA linking' n 
;[(2~{R},3~{S},4~{R},5~{R})-5-[4-(dimethylamino)-2-oxidanylidene-pyrimidin-1-yl]-3,4-bis(oxidanyl)oxolan-2-yl]methyl dihydrogen phosphate
;
? 'C11 H18 N3 O8 P' 351.250 
# 
loop_
_pdbx_poly_seq_scheme.asym_id 
_pdbx_poly_seq_scheme.entity_id 
_pdbx_poly_seq_scheme.seq_id 
_pdbx_poly_seq_scheme.mon_id 
_pdbx_poly_seq_scheme.ndb_seq_num 
_pdbx_poly_seq_scheme.pdb_seq_num 
_pdbx_poly_seq_scheme.auth_seq_num 
_pdbx_poly_seq_scheme.pdb_mon_id 
_pdbx_poly_seq_scheme.auth_mon_id 
_pdbx_poly_seq_scheme.pdb_strand_id 
_pdbx_poly_seq_scheme.pdb_ins_code 
_pdbx_poly_seq_scheme.hetero 
A 1 1  C   1  1  1  C   C   A . n 
A 1 2  C   2  2  2  C   C   A . n 
A 1 3  G   3  3  3  G   G   A . n 
A 1 4  G   4  4  4  G   G   A . n 
A 1 5  LV2 5  5  5  LV2 cn2 A . n 
A 1 6  G   6  6  6  G   G   A . n 
A 1 7  C   7  7  7  C   C   A . n 
A 1 8  C   8  8  8  C   C   A . n 
A 1 9  G   9  9  9  G   G   A . n 
A 1 10 G   10 10 10 G   G   A . n 
B 1 1  C   1  1  1  C   C   B . n 
B 1 2  C   2  2  2  C   C   B . n 
B 1 3  G   3  3  3  G   G   B . n 
B 1 4  G   4  4  4  G   G   B . n 
B 1 5  LV2 5  5  5  LV2 cn2 B . n 
B 1 6  G   6  6  6  G   G   B . n 
B 1 7  C   7  7  7  C   C   B . n 
B 1 8  C   8  8  8  C   C   B . n 
B 1 9  G   9  9  9  G   G   B . n 
B 1 10 G   10 10 10 G   G   B . n 
# 
loop_
_pdbx_nonpoly_scheme.asym_id 
_pdbx_nonpoly_scheme.entity_id 
_pdbx_nonpoly_scheme.mon_id 
_pdbx_nonpoly_scheme.ndb_seq_num 
_pdbx_nonpoly_scheme.pdb_seq_num 
_pdbx_nonpoly_scheme.auth_seq_num 
_pdbx_nonpoly_scheme.pdb_mon_id 
_pdbx_nonpoly_scheme.auth_mon_id 
_pdbx_nonpoly_scheme.pdb_strand_id 
_pdbx_nonpoly_scheme.pdb_ins_code 
C 2 HOH 1 101 1 HOH HOH A . 
C 2 HOH 2 102 2 HOH HOH A . 
C 2 HOH 3 103 3 HOH HOH A . 
# 
loop_
_software.citation_id 
_software.classification 
_software.compiler_name 
_software.compiler_version 
_software.contact_author 
_software.contact_author_email 
_software.date 
_software.description 
_software.dependencies 
_software.hardware 
_software.language 
_software.location 
_software.mods 
_software.name 
_software.os 
_software.os_version 
_software.type 
_software.version 
_software.pdbx_ordinal 
? 'data reduction' ? ? ? ? ? ? ? ? ? ? ? XDS       ? ? ? .           1 
? 'data scaling'   ? ? ? ? ? ? ? ? ? ? ? STARANISO ? ? ? .           2 
? phasing          ? ? ? ? ? ? ? ? ? ? ? PHASER    ? ? ? .           3 
? refinement       ? ? ? ? ? ? ? ? ? ? ? PHENIX    ? ? ? 1.18.1_3865 4 
# 
_cell.angle_alpha                  90.000 
_cell.angle_alpha_esd              ? 
_cell.angle_beta                   90.000 
_cell.angle_beta_esd               ? 
_cell.angle_gamma                  120.000 
_cell.angle_gamma_esd              ? 
_cell.entry_id                     6Z18 
_cell.details                      ? 
_cell.formula_units_Z              ? 
_cell.length_a                     42.562 
_cell.length_a_esd                 ? 
_cell.length_b                     42.562 
_cell.length_b_esd                 ? 
_cell.length_c                     165.919 
_cell.length_c_esd                 ? 
_cell.volume                       260297.986 
_cell.volume_esd                   ? 
_cell.Z_PDB                        36 
_cell.reciprocal_angle_alpha       ? 
_cell.reciprocal_angle_beta        ? 
_cell.reciprocal_angle_gamma       ? 
_cell.reciprocal_angle_alpha_esd   ? 
_cell.reciprocal_angle_beta_esd    ? 
_cell.reciprocal_angle_gamma_esd   ? 
_cell.reciprocal_length_a          ? 
_cell.reciprocal_length_b          ? 
_cell.reciprocal_length_c          ? 
_cell.reciprocal_length_a_esd      ? 
_cell.reciprocal_length_b_esd      ? 
_cell.reciprocal_length_c_esd      ? 
_cell.pdbx_unique_axis             ? 
# 
_symmetry.entry_id                         6Z18 
_symmetry.cell_setting                     ? 
_symmetry.Int_Tables_number                155 
_symmetry.space_group_name_Hall            
;R 3 2"
;
_symmetry.space_group_name_H-M             'H 3 2' 
_symmetry.pdbx_full_space_group_name_H-M   ? 
# 
_exptl.absorpt_coefficient_mu     ? 
_exptl.absorpt_correction_T_max   ? 
_exptl.absorpt_correction_T_min   ? 
_exptl.absorpt_correction_type    ? 
_exptl.absorpt_process_details    ? 
_exptl.entry_id                   6Z18 
_exptl.crystals_number            1 
_exptl.details                    ? 
_exptl.method                     'X-RAY DIFFRACTION' 
_exptl.method_details             ? 
# 
_exptl_crystal.colour                      ? 
_exptl_crystal.density_diffrn              ? 
_exptl_crystal.density_Matthews            2.18 
_exptl_crystal.density_method              ? 
_exptl_crystal.density_percent_sol         43.60 
_exptl_crystal.description                 ? 
_exptl_crystal.F_000                       ? 
_exptl_crystal.id                          1 
_exptl_crystal.preparation                 ? 
_exptl_crystal.size_max                    ? 
_exptl_crystal.size_mid                    ? 
_exptl_crystal.size_min                    ? 
_exptl_crystal.size_rad                    ? 
_exptl_crystal.colour_lustre               ? 
_exptl_crystal.colour_modifier             ? 
_exptl_crystal.colour_primary              ? 
_exptl_crystal.density_meas                ? 
_exptl_crystal.density_meas_esd            ? 
_exptl_crystal.density_meas_gt             ? 
_exptl_crystal.density_meas_lt             ? 
_exptl_crystal.density_meas_temp           ? 
_exptl_crystal.density_meas_temp_esd       ? 
_exptl_crystal.density_meas_temp_gt        ? 
_exptl_crystal.density_meas_temp_lt        ? 
_exptl_crystal.pdbx_crystal_image_url      ? 
_exptl_crystal.pdbx_crystal_image_format   ? 
_exptl_crystal.pdbx_mosaicity              ? 
_exptl_crystal.pdbx_mosaicity_esd          ? 
# 
_exptl_crystal_grow.apparatus       ? 
_exptl_crystal_grow.atmosphere      ? 
_exptl_crystal_grow.crystal_id      1 
_exptl_crystal_grow.details         ? 
_exptl_crystal_grow.method          'VAPOR DIFFUSION, SITTING DROP' 
_exptl_crystal_grow.method_ref      ? 
_exptl_crystal_grow.pH              ? 
_exptl_crystal_grow.pressure        ? 
_exptl_crystal_grow.pressure_esd    ? 
_exptl_crystal_grow.seeding         ? 
_exptl_crystal_grow.seeding_ref     ? 
_exptl_crystal_grow.temp            292 
_exptl_crystal_grow.temp_details    ? 
_exptl_crystal_grow.temp_esd        ? 
_exptl_crystal_grow.time            ? 
_exptl_crystal_grow.pdbx_details    
;10% v/v (+/-)-2-Methyl-2,4-pentanediol, 0.040 M Sodium cacodylate trihydrate pH 6.0,  0.012 M Spermine tetrahydrochloride, 0.012 M Sodium chloride, and 0.080 M Potassium chloride
;
_exptl_crystal_grow.pdbx_pH_range   ? 
# 
_diffrn.ambient_environment              ? 
_diffrn.ambient_temp                     100 
_diffrn.ambient_temp_details             ? 
_diffrn.ambient_temp_esd                 ? 
_diffrn.crystal_id                       1 
_diffrn.crystal_support                  ? 
_diffrn.crystal_treatment                ? 
_diffrn.details                          ? 
_diffrn.id                               1 
_diffrn.ambient_pressure                 ? 
_diffrn.ambient_pressure_esd             ? 
_diffrn.ambient_pressure_gt              ? 
_diffrn.ambient_pressure_lt              ? 
_diffrn.ambient_temp_gt                  ? 
_diffrn.ambient_temp_lt                  ? 
_diffrn.pdbx_serial_crystal_experiment   N 
# 
_diffrn_detector.details                      ? 
_diffrn_detector.detector                     PIXEL 
_diffrn_detector.diffrn_id                    1 
_diffrn_detector.type                         'DECTRIS EIGER X 16M' 
_diffrn_detector.area_resol_mean              ? 
_diffrn_detector.dtime                        ? 
_diffrn_detector.pdbx_frames_total            ? 
_diffrn_detector.pdbx_collection_time_total   ? 
_diffrn_detector.pdbx_collection_date         2018-12-11 
_diffrn_detector.pdbx_frequency               ? 
# 
_diffrn_radiation.collimation                      ? 
_diffrn_radiation.diffrn_id                        1 
_diffrn_radiation.filter_edge                      ? 
_diffrn_radiation.inhomogeneity                    ? 
_diffrn_radiation.monochromator                    'Si (111)' 
_diffrn_radiation.polarisn_norm                    ? 
_diffrn_radiation.polarisn_ratio                   ? 
_diffrn_radiation.probe                            ? 
_diffrn_radiation.type                             ? 
_diffrn_radiation.xray_symbol                      ? 
_diffrn_radiation.wavelength_id                    1 
_diffrn_radiation.pdbx_monochromatic_or_laue_m_l   M 
_diffrn_radiation.pdbx_wavelength_list             ? 
_diffrn_radiation.pdbx_wavelength                  ? 
_diffrn_radiation.pdbx_diffrn_protocol             'SINGLE WAVELENGTH' 
_diffrn_radiation.pdbx_analyzer                    ? 
_diffrn_radiation.pdbx_scattering_type             x-ray 
# 
_diffrn_radiation_wavelength.id           1 
_diffrn_radiation_wavelength.wavelength   1.0000 
_diffrn_radiation_wavelength.wt           1.0 
# 
_diffrn_source.current                     ? 
_diffrn_source.details                     ? 
_diffrn_source.diffrn_id                   1 
_diffrn_source.power                       ? 
_diffrn_source.size                        ? 
_diffrn_source.source                      SYNCHROTRON 
_diffrn_source.target                      ? 
_diffrn_source.type                        'APS BEAMLINE 22-ID' 
_diffrn_source.voltage                     ? 
_diffrn_source.take-off_angle              ? 
_diffrn_source.pdbx_wavelength_list        1.0000 
_diffrn_source.pdbx_wavelength             ? 
_diffrn_source.pdbx_synchrotron_beamline   22-ID 
_diffrn_source.pdbx_synchrotron_site       APS 
# 
_reflns.B_iso_Wilson_estimate            26.95 
_reflns.entry_id                         6Z18 
_reflns.data_reduction_details           ? 
_reflns.data_reduction_method            ? 
_reflns.d_resolution_high                1.81 
_reflns.d_resolution_low                 36.0 
_reflns.details                          ? 
_reflns.limit_h_max                      ? 
_reflns.limit_h_min                      ? 
_reflns.limit_k_max                      ? 
_reflns.limit_k_min                      ? 
_reflns.limit_l_max                      ? 
_reflns.limit_l_min                      ? 
_reflns.number_all                       ? 
_reflns.number_obs                       2771 
_reflns.observed_criterion               ? 
_reflns.observed_criterion_F_max         ? 
_reflns.observed_criterion_F_min         ? 
_reflns.observed_criterion_I_max         ? 
_reflns.observed_criterion_I_min         ? 
_reflns.observed_criterion_sigma_F       ? 
_reflns.observed_criterion_sigma_I       ? 
_reflns.percent_possible_obs             85.8 
_reflns.R_free_details                   ? 
_reflns.Rmerge_F_all                     ? 
_reflns.Rmerge_F_obs                     ? 
_reflns.Friedel_coverage                 ? 
_reflns.number_gt                        ? 
_reflns.threshold_expression             ? 
_reflns.pdbx_redundancy                  11.4 
_reflns.pdbx_Rmerge_I_obs                0.071 
_reflns.pdbx_Rmerge_I_all                ? 
_reflns.pdbx_Rsym_value                  ? 
_reflns.pdbx_netI_over_av_sigmaI         ? 
_reflns.pdbx_netI_over_sigmaI            16.4 
_reflns.pdbx_res_netI_over_av_sigmaI_2   ? 
_reflns.pdbx_res_netI_over_sigmaI_2      ? 
_reflns.pdbx_chi_squared                 ? 
_reflns.pdbx_scaling_rejects             ? 
_reflns.pdbx_d_res_high_opt              ? 
_reflns.pdbx_d_res_low_opt               ? 
_reflns.pdbx_d_res_opt_method            ? 
_reflns.phase_calculation_details        ? 
_reflns.pdbx_Rrim_I_all                  ? 
_reflns.pdbx_Rpim_I_all                  ? 
_reflns.pdbx_d_opt                       ? 
_reflns.pdbx_number_measured_all         ? 
_reflns.pdbx_diffrn_id                   1 
_reflns.pdbx_ordinal                     1 
_reflns.pdbx_CC_half                     1.0 
_reflns.pdbx_CC_star                     ? 
_reflns.pdbx_R_split                     ? 
# 
_reflns_shell.d_res_high                  1.81 
_reflns_shell.d_res_low                   1.99 
_reflns_shell.meanI_over_sigI_all         ? 
_reflns_shell.meanI_over_sigI_obs         1.8 
_reflns_shell.number_measured_all         ? 
_reflns_shell.number_measured_obs         ? 
_reflns_shell.number_possible             ? 
_reflns_shell.number_unique_all           ? 
_reflns_shell.number_unique_obs           231 
_reflns_shell.percent_possible_all        ? 
_reflns_shell.percent_possible_obs        ? 
_reflns_shell.Rmerge_F_all                ? 
_reflns_shell.Rmerge_F_obs                ? 
_reflns_shell.Rmerge_I_all                ? 
_reflns_shell.Rmerge_I_obs                1.43 
_reflns_shell.meanI_over_sigI_gt          ? 
_reflns_shell.meanI_over_uI_all           ? 
_reflns_shell.meanI_over_uI_gt            ? 
_reflns_shell.number_measured_gt          ? 
_reflns_shell.number_unique_gt            ? 
_reflns_shell.percent_possible_gt         ? 
_reflns_shell.Rmerge_F_gt                 ? 
_reflns_shell.Rmerge_I_gt                 ? 
_reflns_shell.pdbx_redundancy             ? 
_reflns_shell.pdbx_Rsym_value             ? 
_reflns_shell.pdbx_chi_squared            ? 
_reflns_shell.pdbx_netI_over_sigmaI_all   ? 
_reflns_shell.pdbx_netI_over_sigmaI_obs   ? 
_reflns_shell.pdbx_Rrim_I_all             ? 
_reflns_shell.pdbx_Rpim_I_all             ? 
_reflns_shell.pdbx_rejects                ? 
_reflns_shell.pdbx_ordinal                1 
_reflns_shell.pdbx_diffrn_id              1 
_reflns_shell.pdbx_CC_half                0.77 
_reflns_shell.pdbx_CC_star                ? 
_reflns_shell.pdbx_R_split                ? 
# 
_refine.aniso_B[1][1]                            ? 
_refine.aniso_B[1][2]                            ? 
_refine.aniso_B[1][3]                            ? 
_refine.aniso_B[2][2]                            ? 
_refine.aniso_B[2][3]                            ? 
_refine.aniso_B[3][3]                            ? 
_refine.B_iso_max                                ? 
_refine.B_iso_mean                               48.78 
_refine.B_iso_min                                ? 
_refine.correlation_coeff_Fo_to_Fc               ? 
_refine.correlation_coeff_Fo_to_Fc_free          ? 
_refine.details                                  ? 
_refine.diff_density_max                         ? 
_refine.diff_density_max_esd                     ? 
_refine.diff_density_min                         ? 
_refine.diff_density_min_esd                     ? 
_refine.diff_density_rms                         ? 
_refine.diff_density_rms_esd                     ? 
_refine.entry_id                                 6Z18 
_refine.pdbx_refine_id                           'X-RAY DIFFRACTION' 
_refine.ls_abs_structure_details                 ? 
_refine.ls_abs_structure_Flack                   ? 
_refine.ls_abs_structure_Flack_esd               ? 
_refine.ls_abs_structure_Rogers                  ? 
_refine.ls_abs_structure_Rogers_esd              ? 
_refine.ls_d_res_high                            1.81 
_refine.ls_d_res_low                             35.98 
_refine.ls_extinction_coef                       ? 
_refine.ls_extinction_coef_esd                   ? 
_refine.ls_extinction_expression                 ? 
_refine.ls_extinction_method                     ? 
_refine.ls_goodness_of_fit_all                   ? 
_refine.ls_goodness_of_fit_all_esd               ? 
_refine.ls_goodness_of_fit_obs                   ? 
_refine.ls_goodness_of_fit_obs_esd               ? 
_refine.ls_hydrogen_treatment                    ? 
_refine.ls_matrix_type                           ? 
_refine.ls_number_constraints                    ? 
_refine.ls_number_parameters                     ? 
_refine.ls_number_reflns_all                     ? 
_refine.ls_number_reflns_obs                     2748 
_refine.ls_number_reflns_R_free                  149 
_refine.ls_number_reflns_R_work                  2599 
_refine.ls_number_restraints                     ? 
_refine.ls_percent_reflns_obs                    48.8 
_refine.ls_percent_reflns_R_free                 5.42 
_refine.ls_R_factor_all                          ? 
_refine.ls_R_factor_obs                          0.2558 
_refine.ls_R_factor_R_free                       0.2880 
_refine.ls_R_factor_R_free_error                 ? 
_refine.ls_R_factor_R_free_error_details         ? 
_refine.ls_R_factor_R_work                       0.2537 
_refine.ls_R_Fsqd_factor_obs                     ? 
_refine.ls_R_I_factor_obs                        ? 
_refine.ls_redundancy_reflns_all                 ? 
_refine.ls_redundancy_reflns_obs                 ? 
_refine.ls_restrained_S_all                      ? 
_refine.ls_restrained_S_obs                      ? 
_refine.ls_shift_over_esd_max                    ? 
_refine.ls_shift_over_esd_mean                   ? 
_refine.ls_structure_factor_coef                 ? 
_refine.ls_weighting_details                     ? 
_refine.ls_weighting_scheme                      ? 
_refine.ls_wR_factor_all                         ? 
_refine.ls_wR_factor_obs                         ? 
_refine.ls_wR_factor_R_free                      ? 
_refine.ls_wR_factor_R_work                      ? 
_refine.occupancy_max                            ? 
_refine.occupancy_min                            ? 
_refine.solvent_model_details                    'FLAT BULK SOLVENT MODEL' 
_refine.solvent_model_param_bsol                 ? 
_refine.solvent_model_param_ksol                 ? 
_refine.pdbx_R_complete                          ? 
_refine.ls_R_factor_gt                           ? 
_refine.ls_goodness_of_fit_gt                    ? 
_refine.ls_goodness_of_fit_ref                   ? 
_refine.ls_shift_over_su_max                     ? 
_refine.ls_shift_over_su_max_lt                  ? 
_refine.ls_shift_over_su_mean                    ? 
_refine.ls_shift_over_su_mean_lt                 ? 
_refine.pdbx_ls_sigma_I                          ? 
_refine.pdbx_ls_sigma_F                          1.34 
_refine.pdbx_ls_sigma_Fsqd                       ? 
_refine.pdbx_data_cutoff_high_absF               ? 
_refine.pdbx_data_cutoff_high_rms_absF           ? 
_refine.pdbx_data_cutoff_low_absF                ? 
_refine.pdbx_isotropic_thermal_model             ? 
_refine.pdbx_ls_cross_valid_method               'FREE R-VALUE' 
_refine.pdbx_method_to_determine_struct          'MOLECULAR REPLACEMENT' 
_refine.pdbx_starting_model                      'CCGGCGCCGG dimer' 
_refine.pdbx_stereochemistry_target_values       'GeoStd + Monomer Library + CDL v1.2' 
_refine.pdbx_R_Free_selection_details            ? 
_refine.pdbx_stereochem_target_val_spec_case     ? 
_refine.pdbx_overall_ESU_R                       ? 
_refine.pdbx_overall_ESU_R_Free                  ? 
_refine.pdbx_solvent_vdw_probe_radii             1.1100 
_refine.pdbx_solvent_ion_probe_radii             ? 
_refine.pdbx_solvent_shrinkage_radii             0.9000 
_refine.pdbx_real_space_R                        ? 
_refine.pdbx_density_correlation                 ? 
_refine.pdbx_pd_number_of_powder_patterns        ? 
_refine.pdbx_pd_number_of_points                 ? 
_refine.pdbx_pd_meas_number_of_points            ? 
_refine.pdbx_pd_proc_ls_prof_R_factor            ? 
_refine.pdbx_pd_proc_ls_prof_wR_factor           ? 
_refine.pdbx_pd_Marquardt_correlation_coeff      ? 
_refine.pdbx_pd_Fsqrd_R_factor                   ? 
_refine.pdbx_pd_ls_matrix_band_width             ? 
_refine.pdbx_overall_phase_error                 32.7659 
_refine.pdbx_overall_SU_R_free_Cruickshank_DPI   ? 
_refine.pdbx_overall_SU_R_free_Blow_DPI          ? 
_refine.pdbx_overall_SU_R_Blow_DPI               ? 
_refine.pdbx_TLS_residual_ADP_flag               ? 
_refine.pdbx_diffrn_id                           1 
_refine.overall_SU_B                             ? 
_refine.overall_SU_ML                            0.2079 
_refine.overall_SU_R_Cruickshank_DPI             ? 
_refine.overall_SU_R_free                        ? 
_refine.overall_FOM_free_R_set                   ? 
_refine.overall_FOM_work_R_set                   ? 
_refine.pdbx_average_fsc_overall                 ? 
_refine.pdbx_average_fsc_work                    ? 
_refine.pdbx_average_fsc_free                    ? 
# 
_refine_hist.pdbx_refine_id                   'X-RAY DIFFRACTION' 
_refine_hist.cycle_id                         LAST 
_refine_hist.details                          ? 
_refine_hist.d_res_high                       1.81 
_refine_hist.d_res_low                        35.98 
_refine_hist.number_atoms_solvent             3 
_refine_hist.number_atoms_total               431 
_refine_hist.number_reflns_all                ? 
_refine_hist.number_reflns_obs                ? 
_refine_hist.number_reflns_R_free             ? 
_refine_hist.number_reflns_R_work             ? 
_refine_hist.R_factor_all                     ? 
_refine_hist.R_factor_obs                     ? 
_refine_hist.R_factor_R_free                  ? 
_refine_hist.R_factor_R_work                  ? 
_refine_hist.pdbx_number_residues_total       ? 
_refine_hist.pdbx_B_iso_mean_ligand           ? 
_refine_hist.pdbx_B_iso_mean_solvent          ? 
_refine_hist.pdbx_number_atoms_protein        0 
_refine_hist.pdbx_number_atoms_nucleic_acid   428 
_refine_hist.pdbx_number_atoms_ligand         0 
_refine_hist.pdbx_number_atoms_lipid          ? 
_refine_hist.pdbx_number_atoms_carb           ? 
_refine_hist.pdbx_pseudo_atom_details         ? 
# 
loop_
_refine_ls_restr.pdbx_refine_id 
_refine_ls_restr.criterion 
_refine_ls_restr.dev_ideal 
_refine_ls_restr.dev_ideal_target 
_refine_ls_restr.number 
_refine_ls_restr.rejects 
_refine_ls_restr.type 
_refine_ls_restr.weight 
_refine_ls_restr.pdbx_restraint_function 
'X-RAY DIFFRACTION' ? 0.0061  ? 476 ? f_bond_d           ? ? 
'X-RAY DIFFRACTION' ? 1.1160  ? 740 ? f_angle_d          ? ? 
'X-RAY DIFFRACTION' ? 0.0419  ? 96  ? f_chiral_restr     ? ? 
'X-RAY DIFFRACTION' ? 0.0057  ? 22  ? f_plane_restr      ? ? 
'X-RAY DIFFRACTION' ? 10.4353 ? 234 ? f_dihedral_angle_d ? ? 
# 
_refine_ls_shell.pdbx_refine_id                   'X-RAY DIFFRACTION' 
_refine_ls_shell.d_res_high                       1.81 
_refine_ls_shell.d_res_low                        35.98 
_refine_ls_shell.number_reflns_all                ? 
_refine_ls_shell.number_reflns_obs                ? 
_refine_ls_shell.number_reflns_R_free             149 
_refine_ls_shell.number_reflns_R_work             2599 
_refine_ls_shell.percent_reflns_obs               48.75 
_refine_ls_shell.percent_reflns_R_free            ? 
_refine_ls_shell.R_factor_all                     ? 
_refine_ls_shell.R_factor_obs                     ? 
_refine_ls_shell.R_factor_R_free                  0.2880 
_refine_ls_shell.R_factor_R_free_error            ? 
_refine_ls_shell.R_factor_R_work                  0.2537 
_refine_ls_shell.redundancy_reflns_all            ? 
_refine_ls_shell.redundancy_reflns_obs            ? 
_refine_ls_shell.wR_factor_all                    ? 
_refine_ls_shell.wR_factor_obs                    ? 
_refine_ls_shell.wR_factor_R_free                 ? 
_refine_ls_shell.wR_factor_R_work                 ? 
_refine_ls_shell.pdbx_R_complete                  ? 
_refine_ls_shell.pdbx_total_number_of_bins_used   ? 
_refine_ls_shell.pdbx_phase_error                 ? 
_refine_ls_shell.pdbx_fsc_work                    ? 
_refine_ls_shell.pdbx_fsc_free                    ? 
# 
_struct.entry_id                     6Z18 
_struct.title                        'Crystal structure of RNA-10mer: CCGG(N4,N4-dimethyl-C)GCCGG; R32 form' 
_struct.pdbx_model_details           ? 
_struct.pdbx_formula_weight          ? 
_struct.pdbx_formula_weight_method   ? 
_struct.pdbx_model_type_details      ? 
_struct.pdbx_CASP_flag               N 
# 
_struct_keywords.entry_id        6Z18 
_struct_keywords.text            'RNA DUPLEX 10MER, RNA, N4, N4-dimethylcytidine' 
_struct_keywords.pdbx_keywords   RNA 
# 
loop_
_struct_asym.id 
_struct_asym.pdbx_blank_PDB_chainid_flag 
_struct_asym.pdbx_modified 
_struct_asym.entity_id 
_struct_asym.details 
A N N 1 ? 
B N N 1 ? 
C N N 2 ? 
# 
_struct_ref.id                         1 
_struct_ref.db_name                    PDB 
_struct_ref.db_code                    6Z18 
_struct_ref.pdbx_db_accession          6Z18 
_struct_ref.pdbx_db_isoform            ? 
_struct_ref.entity_id                  1 
_struct_ref.pdbx_seq_one_letter_code   ? 
_struct_ref.pdbx_align_begin           1 
# 
loop_
_struct_ref_seq.align_id 
_struct_ref_seq.ref_id 
_struct_ref_seq.pdbx_PDB_id_code 
_struct_ref_seq.pdbx_strand_id 
_struct_ref_seq.seq_align_beg 
_struct_ref_seq.pdbx_seq_align_beg_ins_code 
_struct_ref_seq.seq_align_end 
_struct_ref_seq.pdbx_seq_align_end_ins_code 
_struct_ref_seq.pdbx_db_accession 
_struct_ref_seq.db_align_beg 
_struct_ref_seq.pdbx_db_align_beg_ins_code 
_struct_ref_seq.db_align_end 
_struct_ref_seq.pdbx_db_align_end_ins_code 
_struct_ref_seq.pdbx_auth_seq_align_beg 
_struct_ref_seq.pdbx_auth_seq_align_end 
1 1 6Z18 A 1 ? 10 ? 6Z18 1 ? 10 ? 1 10 
2 1 6Z18 B 1 ? 10 ? 6Z18 1 ? 10 ? 1 10 
# 
_pdbx_struct_assembly.id                   1 
_pdbx_struct_assembly.details              author_and_software_defined_assembly 
_pdbx_struct_assembly.method_details       PISA 
_pdbx_struct_assembly.oligomeric_details   dimeric 
_pdbx_struct_assembly.oligomeric_count     2 
# 
loop_
_pdbx_struct_assembly_prop.biol_id 
_pdbx_struct_assembly_prop.type 
_pdbx_struct_assembly_prop.value 
_pdbx_struct_assembly_prop.details 
1 'ABSA (A^2)' 1130 ? 
1 MORE         -3   ? 
1 'SSA (A^2)'  3840 ? 
# 
_pdbx_struct_assembly_gen.assembly_id       1 
_pdbx_struct_assembly_gen.oper_expression   1 
_pdbx_struct_assembly_gen.asym_id_list      A,B,C 
# 
_pdbx_struct_assembly_auth_evidence.id                     1 
_pdbx_struct_assembly_auth_evidence.assembly_id            1 
_pdbx_struct_assembly_auth_evidence.experimental_support   none 
_pdbx_struct_assembly_auth_evidence.details                ? 
# 
_pdbx_struct_oper_list.id                   1 
_pdbx_struct_oper_list.type                 'identity operation' 
_pdbx_struct_oper_list.name                 1_555 
_pdbx_struct_oper_list.symmetry_operation   x,y,z 
_pdbx_struct_oper_list.matrix[1][1]         1.0000000000 
_pdbx_struct_oper_list.matrix[1][2]         0.0000000000 
_pdbx_struct_oper_list.matrix[1][3]         0.0000000000 
_pdbx_struct_oper_list.vector[1]            0.0000000000 
_pdbx_struct_oper_list.matrix[2][1]         0.0000000000 
_pdbx_struct_oper_list.matrix[2][2]         1.0000000000 
_pdbx_struct_oper_list.matrix[2][3]         0.0000000000 
_pdbx_struct_oper_list.vector[2]            0.0000000000 
_pdbx_struct_oper_list.matrix[3][1]         0.0000000000 
_pdbx_struct_oper_list.matrix[3][2]         0.0000000000 
_pdbx_struct_oper_list.matrix[3][3]         1.0000000000 
_pdbx_struct_oper_list.vector[3]            0.0000000000 
# 
loop_
_struct_conn.id 
_struct_conn.conn_type_id 
_struct_conn.pdbx_leaving_atom_flag 
_struct_conn.pdbx_PDB_id 
_struct_conn.ptnr1_label_asym_id 
_struct_conn.ptnr1_label_comp_id 
_struct_conn.ptnr1_label_seq_id 
_struct_conn.ptnr1_label_atom_id 
_struct_conn.pdbx_ptnr1_label_alt_id 
_struct_conn.pdbx_ptnr1_PDB_ins_code 
_struct_conn.pdbx_ptnr1_standard_comp_id 
_struct_conn.ptnr1_symmetry 
_struct_conn.ptnr2_label_asym_id 
_struct_conn.ptnr2_label_comp_id 
_struct_conn.ptnr2_label_seq_id 
_struct_conn.ptnr2_label_atom_id 
_struct_conn.pdbx_ptnr2_label_alt_id 
_struct_conn.pdbx_ptnr2_PDB_ins_code 
_struct_conn.ptnr1_auth_asym_id 
_struct_conn.ptnr1_auth_comp_id 
_struct_conn.ptnr1_auth_seq_id 
_struct_conn.ptnr2_auth_asym_id 
_struct_conn.ptnr2_auth_comp_id 
_struct_conn.ptnr2_auth_seq_id 
_struct_conn.ptnr2_symmetry 
_struct_conn.pdbx_ptnr3_label_atom_id 
_struct_conn.pdbx_ptnr3_label_seq_id 
_struct_conn.pdbx_ptnr3_label_comp_id 
_struct_conn.pdbx_ptnr3_label_asym_id 
_struct_conn.pdbx_ptnr3_label_alt_id 
_struct_conn.pdbx_ptnr3_PDB_ins_code 
_struct_conn.details 
_struct_conn.pdbx_dist_value 
_struct_conn.pdbx_value_order 
_struct_conn.pdbx_role 
covale1  covale both ? A G   4  "O3'" ? ? ? 1_555 A LV2 5  P  ? ? A G   4  A LV2 5  1_555 ? ? ? ? ? ? ?               1.604 ? ? 
covale2  covale one  ? A LV2 5  "O3'" ? ? ? 1_555 A G   6  P  ? ? A LV2 5  A G   6  1_555 ? ? ? ? ? ? ?               1.606 ? ? 
covale3  covale both ? B G   4  "O3'" ? ? ? 1_555 B LV2 5  P  ? ? B G   4  B LV2 5  1_555 ? ? ? ? ? ? ?               1.613 ? ? 
covale4  covale one  ? B LV2 5  "O3'" ? ? ? 1_555 B G   6  P  ? ? B LV2 5  B G   6  1_555 ? ? ? ? ? ? ?               1.607 ? ? 
hydrog1  hydrog ?    ? A C   1  N3    ? ? ? 1_555 B G   10 N1 ? ? A C   1  B G   10 1_555 ? ? ? ? ? ? WATSON-CRICK    ?     ? ? 
hydrog2  hydrog ?    ? A C   1  N4    ? ? ? 1_555 B G   10 O6 ? ? A C   1  B G   10 1_555 ? ? ? ? ? ? WATSON-CRICK    ?     ? ? 
hydrog3  hydrog ?    ? A C   1  O2    ? ? ? 1_555 B G   10 N2 ? ? A C   1  B G   10 1_555 ? ? ? ? ? ? WATSON-CRICK    ?     ? ? 
hydrog4  hydrog ?    ? A C   2  N3    ? ? ? 1_555 B G   9  N1 ? ? A C   2  B G   9  1_555 ? ? ? ? ? ? WATSON-CRICK    ?     ? ? 
hydrog5  hydrog ?    ? A C   2  N4    ? ? ? 1_555 B G   9  O6 ? ? A C   2  B G   9  1_555 ? ? ? ? ? ? WATSON-CRICK    ?     ? ? 
hydrog6  hydrog ?    ? A C   2  O2    ? ? ? 1_555 B G   9  N2 ? ? A C   2  B G   9  1_555 ? ? ? ? ? ? WATSON-CRICK    ?     ? ? 
hydrog7  hydrog ?    ? A G   3  N1    ? ? ? 1_555 B C   8  N3 ? ? A G   3  B C   8  1_555 ? ? ? ? ? ? WATSON-CRICK    ?     ? ? 
hydrog8  hydrog ?    ? A G   3  N2    ? ? ? 1_555 B C   8  O2 ? ? A G   3  B C   8  1_555 ? ? ? ? ? ? WATSON-CRICK    ?     ? ? 
hydrog9  hydrog ?    ? A G   3  O6    ? ? ? 1_555 B C   8  N4 ? ? A G   3  B C   8  1_555 ? ? ? ? ? ? WATSON-CRICK    ?     ? ? 
hydrog10 hydrog ?    ? A G   4  N1    ? ? ? 1_555 B C   7  N3 ? ? A G   4  B C   7  1_555 ? ? ? ? ? ? WATSON-CRICK    ?     ? ? 
hydrog11 hydrog ?    ? A G   4  N2    ? ? ? 1_555 B C   7  O2 ? ? A G   4  B C   7  1_555 ? ? ? ? ? ? WATSON-CRICK    ?     ? ? 
hydrog12 hydrog ?    ? A G   4  O6    ? ? ? 1_555 B C   7  N4 ? ? A G   4  B C   7  1_555 ? ? ? ? ? ? WATSON-CRICK    ?     ? ? 
hydrog13 hydrog ?    ? A LV2 5  O2    ? ? ? 1_555 B G   6  N1 ? ? A LV2 5  B G   6  1_555 ? ? ? ? ? ? 'LV2-G MISPAIR' ?     ? ? 
hydrog14 hydrog ?    ? A G   6  N1    ? ? ? 1_555 B LV2 5  O2 ? ? A G   6  B LV2 5  1_555 ? ? ? ? ? ? 'G-LV2 MISPAIR' ?     ? ? 
hydrog15 hydrog ?    ? A C   7  N3    ? ? ? 1_555 B G   4  N1 ? ? A C   7  B G   4  1_555 ? ? ? ? ? ? WATSON-CRICK    ?     ? ? 
hydrog16 hydrog ?    ? A C   7  N4    ? ? ? 1_555 B G   4  O6 ? ? A C   7  B G   4  1_555 ? ? ? ? ? ? WATSON-CRICK    ?     ? ? 
hydrog17 hydrog ?    ? A C   7  O2    ? ? ? 1_555 B G   4  N2 ? ? A C   7  B G   4  1_555 ? ? ? ? ? ? WATSON-CRICK    ?     ? ? 
hydrog18 hydrog ?    ? A C   8  N3    ? ? ? 1_555 B G   3  N1 ? ? A C   8  B G   3  1_555 ? ? ? ? ? ? WATSON-CRICK    ?     ? ? 
hydrog19 hydrog ?    ? A C   8  N4    ? ? ? 1_555 B G   3  O6 ? ? A C   8  B G   3  1_555 ? ? ? ? ? ? WATSON-CRICK    ?     ? ? 
hydrog20 hydrog ?    ? A C   8  O2    ? ? ? 1_555 B G   3  N2 ? ? A C   8  B G   3  1_555 ? ? ? ? ? ? WATSON-CRICK    ?     ? ? 
hydrog21 hydrog ?    ? A G   9  N1    ? ? ? 1_555 B C   2  N3 ? ? A G   9  B C   2  1_555 ? ? ? ? ? ? WATSON-CRICK    ?     ? ? 
hydrog22 hydrog ?    ? A G   9  N2    ? ? ? 1_555 B C   2  O2 ? ? A G   9  B C   2  1_555 ? ? ? ? ? ? WATSON-CRICK    ?     ? ? 
hydrog23 hydrog ?    ? A G   9  O6    ? ? ? 1_555 B C   2  N4 ? ? A G   9  B C   2  1_555 ? ? ? ? ? ? WATSON-CRICK    ?     ? ? 
hydrog24 hydrog ?    ? A G   10 N1    ? ? ? 1_555 B C   1  N3 ? ? A G   10 B C   1  1_555 ? ? ? ? ? ? WATSON-CRICK    ?     ? ? 
hydrog25 hydrog ?    ? A G   10 N2    ? ? ? 1_555 B C   1  O2 ? ? A G   10 B C   1  1_555 ? ? ? ? ? ? WATSON-CRICK    ?     ? ? 
hydrog26 hydrog ?    ? A G   10 O6    ? ? ? 1_555 B C   1  N4 ? ? A G   10 B C   1  1_555 ? ? ? ? ? ? WATSON-CRICK    ?     ? ? 
# 
loop_
_struct_conn_type.id 
_struct_conn_type.criteria 
_struct_conn_type.reference 
covale ? ? 
hydrog ? ? 
# 
loop_
_space_group_symop.id 
_space_group_symop.operation_xyz 
1  x,y,z                  
2  -y,x-y,z               
3  -x+y,-x,z              
4  x-y,-y,-z              
5  -x,-x+y,-z             
6  y,x,-z                 
7  x+1/3,y+2/3,z+2/3      
8  -y+1/3,x-y+2/3,z+2/3   
9  -x+y+1/3,-x+2/3,z+2/3  
10 x-y+1/3,-y+2/3,-z+2/3  
11 -x+1/3,-x+y+2/3,-z+2/3 
12 y+1/3,x+2/3,-z+2/3     
13 x+2/3,y+1/3,z+1/3      
14 -y+2/3,x-y+1/3,z+1/3   
15 -x+y+2/3,-x+1/3,z+1/3  
16 x-y+2/3,-y+1/3,-z+1/3  
17 -x+2/3,-x+y+1/3,-z+1/3 
18 y+2/3,x+1/3,-z+1/3     
# 
loop_
_pdbx_refine_tls.id 
_pdbx_refine_tls.pdbx_refine_id 
_pdbx_refine_tls.details 
_pdbx_refine_tls.method 
_pdbx_refine_tls.origin_x 
_pdbx_refine_tls.origin_y 
_pdbx_refine_tls.origin_z 
_pdbx_refine_tls.T[1][1] 
_pdbx_refine_tls.T[1][1]_esd 
_pdbx_refine_tls.T[1][2] 
_pdbx_refine_tls.T[1][2]_esd 
_pdbx_refine_tls.T[1][3] 
_pdbx_refine_tls.T[1][3]_esd 
_pdbx_refine_tls.T[2][2] 
_pdbx_refine_tls.T[2][2]_esd 
_pdbx_refine_tls.T[2][3] 
_pdbx_refine_tls.T[2][3]_esd 
_pdbx_refine_tls.T[3][3] 
_pdbx_refine_tls.T[3][3]_esd 
_pdbx_refine_tls.L[1][1] 
_pdbx_refine_tls.L[1][1]_esd 
_pdbx_refine_tls.L[1][2] 
_pdbx_refine_tls.L[1][2]_esd 
_pdbx_refine_tls.L[1][3] 
_pdbx_refine_tls.L[1][3]_esd 
_pdbx_refine_tls.L[2][2] 
_pdbx_refine_tls.L[2][2]_esd 
_pdbx_refine_tls.L[2][3] 
_pdbx_refine_tls.L[2][3]_esd 
_pdbx_refine_tls.L[3][3] 
_pdbx_refine_tls.L[3][3]_esd 
_pdbx_refine_tls.S[1][1] 
_pdbx_refine_tls.S[1][1]_esd 
_pdbx_refine_tls.S[1][2] 
_pdbx_refine_tls.S[1][2]_esd 
_pdbx_refine_tls.S[1][3] 
_pdbx_refine_tls.S[1][3]_esd 
_pdbx_refine_tls.S[2][1] 
_pdbx_refine_tls.S[2][1]_esd 
_pdbx_refine_tls.S[2][2] 
_pdbx_refine_tls.S[2][2]_esd 
_pdbx_refine_tls.S[2][3] 
_pdbx_refine_tls.S[2][3]_esd 
_pdbx_refine_tls.S[3][1] 
_pdbx_refine_tls.S[3][1]_esd 
_pdbx_refine_tls.S[3][2] 
_pdbx_refine_tls.S[3][2]_esd 
_pdbx_refine_tls.S[3][3] 
_pdbx_refine_tls.S[3][3]_esd 
1 'X-RAY DIFFRACTION' ? refined -0.00053587646 -1.6113708925 1.6932516017 0.314205997107 ? 0.097516129430  ? 0.023518013580  ? 0.34345682610  ? 0.176034973280 ? 0.544772537790 ? 1.07956960629 ? 1.381150653431  ? -0.33976379046 ? 1.85484088072  ? -0.90873572180 ? 2.71880968927 ? 0.05075623962  ? -0.254596950494 ? -0.845095213365 ? 0.305967639662  ? 0.126754834276  ? -0.274869995225 ? 0.264279569299 ? 0.548650089902 ? 0.019255466568 ? 
2 'X-RAY DIFFRACTION' ? refined -0.03299989899 1.6575379012  -1.684398390 0.431556360788 ? -0.000874356911 ? -0.062635646768 ? 0.477644956851 ? 0.240706213597 ? 0.610747970293 ? 0.07276407989 ? -0.290216132380 ? -0.24570656249 ? 4.554488720914 ? 0.038423176002 ? 1.10664796552 ? 0.242857250296 ? -0.424151227805 ? -0.389080622821 ? -0.292423152555 ? -0.262434447452 ? -0.642366524859 ? 0.07332260391  ? 0.401306478723 ? 0.080576351340 ? 
# 
loop_
_pdbx_refine_tls_group.id 
_pdbx_refine_tls_group.pdbx_refine_id 
_pdbx_refine_tls_group.refine_tls_id 
_pdbx_refine_tls_group.beg_label_asym_id 
_pdbx_refine_tls_group.beg_label_seq_id 
_pdbx_refine_tls_group.beg_auth_asym_id 
_pdbx_refine_tls_group.beg_auth_seq_id 
_pdbx_refine_tls_group.beg_PDB_ins_code 
_pdbx_refine_tls_group.end_label_asym_id 
_pdbx_refine_tls_group.end_label_seq_id 
_pdbx_refine_tls_group.end_auth_asym_id 
_pdbx_refine_tls_group.end_auth_seq_id 
_pdbx_refine_tls_group.end_PDB_ins_code 
_pdbx_refine_tls_group.selection 
_pdbx_refine_tls_group.selection_details 
1 'X-RAY DIFFRACTION' 1 A ? A 1 ? B ? A 10 ? ? 
;chain 'A' and (resid 1 through 10 )
;
2 'X-RAY DIFFRACTION' 2 C ? B 1 ? C ? B 10 ? ? 
;chain 'B' and (resid 1 through 10 )
;
# 
_pdbx_entry_details.entry_id                 6Z18 
_pdbx_entry_details.has_ligand_of_interest   Y 
_pdbx_entry_details.compound_details         ? 
_pdbx_entry_details.source_details           ? 
_pdbx_entry_details.nonpolymer_details       ? 
_pdbx_entry_details.sequence_details         ? 
# 
loop_
_chem_comp_atom.comp_id 
_chem_comp_atom.atom_id 
_chem_comp_atom.type_symbol 
_chem_comp_atom.pdbx_aromatic_flag 
_chem_comp_atom.pdbx_stereo_config 
_chem_comp_atom.pdbx_ordinal 
C   OP3    O N N 1   
C   P      P N N 2   
C   OP1    O N N 3   
C   OP2    O N N 4   
C   "O5'"  O N N 5   
C   "C5'"  C N N 6   
C   "C4'"  C N R 7   
C   "O4'"  O N N 8   
C   "C3'"  C N S 9   
C   "O3'"  O N N 10  
C   "C2'"  C N R 11  
C   "O2'"  O N N 12  
C   "C1'"  C N R 13  
C   N1     N N N 14  
C   C2     C N N 15  
C   O2     O N N 16  
C   N3     N N N 17  
C   C4     C N N 18  
C   N4     N N N 19  
C   C5     C N N 20  
C   C6     C N N 21  
C   HOP3   H N N 22  
C   HOP2   H N N 23  
C   "H5'"  H N N 24  
C   "H5''" H N N 25  
C   "H4'"  H N N 26  
C   "H3'"  H N N 27  
C   "HO3'" H N N 28  
C   "H2'"  H N N 29  
C   "HO2'" H N N 30  
C   "H1'"  H N N 31  
C   H41    H N N 32  
C   H42    H N N 33  
C   H5     H N N 34  
C   H6     H N N 35  
G   OP3    O N N 36  
G   P      P N N 37  
G   OP1    O N N 38  
G   OP2    O N N 39  
G   "O5'"  O N N 40  
G   "C5'"  C N N 41  
G   "C4'"  C N R 42  
G   "O4'"  O N N 43  
G   "C3'"  C N S 44  
G   "O3'"  O N N 45  
G   "C2'"  C N R 46  
G   "O2'"  O N N 47  
G   "C1'"  C N R 48  
G   N9     N Y N 49  
G   C8     C Y N 50  
G   N7     N Y N 51  
G   C5     C Y N 52  
G   C6     C N N 53  
G   O6     O N N 54  
G   N1     N N N 55  
G   C2     C N N 56  
G   N2     N N N 57  
G   N3     N N N 58  
G   C4     C Y N 59  
G   HOP3   H N N 60  
G   HOP2   H N N 61  
G   "H5'"  H N N 62  
G   "H5''" H N N 63  
G   "H4'"  H N N 64  
G   "H3'"  H N N 65  
G   "HO3'" H N N 66  
G   "H2'"  H N N 67  
G   "HO2'" H N N 68  
G   "H1'"  H N N 69  
G   H8     H N N 70  
G   H1     H N N 71  
G   H21    H N N 72  
G   H22    H N N 73  
HOH O      O N N 74  
HOH H1     H N N 75  
HOH H2     H N N 76  
LV2 P      P N N 77  
LV2 OP1    O N N 78  
LV2 OP2    O N N 79  
LV2 "O5'"  O N N 80  
LV2 "C5'"  C N N 81  
LV2 "C4'"  C N R 82  
LV2 "O4'"  O N N 83  
LV2 "C3'"  C N S 84  
LV2 "C2'"  C N R 85  
LV2 "O2'"  O N N 86  
LV2 "C1'"  C N R 87  
LV2 N1     N N N 88  
LV2 C2     C N N 89  
LV2 O2     O N N 90  
LV2 N3     N N N 91  
LV2 C4     C N N 92  
LV2 N4     N N N 93  
LV2 C5     C N N 94  
LV2 C6     C N N 95  
LV2 CM4    C N N 96  
LV2 "O3'"  O N N 97  
LV2 C1     C N N 98  
LV2 H2     H N N 99  
LV2 H3     H N N 100 
LV2 H4     H N N 101 
LV2 H5     H N N 102 
LV2 H6     H N N 103 
LV2 H7     H N N 104 
LV2 H8     H N N 105 
LV2 H9     H N N 106 
LV2 H10    H N N 107 
LV2 H11    H N N 108 
LV2 H12    H N N 109 
LV2 H13    H N N 110 
LV2 H14    H N N 111 
LV2 H15    H N N 112 
LV2 H16    H N N 113 
LV2 H17    H N N 114 
LV2 H18    H N N 115 
LV2 OP3    O N N 116 
LV2 H1     H N N 117 
# 
loop_
_chem_comp_bond.comp_id 
_chem_comp_bond.atom_id_1 
_chem_comp_bond.atom_id_2 
_chem_comp_bond.value_order 
_chem_comp_bond.pdbx_aromatic_flag 
_chem_comp_bond.pdbx_stereo_config 
_chem_comp_bond.pdbx_ordinal 
C   OP3   P      sing N N 1   
C   OP3   HOP3   sing N N 2   
C   P     OP1    doub N N 3   
C   P     OP2    sing N N 4   
C   P     "O5'"  sing N N 5   
C   OP2   HOP2   sing N N 6   
C   "O5'" "C5'"  sing N N 7   
C   "C5'" "C4'"  sing N N 8   
C   "C5'" "H5'"  sing N N 9   
C   "C5'" "H5''" sing N N 10  
C   "C4'" "O4'"  sing N N 11  
C   "C4'" "C3'"  sing N N 12  
C   "C4'" "H4'"  sing N N 13  
C   "O4'" "C1'"  sing N N 14  
C   "C3'" "O3'"  sing N N 15  
C   "C3'" "C2'"  sing N N 16  
C   "C3'" "H3'"  sing N N 17  
C   "O3'" "HO3'" sing N N 18  
C   "C2'" "O2'"  sing N N 19  
C   "C2'" "C1'"  sing N N 20  
C   "C2'" "H2'"  sing N N 21  
C   "O2'" "HO2'" sing N N 22  
C   "C1'" N1     sing N N 23  
C   "C1'" "H1'"  sing N N 24  
C   N1    C2     sing N N 25  
C   N1    C6     sing N N 26  
C   C2    O2     doub N N 27  
C   C2    N3     sing N N 28  
C   N3    C4     doub N N 29  
C   C4    N4     sing N N 30  
C   C4    C5     sing N N 31  
C   N4    H41    sing N N 32  
C   N4    H42    sing N N 33  
C   C5    C6     doub N N 34  
C   C5    H5     sing N N 35  
C   C6    H6     sing N N 36  
G   OP3   P      sing N N 37  
G   OP3   HOP3   sing N N 38  
G   P     OP1    doub N N 39  
G   P     OP2    sing N N 40  
G   P     "O5'"  sing N N 41  
G   OP2   HOP2   sing N N 42  
G   "O5'" "C5'"  sing N N 43  
G   "C5'" "C4'"  sing N N 44  
G   "C5'" "H5'"  sing N N 45  
G   "C5'" "H5''" sing N N 46  
G   "C4'" "O4'"  sing N N 47  
G   "C4'" "C3'"  sing N N 48  
G   "C4'" "H4'"  sing N N 49  
G   "O4'" "C1'"  sing N N 50  
G   "C3'" "O3'"  sing N N 51  
G   "C3'" "C2'"  sing N N 52  
G   "C3'" "H3'"  sing N N 53  
G   "O3'" "HO3'" sing N N 54  
G   "C2'" "O2'"  sing N N 55  
G   "C2'" "C1'"  sing N N 56  
G   "C2'" "H2'"  sing N N 57  
G   "O2'" "HO2'" sing N N 58  
G   "C1'" N9     sing N N 59  
G   "C1'" "H1'"  sing N N 60  
G   N9    C8     sing Y N 61  
G   N9    C4     sing Y N 62  
G   C8    N7     doub Y N 63  
G   C8    H8     sing N N 64  
G   N7    C5     sing Y N 65  
G   C5    C6     sing N N 66  
G   C5    C4     doub Y N 67  
G   C6    O6     doub N N 68  
G   C6    N1     sing N N 69  
G   N1    C2     sing N N 70  
G   N1    H1     sing N N 71  
G   C2    N2     sing N N 72  
G   C2    N3     doub N N 73  
G   N2    H21    sing N N 74  
G   N2    H22    sing N N 75  
G   N3    C4     sing N N 76  
HOH O     H1     sing N N 77  
HOH O     H2     sing N N 78  
LV2 OP1   P      doub N N 79  
LV2 "C5'" "C4'"  sing N N 80  
LV2 "C5'" "O5'"  sing N N 81  
LV2 P     "O5'"  sing N N 82  
LV2 P     OP2    sing N N 83  
LV2 "O3'" "C3'"  sing N N 84  
LV2 "C4'" "C3'"  sing N N 85  
LV2 "C4'" "O4'"  sing N N 86  
LV2 "C3'" "C2'"  sing N N 87  
LV2 "O4'" "C1'"  sing N N 88  
LV2 "O2'" "C2'"  sing N N 89  
LV2 "C2'" "C1'"  sing N N 90  
LV2 "C1'" N1     sing N N 91  
LV2 C6    N1     sing N N 92  
LV2 C6    C5     doub N N 93  
LV2 N1    C2     sing N N 94  
LV2 C5    C4     sing N N 95  
LV2 C2    O2     doub N N 96  
LV2 C2    N3     sing N N 97  
LV2 C4    N3     doub N N 98  
LV2 C4    N4     sing N N 99  
LV2 C1    N4     sing N N 100 
LV2 N4    CM4    sing N N 101 
LV2 OP2   H2     sing N N 102 
LV2 "C5'" H3     sing N N 103 
LV2 "C5'" H4     sing N N 104 
LV2 "C4'" H5     sing N N 105 
LV2 "C3'" H6     sing N N 106 
LV2 "C2'" H7     sing N N 107 
LV2 "O2'" H8     sing N N 108 
LV2 "C1'" H9     sing N N 109 
LV2 C5    H10    sing N N 110 
LV2 C6    H11    sing N N 111 
LV2 CM4   H12    sing N N 112 
LV2 CM4   H13    sing N N 113 
LV2 CM4   H14    sing N N 114 
LV2 "O3'" H15    sing N N 115 
LV2 C1    H16    sing N N 116 
LV2 C1    H17    sing N N 117 
LV2 C1    H18    sing N N 118 
LV2 P     OP3    sing N N 119 
LV2 OP3   H1     sing N N 120 
# 
loop_
_ndb_struct_conf_na.entry_id 
_ndb_struct_conf_na.feature 
6Z18 'double helix'        
6Z18 'a-form double helix' 
# 
loop_
_ndb_struct_na_base_pair.model_number 
_ndb_struct_na_base_pair.i_label_asym_id 
_ndb_struct_na_base_pair.i_label_comp_id 
_ndb_struct_na_base_pair.i_label_seq_id 
_ndb_struct_na_base_pair.i_symmetry 
_ndb_struct_na_base_pair.j_label_asym_id 
_ndb_struct_na_base_pair.j_label_comp_id 
_ndb_struct_na_base_pair.j_label_seq_id 
_ndb_struct_na_base_pair.j_symmetry 
_ndb_struct_na_base_pair.shear 
_ndb_struct_na_base_pair.stretch 
_ndb_struct_na_base_pair.stagger 
_ndb_struct_na_base_pair.buckle 
_ndb_struct_na_base_pair.propeller 
_ndb_struct_na_base_pair.opening 
_ndb_struct_na_base_pair.pair_number 
_ndb_struct_na_base_pair.pair_name 
_ndb_struct_na_base_pair.i_auth_asym_id 
_ndb_struct_na_base_pair.i_auth_seq_id 
_ndb_struct_na_base_pair.i_PDB_ins_code 
_ndb_struct_na_base_pair.j_auth_asym_id 
_ndb_struct_na_base_pair.j_auth_seq_id 
_ndb_struct_na_base_pair.j_PDB_ins_code 
_ndb_struct_na_base_pair.hbond_type_28 
_ndb_struct_na_base_pair.hbond_type_12 
1 A C   1  1_555 B G   10 1_555 0.241  -0.061 0.159  2.867   -5.811  -0.176 1  A_C1:G10_B  A 1  ? B 10 ? 19 1 
1 A C   2  1_555 B G   9  1_555 0.068  0.003  0.244  2.867   -7.486  2.944  2  A_C2:G9_B   A 2  ? B 9  ? 19 1 
1 A G   3  1_555 B C   8  1_555 0.306  -0.203 -0.145 -4.372  -8.704  -2.542 3  A_G3:C8_B   A 3  ? B 8  ? 19 1 
1 A G   4  1_555 B C   7  1_555 -0.316 -0.020 -0.335 -11.436 -14.761 -0.158 4  A_G4:C7_B   A 4  ? B 7  ? 19 1 
1 A LV2 5  1_555 B G   6  1_555 2.905  -0.680 0.151  -5.868  -9.053  4.750  5  A_LV25:G6_B A 5  ? B 6  ? ?  1 
1 A G   6  1_555 B LV2 5  1_555 -2.690 -0.620 0.002  0.518   -9.281  2.823  6  A_G6:LV25_B A 6  ? B 5  ? ?  1 
1 A C   7  1_555 B G   4  1_555 0.649  -0.235 -0.248 5.456   -5.808  2.811  7  A_C7:G4_B   A 7  ? B 4  ? 19 1 
1 A C   8  1_555 B G   3  1_555 0.137  -0.276 -0.490 1.781   0.187   -0.139 8  A_C8:G3_B   A 8  ? B 3  ? 19 1 
1 A G   9  1_555 B C   2  1_555 -0.003 -0.108 0.148  -3.650  -9.383  4.523  9  A_G9:C2_B   A 9  ? B 2  ? 19 1 
1 A G   10 1_555 B C   1  1_555 -0.119 -0.451 0.237  2.378   -11.786 -0.804 10 A_G10:C1_B  A 10 ? B 1  ? 19 1 
# 
loop_
_ndb_struct_na_base_pair_step.model_number 
_ndb_struct_na_base_pair_step.i_label_asym_id_1 
_ndb_struct_na_base_pair_step.i_label_comp_id_1 
_ndb_struct_na_base_pair_step.i_label_seq_id_1 
_ndb_struct_na_base_pair_step.i_symmetry_1 
_ndb_struct_na_base_pair_step.j_label_asym_id_1 
_ndb_struct_na_base_pair_step.j_label_comp_id_1 
_ndb_struct_na_base_pair_step.j_label_seq_id_1 
_ndb_struct_na_base_pair_step.j_symmetry_1 
_ndb_struct_na_base_pair_step.i_label_asym_id_2 
_ndb_struct_na_base_pair_step.i_label_comp_id_2 
_ndb_struct_na_base_pair_step.i_label_seq_id_2 
_ndb_struct_na_base_pair_step.i_symmetry_2 
_ndb_struct_na_base_pair_step.j_label_asym_id_2 
_ndb_struct_na_base_pair_step.j_label_comp_id_2 
_ndb_struct_na_base_pair_step.j_label_seq_id_2 
_ndb_struct_na_base_pair_step.j_symmetry_2 
_ndb_struct_na_base_pair_step.shift 
_ndb_struct_na_base_pair_step.slide 
_ndb_struct_na_base_pair_step.rise 
_ndb_struct_na_base_pair_step.tilt 
_ndb_struct_na_base_pair_step.roll 
_ndb_struct_na_base_pair_step.twist 
_ndb_struct_na_base_pair_step.x_displacement 
_ndb_struct_na_base_pair_step.y_displacement 
_ndb_struct_na_base_pair_step.helical_rise 
_ndb_struct_na_base_pair_step.inclination 
_ndb_struct_na_base_pair_step.tip 
_ndb_struct_na_base_pair_step.helical_twist 
_ndb_struct_na_base_pair_step.step_number 
_ndb_struct_na_base_pair_step.step_name 
_ndb_struct_na_base_pair_step.i_auth_asym_id_1 
_ndb_struct_na_base_pair_step.i_auth_seq_id_1 
_ndb_struct_na_base_pair_step.i_PDB_ins_code_1 
_ndb_struct_na_base_pair_step.j_auth_asym_id_1 
_ndb_struct_na_base_pair_step.j_auth_seq_id_1 
_ndb_struct_na_base_pair_step.j_PDB_ins_code_1 
_ndb_struct_na_base_pair_step.i_auth_asym_id_2 
_ndb_struct_na_base_pair_step.i_auth_seq_id_2 
_ndb_struct_na_base_pair_step.i_PDB_ins_code_2 
_ndb_struct_na_base_pair_step.j_auth_asym_id_2 
_ndb_struct_na_base_pair_step.j_auth_seq_id_2 
_ndb_struct_na_base_pair_step.j_PDB_ins_code_2 
1 A C   1 1_555 B G   10 1_555 A C   2  1_555 B G   9 1_555 -0.153 -1.878 3.148 -2.724 5.373  33.997 -3.932  -0.131 2.831  9.100  
4.614  34.511 1 AA_C1C2:G9G10_BB    A 1 ? B 10 ? A 2  ? B 9 ? 
1 A C   2 1_555 B G   9  1_555 A G   3  1_555 B C   8 1_555 -0.209 -1.806 3.412 1.173  4.551  32.971 -3.914  0.562  3.133  7.969  
-2.053 33.295 2 AA_C2G3:C8G9_BB     A 2 ? B 9  ? A 3  ? B 8 ? 
1 A G   3 1_555 B C   8  1_555 A G   4  1_555 B C   7 1_555 -0.019 -1.878 3.469 0.556  10.232 29.888 -5.296  0.136  2.694  19.143 
-1.041 31.558 3 AA_G3G4:C7C8_BB     A 3 ? B 8  ? A 4  ? B 7 ? 
1 A G   4 1_555 B C   7  1_555 A LV2 5  1_555 B G   6 1_555 0.216  -1.204 3.150 -1.403 7.627  42.647 -2.324  -0.420 2.895  10.384 
1.911  43.314 4 AA_G4LV25:G6C7_BB   A 4 ? B 7  ? A 5  ? B 6 ? 
1 A LV2 5 1_555 B G   6  1_555 A G   6  1_555 B LV2 5 1_555 0.582  -2.812 2.860 1.708  9.387  7.756  -18.819 -1.687 -0.257 50.155 
-9.126 12.291 5 AA_LV25G6:LV25G6_BB A 5 ? B 6  ? A 6  ? B 5 ? 
1 A G   6 1_555 B LV2 5  1_555 A C   7  1_555 B G   4 1_555 -0.270 -1.599 3.154 0.489  3.443  43.283 -2.477  0.410  3.021  4.658  
-0.661 43.415 6 AA_G6C7:G4LV25_BB   A 6 ? B 5  ? A 7  ? B 4 ? 
1 A C   7 1_555 B G   4  1_555 A C   8  1_555 B G   3 1_555 -0.139 -2.304 3.451 2.232  4.447  29.302 -5.428  0.740  3.057  8.712  
-4.372 29.712 7 AA_C7C8:G3G4_BB     A 7 ? B 4  ? A 8  ? B 3 ? 
1 A C   8 1_555 B G   3  1_555 A G   9  1_555 B C   2 1_555 -0.390 -1.937 3.425 -4.124 6.878  24.686 -6.175  -0.247 2.818  15.571 
9.337  25.937 8 AA_C8G9:C2G3_BB     A 8 ? B 3  ? A 9  ? B 2 ? 
1 A G   9 1_555 B C   2  1_555 A G   10 1_555 B C   1 1_555 -0.286 -1.196 2.986 -2.055 4.609  31.290 -2.947  0.187  2.798  8.477  
3.779  31.684 9 AA_G9G10:C1C2_BB    A 9 ? B 2  ? A 10 ? B 1 ? 
# 
loop_
_pdbx_audit_support.funding_organization 
_pdbx_audit_support.country 
_pdbx_audit_support.grant_number 
_pdbx_audit_support.ordinal 
'National Science Foundation (NSF, United States)'                  'United States' CHE-1845486                   1 
'National Science Foundation (NSF, United States)'                  'United States' MCB-1715234                   2 
'National Institutes of Health/National Cancer Institute (NIH/NCI)' 'United States' 'Intramural Research Program' 3 
# 
_pdbx_entity_instance_feature.ordinal        1 
_pdbx_entity_instance_feature.comp_id        LV2 
_pdbx_entity_instance_feature.asym_id        ? 
_pdbx_entity_instance_feature.seq_num        ? 
_pdbx_entity_instance_feature.auth_comp_id   LV2 
_pdbx_entity_instance_feature.auth_asym_id   ? 
_pdbx_entity_instance_feature.auth_seq_num   ? 
_pdbx_entity_instance_feature.feature_type   'SUBJECT OF INVESTIGATION' 
_pdbx_entity_instance_feature.details        ? 
# 
_pdbx_initial_refinement_model.accession_code   ? 
_pdbx_initial_refinement_model.id               1 
_pdbx_initial_refinement_model.entity_id_list   ? 
_pdbx_initial_refinement_model.type             other 
_pdbx_initial_refinement_model.source_name      ? 
_pdbx_initial_refinement_model.details          'CCGGCGCCGG dimer' 
# 
_space_group.name_H-M_alt     'R 3 2 :H' 
_space_group.name_Hall        
;R 3 2"
;
_space_group.IT_number        155 
_space_group.crystal_system   trigonal 
_space_group.id               1 
# 
_atom_sites.entry_id                    6Z18 
_atom_sites.Cartn_transf_matrix[1][1]   ? 
_atom_sites.Cartn_transf_matrix[1][2]   ? 
_atom_sites.Cartn_transf_matrix[1][3]   ? 
_atom_sites.Cartn_transf_matrix[2][1]   ? 
_atom_sites.Cartn_transf_matrix[2][2]   ? 
_atom_sites.Cartn_transf_matrix[2][3]   ? 
_atom_sites.Cartn_transf_matrix[3][1]   ? 
_atom_sites.Cartn_transf_matrix[3][2]   ? 
_atom_sites.Cartn_transf_matrix[3][3]   ? 
_atom_sites.Cartn_transf_vector[1]      ? 
_atom_sites.Cartn_transf_vector[2]      ? 
_atom_sites.Cartn_transf_vector[3]      ? 
_atom_sites.fract_transf_matrix[1][1]   -0.01875617 
_atom_sites.fract_transf_matrix[1][2]   0.00465211 
_atom_sites.fract_transf_matrix[1][3]   0.01904175 
_atom_sites.fract_transf_matrix[2][1]   -0.02600129 
_atom_sites.fract_transf_matrix[2][2]   -0.00607728 
_atom_sites.fract_transf_matrix[2][3]   -0.00479966 
_atom_sites.fract_transf_matrix[3][1]   0.00088306 
_atom_sites.fract_transf_matrix[3][2]   -0.00553262 
_atom_sites.fract_transf_matrix[3][3]   0.00222150 
_atom_sites.fract_transf_vector[1]      0.071570 
_atom_sites.fract_transf_vector[2]      0.371288 
_atom_sites.fract_transf_vector[3]      0.079902 
_atom_sites.solution_primary            ? 
_atom_sites.solution_secondary          ? 
_atom_sites.solution_hydrogens          ? 
_atom_sites.special_details             ? 
# 
loop_
_atom_type.symbol 
_atom_type.scat_dispersion_real 
_atom_type.scat_dispersion_imag 
_atom_type.scat_Cromer_Mann_a1 
_atom_type.scat_Cromer_Mann_a2 
_atom_type.scat_Cromer_Mann_a3 
_atom_type.scat_Cromer_Mann_a4 
_atom_type.scat_Cromer_Mann_b1 
_atom_type.scat_Cromer_Mann_b2 
_atom_type.scat_Cromer_Mann_b3 
_atom_type.scat_Cromer_Mann_b4 
_atom_type.scat_Cromer_Mann_c 
_atom_type.scat_source 
_atom_type.scat_dispersion_source 
C ? ? 3.54356 2.42580 ? ? 25.62398 1.50364  ? ? 0.0 
;2-Gaussian fit: Grosse-Kunstleve RW, Sauter NK, Adams PD: Newsletter of the IUCr Commission on Crystallographic Computing 2004, 3, 22-31.
;
? 
N ? ? 4.01032 2.96436 ? ? 19.97189 1.75589  ? ? 0.0 
;2-Gaussian fit: Grosse-Kunstleve RW, Sauter NK, Adams PD: Newsletter of the IUCr Commission on Crystallographic Computing 2004, 3, 22-31.
;
? 
O ? ? 4.49882 3.47563 ? ? 15.80542 1.70748  ? ? 0.0 
;2-Gaussian fit: Grosse-Kunstleve RW, Sauter NK, Adams PD: Newsletter of the IUCr Commission on Crystallographic Computing 2004, 3, 22-31.
;
? 
P ? ? 9.51135 5.44231 ? ? 1.42069  35.72801 ? ? 0.0 
;2-Gaussian fit: Grosse-Kunstleve RW, Sauter NK, Adams PD: Newsletter of the IUCr Commission on Crystallographic Computing 2004, 3, 22-31.
;
? 
# 
loop_
_atom_site.group_PDB 
_atom_site.id 
_atom_site.type_symbol 
_atom_site.label_atom_id 
_atom_site.label_alt_id 
_atom_site.label_comp_id 
_atom_site.label_asym_id 
_atom_site.label_entity_id 
_atom_site.label_seq_id 
_atom_site.pdbx_PDB_ins_code 
_atom_site.Cartn_x 
_atom_site.Cartn_y 
_atom_site.Cartn_z 
_atom_site.occupancy 
_atom_site.B_iso_or_equiv 
_atom_site.pdbx_formal_charge 
_atom_site.auth_seq_id 
_atom_site.auth_comp_id 
_atom_site.auth_asym_id 
_atom_site.auth_atom_id 
_atom_site.pdbx_PDB_model_num 
ATOM   1   O "O5'" . C   A 1 1  ? 7.19972   7.50171   -5.59972  1.000 31.95072 ? 1   C   A "O5'" 1 
ATOM   2   C "C5'" . C   A 1 1  ? 8.59538   7.67777   -5.35611  1.000 32.29576 ? 1   C   A "C5'" 1 
ATOM   3   C "C4'" . C   A 1 1  ? 8.84326   8.81374   -4.39006  1.000 35.41628 ? 1   C   A "C4'" 1 
ATOM   4   O "O4'" . C   A 1 1  ? 8.16420   10.00878  -4.87652  1.000 36.32312 ? 1   C   A "O4'" 1 
ATOM   5   C "C3'" . C   A 1 1  ? 8.29272   8.61095   -2.98244  1.000 34.00615 ? 1   C   A "C3'" 1 
ATOM   6   O "O3'" . C   A 1 1  ? 9.17063   7.87593   -2.14281  1.000 30.46312 ? 1   C   A "O3'" 1 
ATOM   7   C "C2'" . C   A 1 1  ? 8.03691   10.03555  -2.50264  1.000 34.86348 ? 1   C   A "C2'" 1 
ATOM   8   O "O2'" . C   A 1 1  ? 9.23290   10.64032  -2.04189  1.000 34.37128 ? 1   C   A "O2'" 1 
ATOM   9   C "C1'" . C   A 1 1  ? 7.61420   10.73345  -3.79826  1.000 35.82202 ? 1   C   A "C1'" 1 
ATOM   10  N N1    . C   A 1 1  ? 6.13948   10.79359  -3.96851  1.000 33.32353 ? 1   C   A N1    1 
ATOM   11  C C2    . C   A 1 1  ? 5.35385   11.56733  -3.09928  1.000 31.91712 ? 1   C   A C2    1 
ATOM   12  O O2    . C   A 1 1  ? 5.91370   12.18471  -2.19068  1.000 32.57367 ? 1   C   A O2    1 
ATOM   13  N N3    . C   A 1 1  ? 4.00768   11.63193  -3.25044  1.000 32.38727 ? 1   C   A N3    1 
ATOM   14  C C4    . C   A 1 1  ? 3.42403   10.95036  -4.24089  1.000 31.11481 ? 1   C   A C4    1 
ATOM   15  N N4    . C   A 1 1  ? 2.09932   11.01984  -4.38601  1.000 27.99391 ? 1   C   A N4    1 
ATOM   16  C C5    . C   A 1 1  ? 4.19635   10.15949  -5.13289  1.000 32.45891 ? 1   C   A C5    1 
ATOM   17  C C6    . C   A 1 1  ? 5.53569   10.10907  -4.97598  1.000 32.69050 ? 1   C   A C6    1 
ATOM   18  P P     . C   A 1 2  ? 8.57944   6.89747   -1.00567  1.000 37.05644 ? 2   C   A P     1 
ATOM   19  O OP1   . C   A 1 2  ? 9.72288   6.17110   -0.37821  1.000 33.94046 ? 2   C   A OP1   1 
ATOM   20  O OP2   . C   A 1 2  ? 7.34938   6.21254   -1.49055  1.000 31.15969 ? 2   C   A OP2   1 
ATOM   21  O "O5'" . C   A 1 2  ? 8.01845   7.87354   0.10909   1.000 37.52884 ? 2   C   A "O5'" 1 
ATOM   22  C "C5'" . C   A 1 2  ? 8.89903   8.56324   0.97744   1.000 32.78745 ? 2   C   A "C5'" 1 
ATOM   23  C "C4'" . C   A 1 2  ? 8.11641   9.44650   1.90916   1.000 32.34711 ? 2   C   A "C4'" 1 
ATOM   24  O "O4'" . C   A 1 2  ? 7.35439   10.42011  1.14730   1.000 32.04772 ? 2   C   A "O4'" 1 
ATOM   25  C "C3'" . C   A 1 2  ? 7.06483   8.74140   2.73347   1.000 32.58034 ? 2   C   A "C3'" 1 
ATOM   26  O "O3'" . C   A 1 2  ? 7.59633   8.08832   3.85854   1.000 34.15346 ? 2   C   A "O3'" 1 
ATOM   27  C "C2'" . C   A 1 2  ? 6.12662   9.87014   3.09805   1.000 33.07489 ? 2   C   A "C2'" 1 
ATOM   28  O "O2'" . C   A 1 2  ? 6.70440   10.63305  4.14095   1.000 31.78714 ? 2   C   A "O2'" 1 
ATOM   29  C "C1'" . C   A 1 2  ? 6.13717   10.69087  1.80901   1.000 32.65407 ? 2   C   A "C1'" 1 
ATOM   30  N N1    . C   A 1 2  ? 5.03039   10.30959  0.90421   1.000 33.67661 ? 2   C   A N1    1 
ATOM   31  C C2    . C   A 1 2  ? 3.73676   10.72396  1.19992   1.000 32.59270 ? 2   C   A C2    1 
ATOM   32  O O2    . C   A 1 2  ? 3.56231   11.39922  2.21124   1.000 33.15798 ? 2   C   A O2    1 
ATOM   33  N N3    . C   A 1 2  ? 2.71064   10.38452  0.38974   1.000 32.95174 ? 2   C   A N3    1 
ATOM   34  C C4    . C   A 1 2  ? 2.94134   9.65542   -0.68955  1.000 30.79989 ? 2   C   A C4    1 
ATOM   35  N N4    . C   A 1 2  ? 1.90434   9.35147   -1.46034  1.000 30.36034 ? 2   C   A N4    1 
ATOM   36  C C5    . C   A 1 2  ? 4.25246   9.22070   -1.02744  1.000 33.61234 ? 2   C   A C5    1 
ATOM   37  C C6    . C   A 1 2  ? 5.26398   9.56448   -0.21637  1.000 33.93404 ? 2   C   A C6    1 
ATOM   38  P P     . G   A 1 3  ? 6.86267   6.77656   4.39707   1.000 33.98161 ? 3   G   A P     1 
ATOM   39  O OP1   . G   A 1 3  ? 7.74668   6.17554   5.44911   1.000 35.13399 ? 3   G   A OP1   1 
ATOM   40  O OP2   . G   A 1 3  ? 6.38731   6.04749   3.18126   1.000 32.41821 ? 3   G   A OP2   1 
ATOM   41  O "O5'" . G   A 1 3  ? 5.52410   7.32079   5.08021   1.000 36.62295 ? 3   G   A "O5'" 1 
ATOM   42  C "C5'" . G   A 1 3  ? 5.58959   8.13227   6.24239   1.000 36.68398 ? 3   G   A "C5'" 1 
ATOM   43  C "C4'" . G   A 1 3  ? 4.25830   8.75073   6.58735   1.000 38.63322 ? 3   G   A "C4'" 1 
ATOM   44  O "O4'" . G   A 1 3  ? 3.78489   9.57674   5.48994   1.000 42.49352 ? 3   G   A "O4'" 1 
ATOM   45  C "C3'" . G   A 1 3  ? 3.10500   7.79600   6.82772   1.000 39.25926 ? 3   G   A "C3'" 1 
ATOM   46  O "O3'" . G   A 1 3  ? 3.14441   7.18789   8.09470   1.000 40.42145 ? 3   G   A "O3'" 1 
ATOM   47  C "C2'" . G   A 1 3  ? 1.90334   8.70163   6.63161   1.000 40.68022 ? 3   G   A "C2'" 1 
ATOM   48  O "O2'" . G   A 1 3  ? 1.77175   9.57701   7.74727   1.000 39.84082 ? 3   G   A "O2'" 1 
ATOM   49  C "C1'" . G   A 1 3  ? 2.36960   9.52315   5.43223   1.000 38.89590 ? 3   G   A "C1'" 1 
ATOM   50  N N9    . G   A 1 3  ? 1.97017   8.89514   4.15414   1.000 36.12785 ? 3   G   A N9    1 
ATOM   51  C C8    . G   A 1 3  ? 2.75937   8.25799   3.22955   1.000 33.54012 ? 3   G   A C8    1 
ATOM   52  N N7    . G   A 1 3  ? 2.08614   7.80446   2.19884   1.000 35.58153 ? 3   G   A N7    1 
ATOM   53  C C5    . G   A 1 3  ? 0.76326   8.16480   2.45739   1.000 37.67598 ? 3   G   A C5    1 
ATOM   54  C C6    . G   A 1 3  ? -0.43759  7.94951   1.71689   1.000 36.87143 ? 3   G   A C6    1 
ATOM   55  O O6    . G   A 1 3  ? -0.58821  7.37852   0.63104   1.000 38.28949 ? 3   G   A O6    1 
ATOM   56  N N1    . G   A 1 3  ? -1.54787  8.48264   2.36413   1.000 38.12645 ? 3   G   A N1    1 
ATOM   57  C C2    . G   A 1 3  ? -1.51564  9.13614   3.57438   1.000 37.28697 ? 3   G   A C2    1 
ATOM   58  N N2    . G   A 1 3  ? -2.67749  9.58577   4.05954   1.000 37.34348 ? 3   G   A N2    1 
ATOM   59  N N3    . G   A 1 3  ? -0.41948  9.33950   4.27778   1.000 39.49135 ? 3   G   A N3    1 
ATOM   60  C C4    . G   A 1 3  ? 0.68141   8.83748   3.66280   1.000 39.97905 ? 3   G   A C4    1 
ATOM   61  P P     . G   A 1 4  ? 2.66578   5.67267   8.23667   1.000 40.82808 ? 4   G   A P     1 
ATOM   62  O OP1   . G   A 1 4  ? 3.25580   5.13700   9.49889   1.000 35.79783 ? 4   G   A OP1   1 
ATOM   63  O OP2   . G   A 1 4  ? 2.89395   5.02474   6.91733   1.000 39.34726 ? 4   G   A OP2   1 
ATOM   64  O "O5'" . G   A 1 4  ? 1.08488   5.79989   8.38996   1.000 43.23093 ? 4   G   A "O5'" 1 
ATOM   65  C "C5'" . G   A 1 4  ? 0.51220   6.74468   9.28015   1.000 37.93049 ? 4   G   A "C5'" 1 
ATOM   66  C "C4'" . G   A 1 4  ? -0.97146  6.88164   9.04938   1.000 41.61002 ? 4   G   A "C4'" 1 
ATOM   67  O "O4'" . G   A 1 4  ? -1.21810  7.60021   7.80706   1.000 46.11475 ? 4   G   A "O4'" 1 
ATOM   68  C "C3'" . G   A 1 4  ? -1.74225  5.58084   8.86981   1.000 38.65611 ? 4   G   A "C3'" 1 
ATOM   69  O "O3'" . G   A 1 4  ? -2.04424  4.92879   10.07438  1.000 42.32858 ? 4   G   A "O3'" 1 
ATOM   70  C "C2'" . G   A 1 4  ? -2.98104  6.03251   8.10851   1.000 44.42939 ? 4   G   A "C2'" 1 
ATOM   71  O "O2'" . G   A 1 4  ? -3.91163  6.67251   8.97737   1.000 43.90124 ? 4   G   A "O2'" 1 
ATOM   72  C "C1'" . G   A 1 4  ? -2.37667  7.07271   7.17057   1.000 43.99955 ? 4   G   A "C1'" 1 
ATOM   73  N N9    . G   A 1 4  ? -1.97641  6.45495   5.89377   1.000 39.02253 ? 4   G   A N9    1 
ATOM   74  C C8    . G   A 1 4  ? -0.70759  6.13250   5.47140   1.000 38.24446 ? 4   G   A C8    1 
ATOM   75  N N7    . G   A 1 4  ? -0.69864  5.59292   4.28630   1.000 40.06795 ? 4   G   A N7    1 
ATOM   76  C C5    . G   A 1 4  ? -2.03748  5.55675   3.90638   1.000 39.95947 ? 4   G   A C5    1 
ATOM   77  C C6    . G   A 1 4  ? -2.65983  5.09575   2.71885   1.000 36.34325 ? 4   G   A C6    1 
ATOM   78  O O6    . G   A 1 4  ? -2.14566  4.59790   1.73125   1.000 37.88663 ? 4   G   A O6    1 
ATOM   79  N N1    . G   A 1 4  ? -4.02933  5.24364   2.74555   1.000 36.73591 ? 4   G   A N1    1 
ATOM   80  C C2    . G   A 1 4  ? -4.73636  5.77905   3.79635   1.000 39.32450 ? 4   G   A C2    1 
ATOM   81  N N2    . G   A 1 4  ? -6.07245  5.83436   3.65886   1.000 38.04881 ? 4   G   A N2    1 
ATOM   82  N N3    . G   A 1 4  ? -4.17610  6.22504   4.91301   1.000 40.84511 ? 4   G   A N3    1 
ATOM   83  C C4    . G   A 1 4  ? -2.83411  6.07804   4.89777   1.000 40.13718 ? 4   G   A C4    1 
HETATM 84  P P     . LV2 A 1 5  ? -1.96441  3.32858   10.14125  1.000 46.84970 ? 5   LV2 A P     1 
HETATM 85  O OP1   . LV2 A 1 5  ? -2.03745  2.94690   11.60114  1.000 49.38798 ? 5   LV2 A OP1   1 
HETATM 86  O OP2   . LV2 A 1 5  ? -0.77155  2.89792   9.31324   1.000 41.10248 ? 5   LV2 A OP2   1 
HETATM 87  O "O5'" . LV2 A 1 5  ? -3.24822  2.82609   9.33743   1.000 43.49078 ? 5   LV2 A "O5'" 1 
HETATM 88  C "C5'" . LV2 A 1 5  ? -4.54804  3.33996   9.57372   1.000 39.25781 ? 5   LV2 A "C5'" 1 
HETATM 89  C "C4'" . LV2 A 1 5  ? -5.50400  2.84946   8.51357   1.000 41.40865 ? 5   LV2 A "C4'" 1 
HETATM 90  O "O4'" . LV2 A 1 5  ? -5.27830  3.58083   7.27670   1.000 43.40536 ? 5   LV2 A "O4'" 1 
HETATM 91  C "C3'" . LV2 A 1 5  ? -5.34378  1.39349   8.10460   1.000 39.55176 ? 5   LV2 A "C3'" 1 
HETATM 92  C "C2'" . LV2 A 1 5  ? -5.94265  1.36739   6.70288   1.000 42.27229 ? 5   LV2 A "C2'" 1 
HETATM 93  O "O2'" . LV2 A 1 5  ? -7.36334  1.32721   6.72569   1.000 40.41445 ? 5   LV2 A "O2'" 1 
HETATM 94  C "C1'" . LV2 A 1 5  ? -5.47448  2.72229   6.16267   1.000 43.00570 ? 5   LV2 A "C1'" 1 
HETATM 95  N N1    . LV2 A 1 5  ? -4.19177  2.55810   5.44038   1.000 40.04355 ? 5   LV2 A N1    1 
HETATM 96  C C2    . LV2 A 1 5  ? -4.21458  2.13549   4.09040   1.000 42.27160 ? 5   LV2 A C2    1 
HETATM 97  O O2    . LV2 A 1 5  ? -5.31577  1.95638   3.52449   1.000 43.67128 ? 5   LV2 A O2    1 
HETATM 98  N N3    . LV2 A 1 5  ? -3.06132  1.93875   3.40323   1.000 42.82015 ? 5   LV2 A N3    1 
HETATM 99  C C4    . LV2 A 1 5  ? -1.87542  2.11532   4.02224   1.000 39.35742 ? 5   LV2 A C4    1 
HETATM 100 N N4    . LV2 A 1 5  ? -0.67996  1.90581   3.34101   1.000 37.64870 ? 5   LV2 A N4    1 
HETATM 101 C C5    . LV2 A 1 5  ? -1.84064  2.51510   5.34747   1.000 40.40943 ? 5   LV2 A C5    1 
HETATM 102 C C6    . LV2 A 1 5  ? -3.01754  2.72150   6.05393   1.000 40.71226 ? 5   LV2 A C6    1 
HETATM 103 C CM4   . LV2 A 1 5  ? 0.55166   1.80577   4.09925   1.000 43.49895 ? 5   LV2 A CM4   1 
HETATM 104 O "O3'" . LV2 A 1 5  ? -5.93041  0.48446   9.00174   1.000 40.68812 ? 5   LV2 A "O3'" 1 
HETATM 105 C C1    . LV2 A 1 5  ? -0.64235  1.78222   1.89519   1.000 41.36072 ? 5   LV2 A C1    1 
ATOM   106 P P     . G   A 1 6  ? -5.61685  -1.08405  8.86186   1.000 42.65385 ? 6   G   A P     1 
ATOM   107 O OP1   . G   A 1 6  ? -5.86681  -1.70501  10.17824  1.000 43.17805 ? 6   G   A OP1   1 
ATOM   108 O OP2   . G   A 1 6  ? -4.33656  -1.35857  8.14575   1.000 43.44543 ? 6   G   A OP2   1 
ATOM   109 O "O5'" . G   A 1 6  ? -6.75529  -1.57271  7.87254   1.000 42.99743 ? 6   G   A "O5'" 1 
ATOM   110 C "C5'" . G   A 1 6  ? -6.59499  -2.76814  7.13468   1.000 40.57393 ? 6   G   A "C5'" 1 
ATOM   111 C "C4'" . G   A 1 6  ? -7.46678  -2.76776  5.90800   1.000 40.87834 ? 6   G   A "C4'" 1 
ATOM   112 O "O4'" . G   A 1 6  ? -7.20643  -1.59329  5.09063   1.000 44.99035 ? 6   G   A "O4'" 1 
ATOM   113 C "C3'" . G   A 1 6  ? -7.22939  -3.91681  4.95930   1.000 39.33742 ? 6   G   A "C3'" 1 
ATOM   114 O "O3'" . G   A 1 6  ? -7.82543  -5.10784  5.39927   1.000 39.50385 ? 6   G   A "O3'" 1 
ATOM   115 C "C2'" . G   A 1 6  ? -7.78582  -3.37999  3.65999   1.000 36.64660 ? 6   G   A "C2'" 1 
ATOM   116 O "O2'" . G   A 1 6  ? -9.19984  -3.34716  3.71139   1.000 38.62483 ? 6   G   A "O2'" 1 
ATOM   117 C "C1'" . G   A 1 6  ? -7.28804  -1.94362  3.72386   1.000 41.40399 ? 6   G   A "C1'" 1 
ATOM   118 N N9    . G   A 1 6  ? -5.94203  -1.83699  3.14531   1.000 40.62418 ? 6   G   A N9    1 
ATOM   119 C C8    . G   A 1 6  ? -4.77574  -1.50269  3.78496   1.000 41.67594 ? 6   G   A C8    1 
ATOM   120 N N7    . G   A 1 6  ? -3.75093  -1.49781  2.97266   1.000 46.22954 ? 6   G   A N7    1 
ATOM   121 C C5    . G   A 1 6  ? -4.27986  -1.86203  1.73075   1.000 46.68616 ? 6   G   A C5    1 
ATOM   122 C C6    . G   A 1 6  ? -3.66228  -2.03672  0.45735   1.000 44.88471 ? 6   G   A C6    1 
ATOM   123 O O6    . G   A 1 6  ? -2.47503  -1.90491  0.15776   1.000 46.45237 ? 6   G   A O6    1 
ATOM   124 N N1    . G   A 1 6  ? -4.56696  -2.40643  -0.52228  1.000 43.17880 ? 6   G   A N1    1 
ATOM   125 C C2    . G   A 1 6  ? -5.91516  -2.58808  -0.31358  1.000 47.05298 ? 6   G   A C2    1 
ATOM   126 N N2    . G   A 1 6  ? -6.65472  -2.94665  -1.37927  1.000 45.82943 ? 6   G   A N2    1 
ATOM   127 N N3    . G   A 1 6  ? -6.50750  -2.43837  0.86171   1.000 47.40633 ? 6   G   A N3    1 
ATOM   128 C C4    . G   A 1 6  ? -5.63417  -2.07871  1.83126   1.000 45.07875 ? 6   G   A C4    1 
ATOM   129 P P     . C   A 1 7  ? -6.93457  -6.42258  5.51808   1.000 42.73509 ? 7   C   A P     1 
ATOM   130 O OP1   . C   A 1 7  ? -7.69713  -7.37624  6.35440   1.000 44.18622 ? 7   C   A OP1   1 
ATOM   131 O OP2   . C   A 1 7  ? -5.52741  -6.10034  5.83389   1.000 37.36413 ? 7   C   A OP2   1 
ATOM   132 O "O5'" . C   A 1 7  ? -6.87401  -6.95914  4.02670   1.000 43.11162 ? 7   C   A "O5'" 1 
ATOM   133 C "C5'" . C   A 1 7  ? -8.05958  -7.18134  3.29549   1.000 38.81307 ? 7   C   A "C5'" 1 
ATOM   134 C "C4'" . C   A 1 7  ? -7.74647  -7.38208  1.83742   1.000 40.70602 ? 7   C   A "C4'" 1 
ATOM   135 O "O4'" . C   A 1 7  ? -7.28033  -6.14053  1.26075   1.000 42.09792 ? 7   C   A "O4'" 1 
ATOM   136 C "C3'" . C   A 1 7  ? -6.63573  -8.35468  1.50962   1.000 38.96816 ? 7   C   A "C3'" 1 
ATOM   137 O "O3'" . C   A 1 7  ? -7.02834  -9.70469  1.59187   1.000 43.54464 ? 7   C   A "O3'" 1 
ATOM   138 C "C2'" . C   A 1 7  ? -6.24822  -7.92396  0.10738   1.000 41.18248 ? 7   C   A "C2'" 1 
ATOM   139 O "O2'" . C   A 1 7  ? -7.21163  -8.35194  -0.83724  1.000 43.09924 ? 7   C   A "O2'" 1 
ATOM   140 C "C1'" . C   A 1 7  ? -6.35140  -6.41156  0.23641   1.000 40.77829 ? 7   C   A "C1'" 1 
ATOM   141 N N1    . C   A 1 7  ? -5.05631  -5.86525  0.64726   1.000 42.53824 ? 7   C   A N1    1 
ATOM   142 C C2    . C   A 1 7  ? -4.11289  -5.75826  -0.33867  1.000 46.74004 ? 7   C   A C2    1 
ATOM   143 O O2    . C   A 1 7  ? -4.45765  -6.09408  -1.48594  1.000 46.89364 ? 7   C   A O2    1 
ATOM   144 N N3    . C   A 1 7  ? -2.89191  -5.28625  0.00441   1.000 50.55738 ? 7   C   A N3    1 
ATOM   145 C C4    . C   A 1 7  ? -2.61853  -4.95753  1.26970   1.000 43.70744 ? 7   C   A C4    1 
ATOM   146 N N4    . C   A 1 7  ? -1.40198  -4.49873  1.57462   1.000 41.70068 ? 7   C   A N4    1 
ATOM   147 C C5    . C   A 1 7  ? -3.58751  -5.07823  2.29351   1.000 43.68959 ? 7   C   A C5    1 
ATOM   148 C C6    . C   A 1 7  ? -4.78516  -5.53552  1.93744   1.000 44.17488 ? 7   C   A C6    1 
ATOM   149 P P     . C   A 1 8  ? -5.95065  -10.83901 1.95117   1.000 44.46007 ? 8   C   A P     1 
ATOM   150 O OP1   . C   A 1 8  ? -6.73456  -12.06819 2.24878   1.000 40.83108 ? 8   C   A OP1   1 
ATOM   151 O OP2   . C   A 1 8  ? -5.04158  -10.31544 2.99061   1.000 46.29087 ? 8   C   A OP2   1 
ATOM   152 O "O5'" . C   A 1 8  ? -5.12442  -11.02603 0.59643   1.000 42.31286 ? 8   C   A "O5'" 1 
ATOM   153 C "C5'" . C   A 1 8  ? -5.81417  -11.41686 -0.58030  1.000 48.83978 ? 8   C   A "C5'" 1 
ATOM   154 C "C4'" . C   A 1 8  ? -4.95519  -11.38705 -1.81784  1.000 47.99375 ? 8   C   A "C4'" 1 
ATOM   155 O "O4'" . C   A 1 8  ? -4.45851  -10.04683 -2.06275  1.000 51.30245 ? 8   C   A "O4'" 1 
ATOM   156 C "C3'" . C   A 1 8  ? -3.70954  -12.24175 -1.79912  1.000 46.36309 ? 8   C   A "C3'" 1 
ATOM   157 O "O3'" . C   A 1 8  ? -3.99318  -13.60262 -2.05054  1.000 52.81133 ? 8   C   A "O3'" 1 
ATOM   158 C "C2'" . C   A 1 8  ? -2.86091  -11.58854 -2.88086  1.000 54.77055 ? 8   C   A "C2'" 1 
ATOM   159 O "O2'" . C   A 1 8  ? -3.35556  -11.92704 -4.16688  1.000 51.04892 ? 8   C   A "O2'" 1 
ATOM   160 C "C1'" . C   A 1 8  ? -3.17436  -10.11580 -2.65069  1.000 53.21079 ? 8   C   A "C1'" 1 
ATOM   161 N N1    . C   A 1 8  ? -2.20465  -9.44771  -1.74900  1.000 49.08938 ? 8   C   A N1    1 
ATOM   162 C C2    . C   A 1 8  ? -0.94246  -9.06084  -2.19854  1.000 52.62140 ? 8   C   A C2    1 
ATOM   163 O O2    . C   A 1 8  ? -0.60248  -9.31501  -3.35756  1.000 55.10168 ? 8   C   A O2    1 
ATOM   164 N N3    . C   A 1 8  ? -0.10418  -8.42521  -1.34730  1.000 56.46435 ? 8   C   A N3    1 
ATOM   165 C C4    . C   A 1 8  ? -0.48806  -8.16433  -0.09105  1.000 52.59546 ? 8   C   A C4    1 
ATOM   166 N N4    . C   A 1 8  ? 0.35182   -7.54398  0.74569   1.000 50.80319 ? 8   C   A N4    1 
ATOM   167 C C5    . C   A 1 8  ? -1.76861  -8.54182  0.37991   1.000 48.61558 ? 8   C   A C5    1 
ATOM   168 C C6    . C   A 1 8  ? -2.57815  -9.16753  -0.47279  1.000 47.90430 ? 8   C   A C6    1 
ATOM   169 P P     . G   A 1 9  ? -2.98623  -14.76594 -1.56604  1.000 60.51064 ? 9   G   A P     1 
ATOM   170 O OP1   . G   A 1 9  ? -3.67925  -16.05886 -1.79222  1.000 62.67054 ? 9   G   A OP1   1 
ATOM   171 O OP2   . G   A 1 9  ? -2.48314  -14.46321 -0.19728  1.000 50.14278 ? 9   G   A OP2   1 
ATOM   172 O "O5'" . G   A 1 9  ? -1.74068  -14.66541 -2.56091  1.000 58.11590 ? 9   G   A "O5'" 1 
ATOM   173 C "C5'" . G   A 1 9  ? -1.87188  -14.76478 -3.97228  1.000 54.61901 ? 9   G   A "C5'" 1 
ATOM   174 C "C4'" . G   A 1 9  ? -0.57396  -14.38480 -4.64820  1.000 64.43540 ? 9   G   A "C4'" 1 
ATOM   175 O "O4'" . G   A 1 9  ? -0.24516  -13.00387 -4.33769  1.000 64.66196 ? 9   G   A "O4'" 1 
ATOM   176 C "C3'" . G   A 1 9  ? 0.65301   -15.17003 -4.19904  1.000 66.60466 ? 9   G   A "C3'" 1 
ATOM   177 O "O3'" . G   A 1 9  ? 0.78189   -16.41174 -4.86957  1.000 68.64834 ? 9   G   A "O3'" 1 
ATOM   178 C "C2'" . G   A 1 9  ? 1.81213   -14.20689 -4.46427  1.000 68.01580 ? 9   G   A "C2'" 1 
ATOM   179 O "O2'" . G   A 1 9  ? 2.24502   -14.26257 -5.81562  1.000 76.20120 ? 9   G   A "O2'" 1 
ATOM   180 C "C1'" . G   A 1 9  ? 1.16033   -12.84849 -4.22774  1.000 65.78132 ? 9   G   A "C1'" 1 
ATOM   181 N N9    . G   A 1 9  ? 1.49948   -12.28710 -2.90585  1.000 64.73059 ? 9   G   A N9    1 
ATOM   182 C C8    . G   A 1 9  ? 0.65481   -12.14485 -1.83278  1.000 60.90344 ? 9   G   A C8    1 
ATOM   183 N N7    . G   A 1 9  ? 1.23123   -11.60373 -0.79502  1.000 62.04807 ? 9   G   A N7    1 
ATOM   184 C C5    . G   A 1 9  ? 2.53000   -11.36299 -1.21143  1.000 64.81834 ? 9   G   A C5    1 
ATOM   185 C C6    . G   A 1 9  ? 3.61090   -10.78187 -0.50090  1.000 68.13405 ? 9   G   A C6    1 
ATOM   186 O O6    . G   A 1 9  ? 3.60592   -10.35958 0.66586   1.000 66.92722 ? 9   G   A O6    1 
ATOM   187 N N1    . G   A 1 9  ? 4.76864   -10.72023 -1.28409  1.000 68.20216 ? 9   G   A N1    1 
ATOM   188 C C2    . G   A 1 9  ? 4.86691   -11.15892 -2.58090  1.000 65.68399 ? 9   G   A C2    1 
ATOM   189 N N2    . G   A 1 9  ? 6.06946   -11.00348 -3.14856  1.000 64.83618 ? 9   G   A N2    1 
ATOM   190 N N3    . G   A 1 9  ? 3.86115   -11.70535 -3.25715  1.000 67.45910 ? 9   G   A N3    1 
ATOM   191 C C4    . G   A 1 9  ? 2.72444   -11.77823 -2.51499  1.000 66.41367 ? 9   G   A C4    1 
ATOM   192 P P     . G   A 1 10 ? 1.28699   -17.72020 -4.07855  1.000 75.89516 ? 10  G   A P     1 
ATOM   193 O OP1   . G   A 1 10 ? 0.81869   -18.89451 -4.86769  1.000 66.64800 ? 10  G   A OP1   1 
ATOM   194 O OP2   . G   A 1 10 ? 0.89254   -17.62652 -2.65134  1.000 75.04784 ? 10  G   A OP2   1 
ATOM   195 O "O5'" . G   A 1 10 ? 2.87853   -17.57995 -4.04573  1.000 74.82435 ? 10  G   A "O5'" 1 
ATOM   196 C "C5'" . G   A 1 10 ? 3.65364   -17.68225 -5.22961  1.000 74.54931 ? 10  G   A "C5'" 1 
ATOM   197 C "C4'" . G   A 1 10 ? 4.96065   -16.94679 -5.08834  1.000 76.99625 ? 10  G   A "C4'" 1 
ATOM   198 O "O4'" . G   A 1 10 ? 4.70802   -15.61290 -4.59221  1.000 74.73810 ? 10  G   A "O4'" 1 
ATOM   199 C "C3'" . G   A 1 10 ? 5.95723   -17.52042 -4.09081  1.000 80.21413 ? 10  G   A "C3'" 1 
ATOM   200 O "O3'" . G   A 1 10 ? 6.70086   -18.60850 -4.61345  1.000 84.14151 ? 10  G   A "O3'" 1 
ATOM   201 C "C2'" . G   A 1 10 ? 6.81850   -16.31117 -3.74035  1.000 77.08314 ? 10  G   A "C2'" 1 
ATOM   202 O "O2'" . G   A 1 10 ? 7.79911   -16.08115 -4.73608  1.000 84.59663 ? 10  G   A "O2'" 1 
ATOM   203 C "C1'" . G   A 1 10 ? 5.80554   -15.17418 -3.81880  1.000 74.09690 ? 10  G   A "C1'" 1 
ATOM   204 N N9    . G   A 1 10 ? 5.33543   -14.74295 -2.49553  1.000 73.13595 ? 10  G   A N9    1 
ATOM   205 C C8    . G   A 1 10 ? 4.08856   -14.89612 -1.93856  1.000 72.56401 ? 10  G   A C8    1 
ATOM   206 N N7    . G   A 1 10 ? 4.01955   -14.36215 -0.74455  1.000 74.57224 ? 10  G   A N7    1 
ATOM   207 C C5    . G   A 1 10 ? 5.29025   -13.83000 -0.50876  1.000 72.47221 ? 10  G   A C5    1 
ATOM   208 C C6    . G   A 1 10 ? 5.83011   -13.13189 0.61445   1.000 72.11108 ? 10  G   A C6    1 
ATOM   209 O O6    . G   A 1 10 ? 5.28342   -12.81927 1.68376   1.000 72.15468 ? 10  G   A O6    1 
ATOM   210 N N1    . G   A 1 10 ? 7.16270   -12.78493 0.41074   1.000 70.35114 ? 10  G   A N1    1 
ATOM   211 C C2    . G   A 1 10 ? 7.89057   -13.06945 -0.71660  1.000 73.06944 ? 10  G   A C2    1 
ATOM   212 N N2    . G   A 1 10 ? 9.16186   -12.64730 -0.70813  1.000 73.83233 ? 10  G   A N2    1 
ATOM   213 N N3    . G   A 1 10 ? 7.40805   -13.71755 -1.76848  1.000 74.02488 ? 10  G   A N3    1 
ATOM   214 C C4    . G   A 1 10 ? 6.11102   -14.05963 -1.59258  1.000 72.23358 ? 10  G   A C4    1 
ATOM   215 O "O5'" . C   B 1 1  ? 12.90980  -6.94350  6.24282   1.000 78.61450 ? 1   C   B "O5'" 1 
ATOM   216 C "C5'" . C   B 1 1  ? 12.09191  -8.03510  5.85604   1.000 81.04891 ? 1   C   B "C5'" 1 
ATOM   217 C "C4'" . C   B 1 1  ? 12.63943  -8.73665  4.63649   1.000 83.47454 ? 1   C   B "C4'" 1 
ATOM   218 O "O4'" . C   B 1 1  ? 12.14269  -10.10634 4.61317   1.000 83.82980 ? 1   C   B "O4'" 1 
ATOM   219 C "C3'" . C   B 1 1  ? 12.21356  -8.14522  3.29464   1.000 81.70819 ? 1   C   B "C3'" 1 
ATOM   220 O "O3'" . C   B 1 1  ? 13.03694  -7.06762  2.86788   1.000 82.43072 ? 1   C   B "O3'" 1 
ATOM   221 C "C2'" . C   B 1 1  ? 12.22408  -9.35578  2.36230   1.000 81.01630 ? 1   C   B "C2'" 1 
ATOM   222 O "O2'" . C   B 1 1  ? 13.54253  -9.66028  1.91732   1.000 72.35480 ? 1   C   B "O2'" 1 
ATOM   223 C "C1'" . C   B 1 1  ? 11.74692  -10.46409 3.30642   1.000 83.34948 ? 1   C   B "C1'" 1 
ATOM   224 N N1    . C   B 1 1  ? 10.26400  -10.62330 3.31091   1.000 78.87496 ? 1   C   B N1    1 
ATOM   225 C C2    . C   B 1 1  ? 9.60703   -11.30927 2.26851   1.000 75.06964 ? 1   C   B C2    1 
ATOM   226 O O2    . C   B 1 1  ? 10.25209  -11.78539 1.31756   1.000 75.22397 ? 1   C   B O2    1 
ATOM   227 N N3    . C   B 1 1  ? 8.25981   -11.43810 2.31575   1.000 74.99632 ? 1   C   B N3    1 
ATOM   228 C C4    . C   B 1 1  ? 7.56329   -10.92832 3.33779   1.000 74.91049 ? 1   C   B C4    1 
ATOM   229 N N4    . C   B 1 1  ? 6.23768   -11.09403 3.32676   1.000 74.56114 ? 1   C   B N4    1 
ATOM   230 C C5    . C   B 1 1  ? 8.19247   -10.23038 4.41009   1.000 72.67472 ? 1   C   B C5    1 
ATOM   231 C C6    . C   B 1 1  ? 9.52487   -10.11082 4.35573   1.000 74.81811 ? 1   C   B C6    1 
ATOM   232 P P     . C   B 1 2  ? 12.38996  -5.75685  2.18076   1.000 89.77322 ? 2   C   B P     1 
ATOM   233 O OP1   . C   B 1 2  ? 13.44176  -4.70836  2.09293   1.000 86.07144 ? 2   C   B OP1   1 
ATOM   234 O OP2   . C   B 1 2  ? 11.13227  -5.40915  2.89500   1.000 82.69182 ? 2   C   B OP2   1 
ATOM   235 O "O5'" . C   B 1 2  ? 12.05615  -6.23938  0.69314   1.000 84.78025 ? 2   C   B "O5'" 1 
ATOM   236 C "C5'" . C   B 1 2  ? 13.06604  -6.80855  -0.13349  1.000 74.84007 ? 2   C   B "C5'" 1 
ATOM   237 C "C4'" . C   B 1 2  ? 12.47587  -7.51887  -1.32397  1.000 74.33485 ? 2   C   B "C4'" 1 
ATOM   238 O "O4'" . C   B 1 2  ? 11.85906  -8.76326  -0.89562  1.000 80.47702 ? 2   C   B "O4'" 1 
ATOM   239 C "C3'" . C   B 1 2  ? 11.34307  -6.80531  -2.05145  1.000 77.39949 ? 2   C   B "C3'" 1 
ATOM   240 O "O3'" . C   B 1 2  ? 11.75216  -5.75037  -2.90274  1.000 88.53630 ? 2   C   B "O3'" 1 
ATOM   241 C "C2'" . C   B 1 2  ? 10.67116  -7.95597  -2.77740  1.000 72.30437 ? 2   C   B "C2'" 1 
ATOM   242 O "O2'" . C   B 1 2  ? 11.49018  -8.40286  -3.85152  1.000 69.66816 ? 2   C   B "O2'" 1 
ATOM   243 C "C1'" . C   B 1 2  ? 10.70259  -9.01861  -1.68514  1.000 78.29787 ? 2   C   B "C1'" 1 
ATOM   244 N N1    . C   B 1 2  ? 9.48267   -8.93977  -0.83091  1.000 75.52842 ? 2   C   B N1    1 
ATOM   245 C C2    . C   B 1 2  ? 8.28524   -9.56746  -1.24979  1.000 70.61850 ? 2   C   B C2    1 
ATOM   246 O O2    . C   B 1 2  ? 8.26179   -10.20497 -2.32664  1.000 67.24259 ? 2   C   B O2    1 
ATOM   247 N N3    . C   B 1 2  ? 7.17590   -9.46516  -0.45947  1.000 69.96124 ? 2   C   B N3    1 
ATOM   248 C C4    . C   B 1 2  ? 7.21342   -8.77601  0.69559   1.000 69.94965 ? 2   C   B C4    1 
ATOM   249 N N4    . C   B 1 2  ? 6.11392   -8.68933  1.45696   1.000 61.84749 ? 2   C   B N4    1 
ATOM   250 C C5    . C   B 1 2  ? 8.40975   -8.13672  1.13176   1.000 73.84703 ? 2   C   B C5    1 
ATOM   251 C C6    . C   B 1 2  ? 9.49266   -8.23741  0.35066   1.000 74.82930 ? 2   C   B C6    1 
ATOM   252 P P     . G   B 1 3  ? 10.90356  -4.37921  -2.94734  1.000 89.56007 ? 3   G   B P     1 
ATOM   253 O OP1   . G   B 1 3  ? 11.76559  -3.42299  -3.71156  1.000 78.90917 ? 3   G   B OP1   1 
ATOM   254 O OP2   . G   B 1 3  ? 10.47723  -4.03184  -1.56316  1.000 87.37498 ? 3   G   B OP2   1 
ATOM   255 O "O5'" . G   B 1 3  ? 9.56503   -4.76110  -3.74724  1.000 69.44319 ? 3   G   B "O5'" 1 
ATOM   256 C "C5'" . G   B 1 3  ? 9.63281   -5.12882  -5.11830  1.000 67.92037 ? 3   G   B "C5'" 1 
ATOM   257 C "C4'" . G   B 1 3  ? 8.46215   -5.96601  -5.58151  1.000 62.63778 ? 3   G   B "C4'" 1 
ATOM   258 O "O4'" . G   B 1 3  ? 8.17068   -7.03902  -4.64897  1.000 62.49577 ? 3   G   B "O4'" 1 
ATOM   259 C "C3'" . G   B 1 3  ? 7.12722   -5.27343  -5.73053  1.000 62.66857 ? 3   G   B "C3'" 1 
ATOM   260 O "O3'" . G   B 1 3  ? 7.04884   -4.41408  -6.84937  1.000 59.93680 ? 3   G   B "O3'" 1 
ATOM   261 C "C2'" . G   B 1 3  ? 6.17192   -6.45743  -5.78371  1.000 62.50722 ? 3   G   B "C2'" 1 
ATOM   262 O "O2'" . G   B 1 3  ? 6.22098   -7.10314  -7.04983  1.000 59.81201 ? 3   G   B "O2'" 1 
ATOM   263 C "C1'" . G   B 1 3  ? 6.80483   -7.38111  -4.74212  1.000 60.92620 ? 3   G   B "C1'" 1 
ATOM   264 N N9    . G   B 1 3  ? 6.16770   -7.19968  -3.42645  1.000 63.80879 ? 3   G   B N9    1 
ATOM   265 C C8    . G   B 1 3  ? 6.66553   -6.61496  -2.28717  1.000 62.50049 ? 3   G   B C8    1 
ATOM   266 N N7    . G   B 1 3  ? 5.80539   -6.62223  -1.30127  1.000 60.24108 ? 3   G   B N7    1 
ATOM   267 C C5    . G   B 1 3  ? 4.67546   -7.23500  -1.83387  1.000 61.52788 ? 3   G   B C5    1 
ATOM   268 C C6    . G   B 1 3  ? 3.41246   -7.52131  -1.25364  1.000 61.98570 ? 3   G   B C6    1 
ATOM   269 O O6    . G   B 1 3  ? 3.02644   -7.28172  -0.10099  1.000 62.28861 ? 3   G   B O6    1 
ATOM   270 N N1    . G   B 1 3  ? 2.55392   -8.14996  -2.15975  1.000 62.01137 ? 3   G   B N1    1 
ATOM   271 C C2    . G   B 1 3  ? 2.86333   -8.46973  -3.46294  1.000 62.72349 ? 3   G   B C2    1 
ATOM   272 N N2    . G   B 1 3  ? 1.90075   -9.07404  -4.18258  1.000 59.26699 ? 3   G   B N2    1 
ATOM   273 N N3    . G   B 1 3  ? 4.03813   -8.20863  -4.01104  1.000 62.05914 ? 3   G   B N3    1 
ATOM   274 C C4    . G   B 1 3  ? 4.88104   -7.59498  -3.14478  1.000 62.32431 ? 3   G   B C4    1 
ATOM   275 P P     . G   B 1 4  ? 6.12482   -3.10161  -6.76053  1.000 59.87940 ? 4   G   B P     1 
ATOM   276 O OP1   . G   B 1 4  ? 6.45233   -2.19170  -7.88882  1.000 63.77645 ? 4   G   B OP1   1 
ATOM   277 O OP2   . G   B 1 4  ? 6.30201   -2.56791  -5.38623  1.000 56.55599 ? 4   G   B OP2   1 
ATOM   278 O "O5'" . G   B 1 4  ? 4.64917   -3.67813  -7.00712  1.000 60.51656 ? 4   G   B "O5'" 1 
ATOM   279 C "C5'" . G   B 1 4  ? 4.40466   -4.53832  -8.11696  1.000 59.70942 ? 4   G   B "C5'" 1 
ATOM   280 C "C4'" . G   B 1 4  ? 3.03245   -5.17533  -8.10842  1.000 57.42192 ? 4   G   B "C4'" 1 
ATOM   281 O "O4'" . G   B 1 4  ? 2.91446   -6.13903  -7.02556  1.000 58.99116 ? 4   G   B "O4'" 1 
ATOM   282 C "C3'" . G   B 1 4  ? 1.83510   -4.25826  -7.91371  1.000 52.97580 ? 4   G   B "C3'" 1 
ATOM   283 O "O3'" . G   B 1 4  ? 1.48167   -3.54040  -9.08188  1.000 58.35479 ? 4   G   B "O3'" 1 
ATOM   284 C "C2'" . G   B 1 4  ? 0.75976   -5.23385  -7.47035  1.000 55.20014 ? 4   G   B "C2'" 1 
ATOM   285 O "O2'" . G   B 1 4  ? 0.26265   -5.95324  -8.59103  1.000 57.54733 ? 4   G   B "O2'" 1 
ATOM   286 C "C1'" . G   B 1 4  ? 1.57143   -6.18757  -6.58099  1.000 59.87652 ? 4   G   B "C1'" 1 
ATOM   287 N N9    . G   B 1 4  ? 1.53821   -5.74711  -5.17445  1.000 59.06068 ? 4   G   B N9    1 
ATOM   288 C C8    . G   B 1 4  ? 2.58707   -5.16798  -4.48999  1.000 58.67820 ? 4   G   B C8    1 
ATOM   289 N N7    . G   B 1 4  ? 2.27904   -4.83962  -3.26811  1.000 57.57084 ? 4   G   B N7    1 
ATOM   290 C C5    . G   B 1 4  ? 0.94346   -5.22223  -3.13943  1.000 57.31238 ? 4   G   B C5    1 
ATOM   291 C C6    . G   B 1 4  ? 0.06924   -5.11423  -2.02590  1.000 52.87473 ? 4   G   B C6    1 
ATOM   292 O O6    . G   B 1 4  ? 0.31274   -4.65228  -0.90849  1.000 49.96941 ? 4   G   B O6    1 
ATOM   293 N N1    . G   B 1 4  ? -1.19106  -5.61217  -2.31161  1.000 49.49427 ? 4   G   B N1    1 
ATOM   294 C C2    . G   B 1 4  ? -1.56328  -6.13757  -3.51091  1.000 49.54150 ? 4   G   B C2    1 
ATOM   295 N N2    . G   B 1 4  ? -2.82553  -6.55732  -3.55592  1.000 50.18944 ? 4   G   B N2    1 
ATOM   296 N N3    . G   B 1 4  ? -0.77173  -6.25284  -4.56450  1.000 51.09018 ? 4   G   B N3    1 
ATOM   297 C C4    . G   B 1 4  ? 0.46464   -5.77843  -4.30969  1.000 55.18632 ? 4   G   B C4    1 
HETATM 298 P P     . LV2 B 1 5  ? 1.02121   -1.99735  -8.98107  1.000 54.56245 ? 5   LV2 B P     1 
HETATM 299 O OP1   . LV2 B 1 5  ? 0.76220   -1.48202  -10.37619 1.000 53.39740 ? 5   LV2 B OP1   1 
HETATM 300 O OP2   . LV2 B 1 5  ? 1.99453   -1.26712  -8.07867  1.000 56.77988 ? 5   LV2 B OP2   1 
HETATM 301 O "O5'" . LV2 B 1 5  ? -0.38882  -2.04580  -8.24493  1.000 51.80449 ? 5   LV2 B "O5'" 1 
HETATM 302 C "C5'" . LV2 B 1 5  ? -1.50647  -2.66918  -8.85200  1.000 48.96156 ? 5   LV2 B "C5'" 1 
HETATM 303 C "C4'" . LV2 B 1 5  ? -2.58507  -2.96558  -7.84250  1.000 43.99115 ? 5   LV2 B "C4'" 1 
HETATM 304 O "O4'" . LV2 B 1 5  ? -2.03166  -3.72971  -6.74496  1.000 48.68985 ? 5   LV2 B "O4'" 1 
HETATM 305 C "C3'" . LV2 B 1 5  ? -3.20290  -1.76488  -7.15807  1.000 45.71707 ? 5   LV2 B "C3'" 1 
HETATM 306 C "C2'" . LV2 B 1 5  ? -3.79563  -2.39072  -5.90645  1.000 48.83171 ? 5   LV2 B "C2'" 1 
HETATM 307 O "O2'" . LV2 B 1 5  ? -4.98506  -3.09933  -6.21071  1.000 51.57589 ? 5   LV2 B "O2'" 1 
HETATM 308 C "C1'" . LV2 B 1 5  ? -2.71882  -3.41503  -5.55224  1.000 50.69262 ? 5   LV2 B "C1'" 1 
HETATM 309 N N1    . LV2 B 1 5  ? -1.75817  -2.85907  -4.58022  1.000 49.85332 ? 5   LV2 B N1    1 
HETATM 310 C C2    . LV2 B 1 5  ? -2.15150  -2.63616  -3.25045  1.000 50.52078 ? 5   LV2 B C2    1 
HETATM 311 O O2    . LV2 B 1 5  ? -3.30071  -2.92952  -2.86840  1.000 51.52255 ? 5   LV2 B O2    1 
HETATM 312 N N3    . LV2 B 1 5  ? -1.28707  -2.10962  -2.36902  1.000 53.38962 ? 5   LV2 B N3    1 
HETATM 313 C C4    . LV2 B 1 5  ? -0.04089  -1.78180  -2.75052  1.000 53.88830 ? 5   LV2 B C4    1 
HETATM 314 N N4    . LV2 B 1 5  ? 0.84446   -1.23310  -1.81465  1.000 51.39110 ? 5   LV2 B N4    1 
HETATM 315 C C5    . LV2 B 1 5  ? 0.34958   -1.98359  -4.06287  1.000 52.68573 ? 5   LV2 B C5    1 
HETATM 316 C C6    . LV2 B 1 5  ? -0.53593  -2.52970  -4.97299  1.000 51.11224 ? 5   LV2 B C6    1 
HETATM 317 C CM4   . LV2 B 1 5  ? 2.27604   -1.17295  -2.06627  1.000 45.88532 ? 5   LV2 B CM4   1 
HETATM 318 O "O3'" . LV2 B 1 5  ? -4.15566  -1.09681  -7.96559  1.000 49.78853 ? 5   LV2 B "O3'" 1 
HETATM 319 C C1    . LV2 B 1 5  ? 0.30319   -0.70403  -0.57894  1.000 51.81210 ? 5   LV2 B C1    1 
ATOM   320 P P     . G   B 1 6  ? -4.40632  0.48226   -7.80278  1.000 45.41519 ? 6   G   B P     1 
ATOM   321 O OP1   . G   B 1 6  ? -4.73582  1.05871   -9.14046  1.000 44.95621 ? 6   G   B OP1   1 
ATOM   322 O OP2   . G   B 1 6  ? -3.28577  1.04399   -7.01066  1.000 45.85696 ? 6   G   B OP2   1 
ATOM   323 O "O5'" . G   B 1 6  ? -5.65816  0.58829   -6.82805  1.000 39.76089 ? 6   G   B "O5'" 1 
ATOM   324 C "C5'" . G   B 1 6  ? -6.78627  -0.25326  -6.97130  1.000 40.98593 ? 6   G   B "C5'" 1 
ATOM   325 C "C4'" . G   B 1 6  ? -7.78112  -0.02085  -5.85888  1.000 42.52185 ? 6   G   B "C4'" 1 
ATOM   326 O "O4'" . G   B 1 6  ? -7.42007  -0.79579  -4.68589  1.000 42.32152 ? 6   G   B "O4'" 1 
ATOM   327 C "C3'" . G   B 1 6  ? -7.88351  1.39824   -5.32735  1.000 41.85460 ? 6   G   B "C3'" 1 
ATOM   328 O "O3'" . G   B 1 6  ? -8.60371  2.27636   -6.18568  1.000 38.43531 ? 6   G   B "O3'" 1 
ATOM   329 C "C2'" . G   B 1 6  ? -8.51294  1.17302   -3.95276  1.000 39.49034 ? 6   G   B "C2'" 1 
ATOM   330 O "O2'" . G   B 1 6  ? -9.90155  0.88673   -4.05371  1.000 46.25417 ? 6   G   B "O2'" 1 
ATOM   331 C "C1'" . G   B 1 6  ? -7.80391  -0.10212  -3.51433  1.000 41.32244 ? 6   G   B "C1'" 1 
ATOM   332 N N9    . G   B 1 6  ? -6.60656  0.22545   -2.71598  1.000 44.37752 ? 6   G   B N9    1 
ATOM   333 C C8    . G   B 1 6  ? -5.31356  0.36810   -3.15119  1.000 43.69236 ? 6   G   B C8    1 
ATOM   334 N N7    . G   B 1 6  ? -4.48899  0.68553   -2.18323  1.000 47.35959 ? 6   G   B N7    1 
ATOM   335 C C5    . G   B 1 6  ? -5.28550  0.77730   -1.04593  1.000 44.15269 ? 6   G   B C5    1 
ATOM   336 C C6    . G   B 1 6  ? -4.95776  1.10430   0.29452   1.000 43.68812 ? 6   G   B C6    1 
ATOM   337 O O6    . G   B 1 6  ? -3.86385  1.39996   0.80430   1.000 46.34347 ? 6   G   B O6    1 
ATOM   338 N N1    . G   B 1 6  ? -6.07559  1.08523   1.09756   1.000 43.41629 ? 6   G   B N1    1 
ATOM   339 C C2    . G   B 1 6  ? -7.34202  0.79483   0.69487   1.000 41.24389 ? 6   G   B C2    1 
ATOM   340 N N2    . G   B 1 6  ? -8.27211  0.82561   1.65730   1.000 39.96602 ? 6   G   B N2    1 
ATOM   341 N N3    . G   B 1 6  ? -7.66374  0.49163   -0.54207  1.000 43.59265 ? 6   G   B N3    1 
ATOM   342 C C4    . G   B 1 6  ? -6.59263  0.50268   -1.35924  1.000 43.55818 ? 6   G   B C4    1 
ATOM   343 P P     . C   B 1 7  ? -8.30802  3.85731   -6.19595  1.000 38.99221 ? 7   C   B P     1 
ATOM   344 O OP1   . C   B 1 7  ? -9.32019  4.46567   -7.09946  1.000 41.83777 ? 7   C   B OP1   1 
ATOM   345 O OP2   . C   B 1 7  ? -6.86765  4.12177   -6.45045  1.000 38.80736 ? 7   C   B OP2   1 
ATOM   346 O "O5'" . C   B 1 7  ? -8.67365  4.32781   -4.71707  1.000 37.89977 ? 7   C   B "O5'" 1 
ATOM   347 C "C5'" . C   B 1 7  ? -10.03058 4.32339   -4.28425  1.000 38.77838 ? 7   C   B "C5'" 1 
ATOM   348 C "C4'" . C   B 1 7  ? -10.17952 4.66306   -2.81656  1.000 39.84976 ? 7   C   B "C4'" 1 
ATOM   349 O "O4'" . C   B 1 7  ? -9.50750  3.67543   -1.98948  1.000 36.59875 ? 7   C   B "O4'" 1 
ATOM   350 C "C3'" . C   B 1 7  ? -9.58589  5.98382   -2.34764  1.000 37.41798 ? 7   C   B "C3'" 1 
ATOM   351 O "O3'" . C   B 1 7  ? -10.38861 7.10954   -2.63873  1.000 37.94369 ? 7   C   B "O3'" 1 
ATOM   352 C "C2'" . C   B 1 7  ? -9.45627  5.75062   -0.86572  1.000 35.77972 ? 7   C   B "C2'" 1 
ATOM   353 O "O2'" . C   B 1 7  ? -10.74548 5.81136   -0.29039  1.000 39.33892 ? 7   C   B "O2'" 1 
ATOM   354 C "C1'" . C   B 1 7  ? -8.98389  4.30210   -0.84325  1.000 35.54564 ? 7   C   B "C1'" 1 
ATOM   355 N N1    . C   B 1 7  ? -7.51242  4.24539   -0.91343  1.000 39.07872 ? 7   C   B N1    1 
ATOM   356 C C2    . C   B 1 7  ? -6.79826  4.36403   0.27251   1.000 39.66355 ? 7   C   B C2    1 
ATOM   357 O O2    . C   B 1 7  ? -7.42623  4.49133   1.34043   1.000 39.56939 ? 7   C   B O2    1 
ATOM   358 N N3    . C   B 1 7  ? -5.44733  4.32783   0.22274   1.000 39.21060 ? 7   C   B N3    1 
ATOM   359 C C4    . C   B 1 7  ? -4.82339  4.19698   -0.94264  1.000 37.52572 ? 7   C   B C4    1 
ATOM   360 N N4    . C   B 1 7  ? -3.49196  4.16272   -0.94992  1.000 40.01942 ? 7   C   B N4    1 
ATOM   361 C C5    . C   B 1 7  ? -5.52889  4.08429   -2.15951  1.000 36.02728 ? 7   C   B C5    1 
ATOM   362 C C6    . C   B 1 7  ? -6.85505  4.11672   -2.09660  1.000 37.87981 ? 7   C   B C6    1 
ATOM   363 P P     . C   B 1 8  ? -9.69513  8.51119   -3.01343  1.000 41.46995 ? 8   C   B P     1 
ATOM   364 O OP1   . C   B 1 8  ? -10.81875 9.33640   -3.54388  1.000 39.46550 ? 8   C   B OP1   1 
ATOM   365 O OP2   . C   B 1 8  ? -8.45559  8.29225   -3.84052  1.000 32.47703 ? 8   C   B OP2   1 
ATOM   366 O "O5'" . C   B 1 8  ? -9.25920  9.09860   -1.59046  1.000 36.78644 ? 8   C   B "O5'" 1 
ATOM   367 C "C5'" . C   B 1 8  ? -10.22929 9.37177   -0.59339  1.000 33.74268 ? 8   C   B "C5'" 1 
ATOM   368 C "C4'" . C   B 1 8  ? -9.58045  9.78001   0.70790   1.000 35.86649 ? 8   C   B "C4'" 1 
ATOM   369 O "O4'" . C   B 1 8  ? -8.84480  8.66383   1.26514   1.000 38.57941 ? 8   C   B "O4'" 1 
ATOM   370 C "C3'" . C   B 1 8  ? -8.54570  10.89513  0.64544   1.000 33.29580 ? 8   C   B "C3'" 1 
ATOM   371 O "O3'" . C   B 1 8  ? -9.11364  12.18321  0.58368   1.000 32.03934 ? 8   C   B "O3'" 1 
ATOM   372 C "C2'" . C   B 1 8  ? -7.74456  10.66023  1.91080   1.000 32.71281 ? 8   C   B "C2'" 1 
ATOM   373 O "O2'" . C   B 1 8  ? -8.45820  11.10557  3.04706   1.000 33.01452 ? 8   C   B "O2'" 1 
ATOM   374 C "C1'" . C   B 1 8  ? -7.69711  9.13849   1.94417   1.000 34.55631 ? 8   C   B "C1'" 1 
ATOM   375 N N1    . C   B 1 8  ? -6.49472  8.65373   1.24106   1.000 33.65979 ? 8   C   B N1    1 
ATOM   376 C C2    . C   B 1 8  ? -5.30079  8.70488   1.96866   1.000 36.61341 ? 8   C   B C2    1 
ATOM   377 O O2    . C   B 1 8  ? -5.36379  9.11372   3.14884   1.000 35.09326 ? 8   C   B O2    1 
ATOM   378 N N3    . C   B 1 8  ? -4.14108  8.29821   1.37257   1.000 38.29876 ? 8   C   B N3    1 
ATOM   379 C C4    . C   B 1 8  ? -4.17417  7.87101   0.09480   1.000 39.16949 ? 8   C   B C4    1 
ATOM   380 N N4    . C   B 1 8  ? -3.03076  7.46732   -0.47756  1.000 36.95178 ? 8   C   B N4    1 
ATOM   381 C C5    . C   B 1 8  ? -5.39620  7.82181   -0.65354  1.000 37.18705 ? 8   C   B C5    1 
ATOM   382 C C6    . C   B 1 8  ? -6.52789  8.22276   -0.05732  1.000 33.39322 ? 8   C   B C6    1 
ATOM   383 P P     . G   B 1 9  ? -8.23213  13.43006  0.11790   1.000 31.32065 ? 9   G   B P     1 
ATOM   384 O OP1   . G   B 1 9  ? -9.09870  14.63267  0.13676   1.000 37.66929 ? 9   G   B OP1   1 
ATOM   385 O OP2   . G   B 1 9  ? -7.56165  13.10048  -1.15551  1.000 33.24279 ? 9   G   B OP2   1 
ATOM   386 O "O5'" . G   B 1 9  ? -7.11330  13.57379  1.23983   1.000 34.24461 ? 9   G   B "O5'" 1 
ATOM   387 C "C5'" . G   B 1 9  ? -7.40240  14.12442  2.51329   1.000 36.82630 ? 9   G   B "C5'" 1 
ATOM   388 C "C4'" . G   B 1 9  ? -6.15925  14.23798  3.36605   1.000 33.02288 ? 9   G   B "C4'" 1 
ATOM   389 O "O4'" . G   B 1 9  ? -5.54736  12.93593  3.49764   1.000 33.69324 ? 9   G   B "O4'" 1 
ATOM   390 C "C3'" . G   B 1 9  ? -5.04483  15.10420  2.81458   1.000 33.33724 ? 9   G   B "C3'" 1 
ATOM   391 O "O3'" . G   B 1 9  ? -5.24839  16.47935  3.03977   1.000 40.91776 ? 9   G   B "O3'" 1 
ATOM   392 C "C2'" . G   B 1 9  ? -3.82151  14.54271  3.51878   1.000 40.36563 ? 9   G   B "C2'" 1 
ATOM   393 O "O2'" . G   B 1 9  ? -3.75148  14.95755  4.87950   1.000 35.10094 ? 9   G   B "O2'" 1 
ATOM   394 C "C1'" . G   B 1 9  ? -4.14257  13.06012  3.48301   1.000 36.23718 ? 9   G   B "C1'" 1 
ATOM   395 N N9    . G   B 1 9  ? -3.63492  12.43704  2.24734   1.000 34.44492 ? 9   G   B N9    1 
ATOM   396 C C8    . G   B 1 9  ? -4.35886  12.05432  1.15188   1.000 33.67640 ? 9   G   B C8    1 
ATOM   397 N N7    . G   B 1 9  ? -3.62801  11.51884  0.21276   1.000 34.03319 ? 9   G   B N7    1 
ATOM   398 C C5    . G   B 1 9  ? -2.33561  11.57117  0.72144   1.000 35.81631 ? 9   G   B C5    1 
ATOM   399 C C6    . G   B 1 9  ? -1.10175  11.14742  0.16986   1.000 36.13688 ? 9   G   B C6    1 
ATOM   400 O O6    . G   B 1 9  ? -0.90516  10.61362  -0.92051  1.000 36.22652 ? 9   G   B O6    1 
ATOM   401 N N1    . G   B 1 9  ? -0.02651  11.39087  1.02530   1.000 37.35516 ? 9   G   B N1    1 
ATOM   402 C C2    . G   B 1 9  ? -0.12520  11.96651  2.26413   1.000 37.56633 ? 9   G   B C2    1 
ATOM   403 N N2    . G   B 1 9  ? 1.00711   12.12711  2.95865   1.000 39.04017 ? 9   G   B N2    1 
ATOM   404 N N3    . G   B 1 9  ? -1.27095  12.36014  2.78253   1.000 37.32219 ? 9   G   B N3    1 
ATOM   405 C C4    . G   B 1 9  ? -2.32470  12.13641  1.97171   1.000 35.40129 ? 9   G   B C4    1 
ATOM   406 P P     . G   B 1 10 ? -4.45968  17.56577  2.17453   1.000 40.20085 ? 10  G   B P     1 
ATOM   407 O OP1   . G   B 1 10 ? -4.77201  18.85105  2.83190   1.000 44.13244 ? 10  G   B OP1   1 
ATOM   408 O OP2   . G   B 1 10 ? -4.67006  17.39574  0.71415   1.000 32.28662 ? 10  G   B OP2   1 
ATOM   409 O "O5'" . G   B 1 10 ? -2.93545  17.24418  2.47735   1.000 37.92749 ? 10  G   B "O5'" 1 
ATOM   410 C "C5'" . G   B 1 10 ? -2.33232  17.63083  3.69240   1.000 38.20488 ? 10  G   B "C5'" 1 
ATOM   411 C "C4'" . G   B 1 10 ? -0.82550  17.51631  3.61297   1.000 37.95732 ? 10  G   B "C4'" 1 
ATOM   412 O "O4'" . G   B 1 10 ? -0.45009  16.12850  3.39829   1.000 40.17966 ? 10  G   B "O4'" 1 
ATOM   413 C "C3'" . G   B 1 10 ? -0.15678  18.24469  2.46427   1.000 36.52729 ? 10  G   B "C3'" 1 
ATOM   414 O "O3'" . G   B 1 10 ? -0.02245  19.63832  2.67238   1.000 39.17656 ? 10  G   B "O3'" 1 
ATOM   415 C "C2'" . G   B 1 10 ? 1.16201   17.49733  2.33751   1.000 38.01222 ? 10  G   B "C2'" 1 
ATOM   416 O "O2'" . G   B 1 10 ? 2.04493   17.85061  3.39080   1.000 39.50952 ? 10  G   B "O2'" 1 
ATOM   417 C "C1'" . G   B 1 10 ? 0.70146   16.06412  2.58090   1.000 37.78947 ? 10  G   B "C1'" 1 
ATOM   418 N N9    . G   B 1 10 ? 0.36038   15.35785  1.32384   1.000 37.04662 ? 10  G   B N9    1 
ATOM   419 C C8    . G   B 1 10 ? -0.87315  15.21512  0.74286   1.000 35.63960 ? 10  G   B C8    1 
ATOM   420 N N7    . G   B 1 10 ? -0.83006  14.52543  -0.37398  1.000 38.28534 ? 10  G   B N7    1 
ATOM   421 C C5    . G   B 1 10 ? 0.50897   14.19077  -0.55127  1.000 36.90760 ? 10  G   B C5    1 
ATOM   422 C C6    . G   B 1 10 ? 1.18145   13.44685  -1.56284  1.000 37.62249 ? 10  G   B C6    1 
ATOM   423 O O6    . G   B 1 10 ? 0.73000   12.90470  -2.56787  1.000 37.14518 ? 10  G   B O6    1 
ATOM   424 N N1    . G   B 1 10 ? 2.53864   13.34616  -1.34537  1.000 39.28201 ? 10  G   B N1    1 
ATOM   425 C C2    . G   B 1 10 ? 3.17580   13.89246  -0.26577  1.000 40.20172 ? 10  G   B C2    1 
ATOM   426 N N2    . G   B 1 10 ? 4.49911   13.70651  -0.17325  1.000 42.07296 ? 10  G   B N2    1 
ATOM   427 N N3    . G   B 1 10 ? 2.56598   14.57795  0.68594   1.000 39.54877 ? 10  G   B N3    1 
ATOM   428 C C4    . G   B 1 10 ? 1.24122   14.69843  0.48961   1.000 37.87633 ? 10  G   B C4    1 
HETATM 429 O O     . HOH C 2 .  ? 2.17574   7.36939   -3.26138  1.000 33.14450 ? 101 HOH A O     1 
HETATM 430 O O     . HOH C 2 .  ? -9.43561  -10.34966 -0.57130  1.000 35.06995 ? 102 HOH A O     1 
HETATM 431 O O     . HOH C 2 .  ? -0.41253  -6.71682  3.53384   1.000 39.10017 ? 103 HOH A O     1 
# 
loop_
_atom_site_anisotrop.id 
_atom_site_anisotrop.type_symbol 
_atom_site_anisotrop.pdbx_label_atom_id 
_atom_site_anisotrop.pdbx_label_alt_id 
_atom_site_anisotrop.pdbx_label_comp_id 
_atom_site_anisotrop.pdbx_label_asym_id 
_atom_site_anisotrop.pdbx_label_seq_id 
_atom_site_anisotrop.pdbx_PDB_ins_code 
_atom_site_anisotrop.U[1][1] 
_atom_site_anisotrop.U[2][2] 
_atom_site_anisotrop.U[3][3] 
_atom_site_anisotrop.U[1][2] 
_atom_site_anisotrop.U[1][3] 
_atom_site_anisotrop.U[2][3] 
_atom_site_anisotrop.pdbx_auth_seq_id 
_atom_site_anisotrop.pdbx_auth_comp_id 
_atom_site_anisotrop.pdbx_auth_asym_id 
_atom_site_anisotrop.pdbx_auth_atom_id 
1   O "O5'" . C   A 1  ? 0.27332 0.55196 0.38870 -0.01287 0.00899  0.04212 1  C   A "O5'" 
2   C "C5'" . C   A 1  ? 0.26144 0.58491 0.38073 -0.01713 0.00155  0.04673 1  C   A "C5'" 
3   C "C4'" . C   A 1  ? 0.31637 0.64000 0.38928 -0.03665 -0.00641 0.05888 1  C   A "C4'" 
4   O "O4'" . C   A 1  ? 0.35138 0.64712 0.38162 -0.05528 -0.00312 0.04731 1  C   A "O4'" 
5   C "C3'" . C   A 1  ? 0.31126 0.60983 0.37100 -0.03228 -0.00882 0.07974 1  C   A "C3'" 
6   O "O3'" . C   A 1  ? 0.24840 0.57708 0.33198 -0.02277 -0.01701 0.09746 1  C   A "O3'" 
7   C "C2'" . C   A 1  ? 0.34910 0.62643 0.34913 -0.05624 -0.01026 0.08150 1  C   A "C2'" 
8   O "O2'" . C   A 1  ? 0.33870 0.64951 0.31774 -0.07286 -0.02048 0.08899 1  C   A "O2'" 
9   C "C1'" . C   A 1  ? 0.36905 0.63470 0.35733 -0.06507 -0.00421 0.06009 1  C   A "C1'" 
10  N N1    . C   A 1  ? 0.35511 0.57458 0.33646 -0.05972 0.00511  0.05649 1  C   A N1    
11  C C2    . C   A 1  ? 0.36333 0.54583 0.30355 -0.06760 0.00866  0.06554 1  C   A C2    
12  O O2    . C   A 1  ? 0.38217 0.56741 0.28807 -0.08065 0.00388  0.07555 1  C   A O2    
13  N N3    . C   A 1  ? 0.38252 0.52753 0.32054 -0.06155 0.01783  0.06383 1  C   A N3    
14  C C4    . C   A 1  ? 0.35516 0.49855 0.32850 -0.05045 0.02161  0.05403 1  C   A C4    
15  N N4    . C   A 1  ? 0.32654 0.43751 0.29959 -0.04577 0.02942  0.05446 1  C   A N4    
16  C C5    . C   A 1  ? 0.34906 0.52490 0.35933 -0.04437 0.01813  0.04366 1  C   A C5    
17  C C6    . C   A 1  ? 0.33833 0.55127 0.35248 -0.04800 0.01092  0.04475 1  C   A C6    
18  P P     . C   A 2  ? 0.33468 0.64056 0.43273 -0.00658 -0.01772 0.11720 2  C   A P     
19  O OP1   . C   A 2  ? 0.27181 0.61821 0.39956 0.00286  -0.02811 0.13464 2  C   A OP1   
20  O OP2   . C   A 2  ? 0.26640 0.53496 0.38256 0.00797  -0.00702 0.10873 2  C   A OP2   
21  O "O5'" . C   A 2  ? 0.36955 0.64460 0.41178 -0.02544 -0.01919 0.12855 2  C   A "O5'" 
22  C "C5'" . C   A 2  ? 0.31330 0.60882 0.32366 -0.04396 -0.02974 0.14200 2  C   A "C5'" 
23  C "C4'" . C   A 2  ? 0.34068 0.59369 0.29467 -0.06069 -0.02611 0.14860 2  C   A "C4'" 
24  O "O4'" . C   A 2  ? 0.35650 0.57986 0.28131 -0.06992 -0.01584 0.13031 2  C   A "O4'" 
25  C "C3'" . C   A 2  ? 0.35410 0.57084 0.31296 -0.04811 -0.02027 0.16005 2  C   A "C3'" 
26  O "O3'" . C   A 2  ? 0.36685 0.59779 0.33303 -0.04596 -0.03041 0.18230 2  C   A "O3'" 
27  C "C2'" . C   A 2  ? 0.39379 0.56546 0.29745 -0.06389 -0.01022 0.15611 2  C   A "C2'" 
28  O "O2'" . C   A 2  ? 0.39359 0.56322 0.25096 -0.08518 -0.01653 0.16644 2  C   A "O2'" 
29  C "C1'" . C   A 2  ? 0.38975 0.56452 0.28643 -0.07047 -0.00596 0.13461 2  C   A "C1'" 
30  N N1    . C   A 2  ? 0.40095 0.55417 0.32444 -0.05490 0.00483  0.12178 2  C   A N1    
31  C C2    . C   A 2  ? 0.40959 0.51860 0.31017 -0.05480 0.01673  0.12193 2  C   A C2    
32  O O2    . C   A 2  ? 0.43903 0.52501 0.29581 -0.06690 0.01971  0.13121 2  C   A O2    
33  N N3    . C   A 2  ? 0.41107 0.50395 0.33700 -0.04240 0.02514  0.11262 2  C   A N3    
34  C C4    . C   A 2  ? 0.36240 0.47737 0.33049 -0.03200 0.02236  0.10205 2  C   A C4    
35  N N4    . C   A 2  ? 0.35575 0.45347 0.34435 -0.02329 0.02977  0.09402 2  C   A N4    
36  C C5    . C   A 2  ? 0.37678 0.53315 0.36718 -0.03092 0.01247  0.09968 2  C   A C5    
37  C C6    . C   A 2  ? 0.38102 0.55762 0.35069 -0.04160 0.00379  0.11029 2  C   A C6    
38  P P     . G   A 3  ? 0.36021 0.57157 0.35937 -0.02445 -0.02782 0.19423 3  G   A P     
39  O OP1   . G   A 3  ? 0.36322 0.60011 0.37159 -0.02440 -0.04230 0.21838 3  G   A OP1   
40  O OP2   . G   A 3  ? 0.32625 0.53542 0.37007 -0.00393 -0.01978 0.17777 3  G   A OP2   
41  O "O5'" . G   A 3  ? 0.42562 0.58389 0.38199 -0.03300 -0.01567 0.19536 3  G   A "O5'" 
42  C "C5'" . G   A 3  ? 0.44997 0.59207 0.35180 -0.05460 -0.01724 0.20740 3  G   A "C5'" 
43  C "C4'" . G   A 3  ? 0.50372 0.59306 0.37110 -0.05864 -0.00071 0.19875 3  G   A "C4'" 
44  O "O4'" . G   A 3  ? 0.55901 0.63787 0.41768 -0.06029 0.00923  0.17979 3  G   A "O4'" 
45  C "C3'" . G   A 3  ? 0.51174 0.57731 0.40263 -0.04212 0.00808  0.20744 3  G   A "C3'" 
46  O "O3'" . G   A 3  ? 0.53107 0.58731 0.41745 -0.04276 0.00301  0.22119 3  G   A "O3'" 
47  C "C2'" . G   A 3  ? 0.55285 0.57622 0.41658 -0.04485 0.02551  0.18909 3  G   A "C2'" 
48  O "O2'" . G   A 3  ? 0.56928 0.55827 0.38622 -0.05597 0.03126  0.17963 3  G   A "O2'" 
49  C "C1'" . G   A 3  ? 0.52557 0.56697 0.38532 -0.05091 0.02456  0.17543 3  G   A "C1'" 
50  N N9    . G   A 3  ? 0.47085 0.52355 0.37830 -0.03396 0.02687  0.16452 3  G   A N9    
51  C C8    . G   A 3  ? 0.41269 0.50057 0.36110 -0.02483 0.01775  0.15729 3  G   A C8    
52  N N7    . G   A 3  ? 0.42926 0.51256 0.41012 -0.01227 0.02359  0.14529 3  G   A N7    
53  C C5    . G   A 3  ? 0.47375 0.52036 0.43740 -0.01258 0.03617  0.14612 3  G   A C5    
54  C C6    . G   A 3  ? 0.46272 0.49148 0.44675 -0.00367 0.04570  0.13849 3  G   A C6    
55  O O6    . G   A 3  ? 0.46587 0.50447 0.48449 0.00469  0.04472  0.12810 3  G   A O6    
56  N N1    . G   A 3  ? 0.49771 0.49419 0.45672 -0.00639 0.05787  0.14462 3  G   A N1    
57  C C2    . G   A 3  ? 0.50737 0.48602 0.42334 -0.01671 0.06218  0.15498 3  G   A C2    
58  N N2    . G   A 3  ? 0.52419 0.47162 0.42307 -0.01736 0.07349  0.15236 3  G   A N2    
59  N N3    . G   A 3  ? 0.53910 0.53026 0.43112 -0.02742 0.05308  0.16157 3  G   A N3    
60  C C4    . G   A 3  ? 0.52420 0.55138 0.44344 -0.02464 0.03948  0.15741 3  G   A C4    
61  P P     . G   A 4  ? 0.52117 0.57741 0.45271 -0.02253 0.00144  0.23785 4  G   A P     
62  O OP1   . G   A 4  ? 0.45787 0.51923 0.38306 -0.02767 -0.01063 0.25391 4  G   A OP1   
63  O OP2   . G   A 4  ? 0.47747 0.55658 0.46096 -0.00389 -0.00073 0.22452 4  G   A OP2   
64  O "O5'" . G   A 4  ? 0.57047 0.58187 0.49024 -0.01948 0.01966  0.22732 4  G   A "O5'" 
65  C "C5'" . G   A 4  ? 0.53219 0.50712 0.40188 -0.03355 0.02959  0.21431 4  G   A "C5'" 
66  C "C4'" . G   A 4  ? 0.58931 0.53281 0.45887 -0.02802 0.04576  0.20311 4  G   A "C4'" 
67  O "O4'" . G   A 4  ? 0.64289 0.59073 0.51854 -0.02577 0.05213  0.19046 4  G   A "O4'" 
68  C "C3'" . G   A 4  ? 0.53680 0.48134 0.45061 -0.01174 0.04702  0.21169 4  G   A "C3'" 
69  O "O3'" . G   A 4  ? 0.59145 0.52049 0.49635 -0.01416 0.04537  0.21980 4  G   A "O3'" 
70  C "C2'" . G   A 4  ? 0.61279 0.54218 0.53314 -0.00728 0.06062  0.19706 4  G   A "C2'" 
71  O "O2'" . G   A 4  ? 0.62613 0.52820 0.51373 -0.01750 0.06907  0.18884 4  G   A "O2'" 
72  C "C1'" . G   A 4  ? 0.60727 0.54839 0.51612 -0.01231 0.06074  0.18781 4  G   A "C1'" 
73  N N9    . G   A 4  ? 0.52087 0.48853 0.47328 0.00040  0.05710  0.19266 4  G   A N9    
74  C C8    . G   A 4  ? 0.49470 0.49420 0.46421 0.00183  0.04272  0.19120 4  G   A C8    
75  N N7    . G   A 4  ? 0.50008 0.51380 0.50853 0.01310  0.04058  0.17944 4  G   A N7    
76  C C5    . G   A 4  ? 0.50350 0.49443 0.52035 0.01786  0.05263  0.17497 4  G   A C5    
77  C C6    . G   A 4  ? 0.44620 0.43797 0.49671 0.02656  0.05557  0.16357 4  G   A C6    
78  O O6    . G   A 4  ? 0.45043 0.46019 0.52889 0.03232  0.04950  0.15324 4  G   A O6    
79  N N1    . G   A 4  ? 0.45917 0.42814 0.50849 0.02733  0.06747  0.16543 4  G   A N1    
80  C C2    . G   A 4  ? 0.50879 0.45645 0.52891 0.02216  0.07705  0.17410 4  G   A C2    
81  N N2    . G   A 4  ? 0.49401 0.43007 0.52160 0.02439  0.08464  0.16655 4  G   A N2    
82  N N3    . G   A 4  ? 0.54099 0.48460 0.52634 0.01328  0.07407  0.17786 4  G   A N3    
83  C C4    . G   A 4  ? 0.52514 0.48968 0.51021 0.01130  0.06320  0.18427 4  G   A C4    
84  P P     . LV2 A 5  ? 0.63007 0.57081 0.57919 0.00041  0.03650  0.23548 5  LV2 A P     
85  O OP1   . LV2 A 5  ? 0.67608 0.60005 0.60039 -0.00831 0.03321  0.24381 5  LV2 A OP1   
86  O OP2   . LV2 A 5  ? 0.53456 0.50955 0.51760 0.01019  0.02407  0.24532 5  LV2 A OP2   
87  O "O5'" . LV2 A 5  ? 0.58061 0.51104 0.56080 0.01252  0.04708  0.22675 5  LV2 A "O5'" 
88  C "C5'" . LV2 A 5  ? 0.54000 0.44877 0.50284 0.00738  0.06000  0.21511 5  LV2 A "C5'" 
89  C "C4'" . LV2 A 5  ? 0.55404 0.46520 0.55409 0.01919  0.06634  0.20813 5  LV2 A "C4'" 
90  O "O4'" . LV2 A 5  ? 0.57281 0.49509 0.58132 0.02190  0.06913  0.19925 5  LV2 A "O4'" 
91  C "C3'" . LV2 A 5  ? 0.51442 0.43320 0.55517 0.03137  0.05890  0.21562 5  LV2 A "C3'" 
92  C "C2'" . LV2 A 5  ? 0.53756 0.46160 0.60699 0.03854  0.06445  0.20461 5  LV2 A "C2'" 
93  O "O2'" . LV2 A 5  ? 0.51652 0.43094 0.58809 0.03680  0.07349  0.19791 5  LV2 A "O2'" 
94  C "C1'" . LV2 A 5  ? 0.55074 0.48183 0.60146 0.03352  0.06778  0.19798 5  LV2 A "C1'" 
95  N N1    . LV2 A 5  ? 0.50149 0.45091 0.56908 0.03915  0.05905  0.20328 5  LV2 A N1    
96  C C2    . LV2 A 5  ? 0.51560 0.47346 0.61706 0.04758  0.05810  0.19394 5  LV2 A C2    
97  O O2    . LV2 A 5  ? 0.53216 0.47989 0.64727 0.04881  0.06535  0.18766 5  LV2 A O2    
98  N N3    . LV2 A 5  ? 0.50969 0.49061 0.62668 0.05188  0.04824  0.18527 5  LV2 A N3    
99  C C4    . LV2 A 5  ? 0.46427 0.46221 0.56892 0.04954  0.03893  0.19196 5  LV2 A C4    
100 N N4    . LV2 A 5  ? 0.42689 0.45275 0.55084 0.05482  0.02980  0.18426 5  LV2 A N4    
101 C C5    . LV2 A 5  ? 0.49154 0.48031 0.56351 0.04057  0.03881  0.20710 5  LV2 A C5    
102 C C6    . LV2 A 5  ? 0.51101 0.47236 0.56351 0.03559  0.05014  0.21409 5  LV2 A C6    
103 C CM4   . LV2 A 5  ? 0.49515 0.54269 0.61492 0.05446  0.01818  0.19641 5  LV2 A CM4   
104 O "O3'" . LV2 A 5  ? 0.53295 0.43912 0.57389 0.03064  0.05787  0.22177 5  LV2 A "O3'" 
105 C C1    . LV2 A 5  ? 0.46274 0.49790 0.61088 0.05968  0.03186  0.16524 5  LV2 A C1    
106 P P     . G   A 6  ? 0.54604 0.45434 0.62026 0.04121  0.04813  0.22992 6  G   A P     
107 O OP1   . G   A 6  ? 0.56295 0.45700 0.62062 0.03563  0.04494  0.23978 6  G   A OP1   
108 O OP2   . G   A 6  ? 0.54241 0.46850 0.63981 0.05099  0.03842  0.23386 6  G   A OP2   
109 O "O5'" . G   A 6  ? 0.54303 0.44781 0.64286 0.04583  0.05521  0.21902 6  G   A "O5'" 
110 C "C5'" . G   A 6  ? 0.50172 0.40692 0.63299 0.05502  0.04965  0.21792 6  G   A "C5'" 
111 C "C4'" . G   A 6  ? 0.49910 0.40552 0.64857 0.05555  0.05639  0.20532 6  G   A "C4'" 
112 O "O4'" . G   A 6  ? 0.54795 0.46604 0.69545 0.05481  0.06054  0.19765 6  G   A "O4'" 
113 C "C3'" . G   A 6  ? 0.47112 0.37483 0.64870 0.06317  0.05152  0.20061 6  G   A "C3'" 
114 O "O3'" . G   A 6  ? 0.47719 0.36577 0.65800 0.06251  0.04946  0.20475 6  G   A "O3'" 
115 C "C2'" . G   A 6  ? 0.43133 0.34113 0.61995 0.06064  0.05766  0.18820 6  G   A "C2'" 
116 O "O2'" . G   A 6  ? 0.45881 0.36448 0.64428 0.05295  0.06426  0.18663 6  G   A "O2'" 
117 C "C1'" . G   A 6  ? 0.49293 0.41457 0.66566 0.05867  0.06051  0.18789 6  G   A "C1'" 
118 N N9    . G   A 6  ? 0.47589 0.40810 0.65954 0.06638  0.05448  0.18704 6  G   A N9    
119 C C8    . G   A 6  ? 0.48910 0.43094 0.66346 0.06975  0.04834  0.19671 6  G   A C8    
120 N N7    . G   A 6  ? 0.53601 0.49183 0.72867 0.07830  0.04353  0.19351 6  G   A N7    
121 C C5    . G   A 6  ? 0.53677 0.48765 0.74943 0.07971  0.04764  0.17895 6  G   A C5    
122 C C6    . G   A 6  ? 0.50353 0.46612 0.73577 0.08448  0.04611  0.16254 6  G   A C6    
123 O O6    . G   A 6  ? 0.51437 0.49845 0.75216 0.08931  0.04103  0.15597 6  G   A O6    
124 N N1    . G   A 6  ? 0.48241 0.43133 0.72686 0.08110  0.05140  0.15267 6  G   A N1    
125 C C2    . G   A 6  ? 0.53891 0.47245 0.77643 0.07226  0.05605  0.15582 6  G   A C2    
126 N N2    . G   A 6  ? 0.52217 0.44774 0.77141 0.06684  0.05898  0.14590 6  G   A N2    
127 N N3    . G   A 6  ? 0.55084 0.48046 0.76992 0.06753  0.05746  0.16628 6  G   A N3    
128 C C4    . G   A 6  ? 0.52332 0.45977 0.72968 0.07133  0.05363  0.17641 6  G   A C4    
129 P P     . C   A 7  ? 0.51694 0.39626 0.71054 0.07235  0.03988  0.20966 7  C   A P     
130 O OP1   . C   A 7  ? 0.54416 0.40517 0.72955 0.06812  0.03853  0.21711 7  C   A OP1   
131 O OP2   . C   A 7  ? 0.44419 0.33664 0.63883 0.08008  0.03285  0.21603 7  C   A OP2   
132 O "O5'" . C   A 7  ? 0.51500 0.39162 0.73142 0.07749  0.04109  0.19653 7  C   A "O5'" 
133 C "C5'" . C   A 7  ? 0.46189 0.33049 0.68233 0.06972  0.04677  0.18912 7  C   A "C5'" 
134 C "C4'" . C   A 7  ? 0.48013 0.34809 0.71842 0.07317  0.04791  0.17616 7  C   A "C4'" 
135 O "O4'" . C   A 7  ? 0.49068 0.37785 0.73100 0.07333  0.05044  0.17008 7  C   A "O4'" 
136 C "C3'" . C   A 7  ? 0.45675 0.31589 0.70798 0.08601  0.04312  0.17316 7  C   A "C3'" 
137 O "O3'" . C   A 7  ? 0.52293 0.35704 0.77453 0.08680  0.04147  0.17490 7  C   A "O3'" 
138 C "C2'" . C   A 7  ? 0.47762 0.34441 0.74273 0.08766  0.04683  0.15860 7  C   A "C2'" 
139 O "O2'" . C   A 7  ? 0.50574 0.35750 0.77434 0.07856  0.05106  0.15049 7  C   A "O2'" 
140 C "C1'" . C   A 7  ? 0.46797 0.35653 0.72487 0.08165  0.04914  0.15994 7  C   A "C1'" 
141 N N1    . C   A 7  ? 0.48404 0.39027 0.74195 0.09114  0.04494  0.16391 7  C   A N1    
142 C C2    . C   A 7  ? 0.52830 0.44506 0.80254 0.09922  0.04497  0.15303 7  C   A C2    
143 O O2    . C   A 7  ? 0.53016 0.43713 0.81445 0.09677  0.04935  0.13996 7  C   A O2    
144 N N3    . C   A 7  ? 0.56812 0.50659 0.84625 0.10817  0.04026  0.15751 7  C   A N3    
145 C C4    . C   A 7  ? 0.48343 0.42933 0.74792 0.10780  0.03502  0.17357 7  C   A C4    
146 N N4    . C   A 7  ? 0.44834 0.41880 0.71730 0.11514  0.02892  0.18011 7  C   A N4    
147 C C5    . C   A 7  ? 0.49480 0.42531 0.73989 0.09867  0.03573  0.18386 7  C   A C5    
148 C C6    . C   A 7  ? 0.50743 0.41994 0.75108 0.09135  0.04104  0.17789 7  C   A C6    
149 P P     . C   A 8  ? 0.53669 0.35792 0.79467 0.10191  0.03538  0.17887 8  C   A P     
150 O OP1   . C   A 8  ? 0.50328 0.29482 0.75329 0.09813  0.03425  0.18325 8  C   A OP1   
151 O OP2   . C   A 8  ? 0.55460 0.39454 0.80971 0.10837  0.02939  0.19013 8  C   A OP2   
152 O "O5'" . C   A 8  ? 0.50336 0.32493 0.77939 0.11153  0.03881  0.16362 8  C   A "O5'" 
153 C "C5'" . C   A 8  ? 0.59103 0.39479 0.86987 0.10441  0.04494  0.15124 8  C   A "C5'" 
154 C "C4'" . C   A 8  ? 0.57424 0.38091 0.86839 0.11255  0.04970  0.13550 8  C   A "C4'" 
155 O "O4'" . C   A 8  ? 0.60373 0.44184 0.90368 0.11225  0.05039  0.13178 8  C   A "O4'" 
156 C "C3'" . C   A 8  ? 0.55174 0.35292 0.85693 0.13165  0.04856  0.13365 8  C   A "C3'" 
157 O "O3'" . C   A 8  ? 0.64689 0.41151 0.94819 0.13420  0.05072  0.13099 8  C   A "O3'" 
158 C "C2'" . C   A 8  ? 0.64673 0.46740 0.96691 0.13713  0.05408  0.11838 8  C   A "C2'" 
159 O "O2'" . C   A 8  ? 0.60661 0.40559 0.92743 0.12949  0.06254  0.10227 8  C   A "O2'" 
160 C "C1'" . C   A 8  ? 0.61908 0.46806 0.93461 0.12644  0.05204  0.12218 8  C   A "C1'" 
161 N N1    . C   A 8  ? 0.55605 0.43480 0.87431 0.13517  0.04550  0.13275 8  C   A N1    
162 C C2    . C   A 8  ? 0.58708 0.49138 0.92091 0.14659  0.04590  0.12573 8  C   A C2    
163 O O2    . C   A 8  ? 0.61577 0.51667 0.96118 0.15059  0.05307  0.10896 8  C   A O2    
164 N N3    . C   A 8  ? 0.62558 0.55883 0.96098 0.15204  0.03868  0.13759 8  C   A N3    
165 C C4    . C   A 8  ? 0.58162 0.51498 0.90179 0.14612  0.03209  0.15523 8  C   A C4    
166 N N4    . C   A 8  ? 0.55005 0.51036 0.86988 0.14959  0.02459  0.16820 8  C   A N4    
167 C C5    . C   A 8  ? 0.54560 0.45229 0.84928 0.13504  0.03311  0.16069 8  C   A C5    
168 C C6    . C   A 8  ? 0.54444 0.42688 0.84883 0.13019  0.03939  0.14950 8  C   A C6    
169 P P     . G   A 9  ? 0.74710 0.49756 1.05446 0.15441  0.04761  0.13607 9  G   A P     
170 O OP1   . G   A 9  ? 0.79326 0.49931 1.08864 0.15119  0.05004  0.13426 9  G   A OP1   
171 O OP2   . G   A 9  ? 0.60860 0.38057 0.91602 0.16059  0.03776  0.15371 9  G   A OP2   
172 O "O5'" . G   A 9  ? 0.70572 0.46986 1.03256 0.16940  0.05427  0.12116 9  G   A "O5'" 
173 C "C5'" . G   A 9  ? 0.66537 0.41521 0.99469 0.16513  0.06523  0.10143 9  G   A "C5'" 
174 C "C4'" . G   A 9  ? 0.77477 0.55016 1.12334 0.17939  0.07071  0.08950 9  G   A "C4'" 
175 O "O4'" . G   A 9  ? 0.76111 0.57976 1.11598 0.17588  0.06571  0.09372 9  G   A "O4'" 
176 C "C3'" . G   A 9  ? 0.79642 0.57560 1.15864 0.20313  0.06888  0.09486 9  G   A "C3'" 
177 O "O3'" . G   A 9  ? 0.83530 0.57669 1.19634 0.21215  0.07778  0.08443 9  G   A "O3'" 
178 C "C2'" . G   A 9  ? 0.79250 0.61801 1.17377 0.21175  0.06959  0.08984 9  G   A "C2'" 
179 O "O2'" . G   A 9  ? 0.89427 0.71738 1.28365 0.21485  0.08279  0.06795 9  G   A "O2'" 
180 C "C1'" . G   A 9  ? 0.75913 0.60818 1.13207 0.19355  0.06451  0.09388 9  G   A "C1'" 
181 N N9    . G   A 9  ? 0.73664 0.61334 1.10949 0.19564  0.05218  0.11389 9  G   A N9    
182 C C8    . G   A 9  ? 0.69621 0.56513 1.05271 0.18492  0.04423  0.13000 9  G   A C8    
183 N N7    . G   A 9  ? 0.70118 0.59721 1.05914 0.18795  0.03487  0.14543 9  G   A N7    
184 C C5    . G   A 9  ? 0.71951 0.64582 1.09746 0.20131  0.03560  0.14012 9  G   A C5    
185 C C6    . G   A 9  ? 0.74507 0.71045 1.13327 0.20810  0.02686  0.15253 9  G   A C6    
186 O O6    . G   A 9  ? 0.72886 0.70604 1.10803 0.20276  0.01682  0.17107 9  G   A O6    
187 N N1    . G   A 9  ? 0.72978 0.72187 1.13972 0.22085  0.03108  0.14161 9  G   A N1    
188 C C2    . G   A 9  ? 0.69900 0.67888 1.11780 0.22649  0.04358  0.12037 9  G   A C2    
189 N N2    . G   A 9  ? 0.67063 0.68276 1.11008 0.23846  0.04706  0.11211 9  G   A N2    
190 N N3    . G   A 9  ? 0.73868 0.67849 1.14598 0.21947  0.05214  0.10864 9  G   A N3    
191 C C4    . G   A 9  ? 0.73990 0.65577 1.12774 0.20691  0.04686  0.12001 9  G   A C4    
192 P P     . G   A 10 ? 0.93390 0.65267 1.29710 0.23139  0.07326  0.09658 10 G   A P     
193 O OP1   . G   A 10 ? 0.83856 0.50519 1.18857 0.23054  0.08319  0.08450 10 G   A OP1   
194 O OP2   . G   A 10 ? 0.92358 0.64886 1.27904 0.22720  0.05906  0.11883 10 G   A OP2   
195 O "O5'" . G   A 10 ? 0.89918 0.65458 1.28923 0.25478  0.07367  0.09679 10 G   A "O5'" 
196 C "C5'" . G   A 10 ? 0.89003 0.64941 1.29311 0.26504  0.08726  0.07734 10 G   A "C5'" 
197 C "C4'" . G   A 10 ? 0.89474 0.70787 1.32290 0.27864  0.08460  0.07985 10 G   A "C4'" 
198 O "O4'" . G   A 10 ? 0.85481 0.70457 1.28033 0.26357  0.07512  0.08781 10 G   A "O4'" 
199 C "C3'" . G   A 10 ? 0.92453 0.75273 1.37052 0.30052  0.07538  0.09777 10 G   A "C3'" 
200 O "O3'" . G   A 10 ? 0.97625 0.78573 1.43502 0.32210  0.08529  0.08987 10 G   A "O3'" 
201 C "C2'" . G   A 10 ? 0.85903 0.74762 1.32215 0.30103  0.06784  0.10442 10 G   A "C2'" 
202 O "O2'" . G   A 10 ? 0.93910 0.85384 1.42133 0.31156  0.07881  0.08818 10 G   A "O2'" 
203 C "C1'" . G   A 10 ? 0.82565 0.71988 1.26982 0.27556  0.06554  0.10149 10 G   A "C1'" 
204 N N9    . G   A 10 ? 0.81443 0.71671 1.24769 0.26562  0.05059  0.12308 10 G   A N9    
205 C C8    . G   A 10 ? 0.82498 0.69675 1.23536 0.25057  0.04626  0.13079 10 G   A C8    
206 N N7    . G   A 10 ? 0.84622 0.73629 1.25090 0.24435  0.03387  0.14974 10 G   A N7    
207 C C5    . G   A 10 ? 0.79815 0.73268 1.22278 0.25501  0.02878  0.15566 10 G   A C5    
208 C C6    . G   A 10 ? 0.78115 0.75055 1.20820 0.25272  0.01567  0.17537 10 G   A C6    
209 O O6    . G   A 10 ? 0.78822 0.75468 1.19865 0.24089  0.00651  0.19155 10 G   A O6    
210 N N1    . G   A 10 ? 0.73671 0.74877 1.18754 0.26470  0.01404  0.17548 10 G   A N1    
211 C C2    . G   A 10 ? 0.76163 0.78265 1.23202 0.27828  0.02475  0.15791 10 G   A C2    
212 N N2    . G   A 10 ? 0.74806 0.81627 1.24096 0.28766  0.02118  0.16146 10 G   A N2    
213 N N3    . G   A 10 ? 0.78630 0.77298 1.25333 0.28107  0.03829  0.13860 10 G   A N3    
214 C C4    . G   A 10 ? 0.78554 0.72990 1.22911 0.26852  0.03892  0.13920 10 G   A C4    
215 O "O5'" . C   B 1  ? 0.65561 0.99231 1.33908 0.03858  -0.21930 0.41386 1  C   B "O5'" 
216 C "C5'" . C   B 1  ? 0.70701 1.01611 1.35637 0.05003  -0.20573 0.41407 1  C   B "C5'" 
217 C "C4'" . C   B 1  ? 0.72407 1.03243 1.41515 0.06896  -0.17867 0.41736 1  C   B "C4'" 
218 O "O4'" . C   B 1  ? 0.74710 1.02937 1.40869 0.07995  -0.17456 0.41898 1  C   B "O4'" 
219 C "C3'" . C   B 1  ? 0.70425 1.00380 1.39649 0.07488  -0.14821 0.41236 1  C   B "C3'" 
220 O "O3'" . C   B 1  ? 0.68784 1.01361 1.43055 0.07179  -0.13981 0.41219 1  C   B "O3'" 
221 C "C2'" . C   B 1  ? 0.70227 0.97850 1.39747 0.09447  -0.12462 0.41443 1  C   B "C2'" 
222 O "O2'" . C   B 1  ? 0.56500 0.85873 1.32543 0.10577  -0.11253 0.42106 1  C   B "O2'" 
223 C "C1'" . C   B 1  ? 0.74932 1.01112 1.40646 0.09317  -0.14422 0.41598 1  C   B "C1'" 
224 N N1    . C   B 1  ? 0.72507 0.95607 1.31574 0.08859  -0.14241 0.40802 1  C   B N1    
225 C C2    . C   B 1  ? 0.69556 0.89465 1.26209 0.10054  -0.11963 0.40283 1  C   B C2    
226 O O2    . C   B 1  ? 0.68985 0.88317 1.28516 0.11570  -0.09907 0.40540 1  C   B O2    
227 N N3    . C   B 1  ? 0.72210 0.89438 1.23304 0.09489  -0.12001 0.39409 1  C   B N3    
228 C C4    . C   B 1  ? 0.72981 0.90603 1.21042 0.07903  -0.13851 0.39164 1  C   B C4    
229 N N4    . C   B 1  ? 0.75007 0.90006 1.18286 0.07424  -0.13585 0.38292 1  C   B N4    
230 C C5    . C   B 1  ? 0.68641 0.89090 1.18399 0.06726  -0.16014 0.39730 1  C   B C5    
231 C C6    . C   B 1  ? 0.68685 0.91754 1.23836 0.07224  -0.16286 0.40477 1  C   B C6    
232 P P     . C   B 2  ? 0.78684 1.11034 1.51379 0.06577  -0.12513 0.40486 2  C   B P     
233 O OP1   . C   B 2  ? 0.70985 1.06627 1.49420 0.05843  -0.12205 0.40392 2  C   B OP1   
234 O OP2   . C   B 2  ? 0.72446 1.03310 1.38434 0.05190  -0.14308 0.39926 2  C   B OP2   
235 O "O5'" . C   B 2  ? 0.74065 1.02799 1.45262 0.08343  -0.08646 0.39909 2  C   B "O5'" 
236 C "C5'" . C   B 2  ? 0.59596 0.88532 1.36231 0.10127  -0.06245 0.40585 2  C   B "C5'" 
237 C "C4'" . C   B 2  ? 0.61846 0.85996 1.34597 0.11750  -0.03261 0.40053 2  C   B "C4'" 
238 O "O4'" . C   B 2  ? 0.71256 0.93722 1.40798 0.12290  -0.04741 0.40538 2  C   B "O4'" 
239 C "C3'" . C   B 2  ? 0.69353 0.89626 1.35104 0.11110  -0.01747 0.38229 2  C   B "C3'" 
240 O "O3'" . C   B 2  ? 0.83450 1.03063 1.49885 0.10861  0.00937  0.37154 2  C   B "O3'" 
241 C "C2'" . C   B 2  ? 0.65676 0.81463 1.27584 0.12747  -0.00506 0.38232 2  C   B "C2'" 
242 O "O2'" . C   B 2  ? 0.62034 0.75959 1.26715 0.14587  0.02725  0.38541 2  C   B "O2'" 
243 C "C1'" . C   B 2  ? 0.72100 0.89910 1.35486 0.12854  -0.03328 0.39632 2  C   B "C1'" 
244 N N1    . C   B 2  ? 0.70541 0.87845 1.28588 0.11350  -0.05820 0.39043 2  C   B N1    
245 C C2    . C   B 2  ? 0.67643 0.80845 1.19830 0.11589  -0.05347 0.38036 2  C   B C2    
246 O O2    . C   B 2  ? 0.64921 0.74735 1.15836 0.13015  -0.03131 0.37586 2  C   B O2    
247 N N3    . C   B 2  ? 0.68308 0.81183 1.16329 0.10189  -0.07281 0.37449 2  C   B N3    
248 C C4    . C   B 2  ? 0.67074 0.82984 1.15720 0.08635  -0.09491 0.37836 2  C   B C4    
249 N N4    . C   B 2  ? 0.58482 0.73623 1.02888 0.07332  -0.10938 0.37251 2  C   B N4    
250 C C5    . C   B 2  ? 0.69024 0.88770 1.22791 0.08300  -0.10267 0.38750 2  C   B C5    
251 C C6    . C   B 2  ? 0.68385 0.88916 1.27017 0.09642  -0.08460 0.39297 2  C   B C6    
252 P P     . G   B 3  ? 0.86822 1.05374 1.48092 0.09086  0.00793  0.35418 3  G   B P     
253 O OP1   . G   B 3  ? 0.72325 0.91043 1.36450 0.09013  0.03638  0.34796 3  G   B OP1   
254 O OP2   . G   B 3  ? 0.83282 1.04925 1.43779 0.07292  -0.02860 0.35676 3  G   B OP2   
255 O "O5'" . G   B 3  ? 0.65696 0.78702 1.19455 0.09804  0.01706  0.34285 3  G   B "O5'" 
256 C "C5'" . G   B 3  ? 0.65944 0.74283 1.17840 0.11522  0.04920  0.33783 3  G   B "C5'" 
257 C "C4'" . G   B 3  ? 0.62740 0.66448 1.08807 0.12399  0.04617  0.33289 3  G   B "C4'" 
258 O "O4'" . G   B 3  ? 0.61606 0.67141 1.08708 0.12455  0.02083  0.34495 3  G   B "O4'" 
259 C "C3'" . G   B 3  ? 0.65758 0.66836 1.05518 0.11388  0.03705  0.31662 3  G   B "C3'" 
260 O "O3'" . G   B 3  ? 0.64688 0.61952 1.01093 0.11664  0.06084  0.30231 3  G   B "O3'" 
261 C "C2'" . G   B 3  ? 0.67567 0.65792 1.04140 0.12188  0.02534  0.31819 3  G   B "C2'" 
262 O "O2'" . G   B 3  ? 0.66700 0.59675 1.00883 0.14040  0.04823  0.31528 3  G   B "O2'" 
263 C "C1'" . G   B 3  ? 0.62571 0.64865 1.04055 0.12303  0.00972  0.33677 3  G   B "C1'" 
264 N N9    . G   B 3  ? 0.65297 0.70728 1.06419 0.10632  -0.02029 0.33914 3  G   B N9    
265 C C8    . G   B 3  ? 0.61056 0.71143 1.05274 0.09237  -0.03767 0.34564 3  G   B C8    
266 N N7    . G   B 3  ? 0.58650 0.69615 1.00624 0.08009  -0.06055 0.34588 3  G   B N7    
267 C C5    . G   B 3  ? 0.62954 0.70030 1.00794 0.08583  -0.05764 0.33888 3  G   B C5    
268 C C6    . G   B 3  ? 0.64976 0.71015 0.99526 0.07775  -0.07310 0.33569 3  G   B C6    
269 O O6    . G   B 3  ? 0.64814 0.72933 0.98921 0.06391  -0.09086 0.33889 3  G   B O6    
270 N N1    . G   B 3  ? 0.67486 0.69333 0.98796 0.08628  -0.06468 0.32502 3  G   B N1    
271 C C2    . G   B 3  ? 0.69762 0.68267 1.00292 0.10162  -0.04519 0.31957 3  G   B C2    
272 N N2    . G   B 3  ? 0.68049 0.62448 0.94691 0.10629  -0.04320 0.30568 3  G   B N2    
273 N N3    . G   B 3  ? 0.67822 0.66779 1.01196 0.11150  -0.02841 0.32698 3  G   B N3    
274 C C4    . G   B 3  ? 0.65365 0.68942 1.02497 0.10184  -0.03510 0.33444 3  G   B C4    
275 P P     . G   B 4  ? 0.66236 0.62931 0.98349 0.10089  0.05151  0.28597 4  G   B P     
276 O OP1   . G   B 4  ? 0.73113 0.66285 1.02924 0.10510  0.08002  0.27427 4  G   B OP1   
277 O OP2   . G   B 4  ? 0.59015 0.61440 0.94433 0.08266  0.02865  0.29198 4  G   B OP2   
278 O "O5'" . G   B 4  ? 0.70165 0.62962 0.96808 0.10424  0.03649  0.27773 4  G   B "O5'" 
279 C "C5'" . G   B 4  ? 0.72014 0.59310 0.95544 0.12214  0.04951  0.27501 4  G   B "C5'" 
280 C "C4'" . G   B 4  ? 0.71260 0.55930 0.90987 0.12265  0.02879  0.26921 4  G   B "C4'" 
281 O "O4'" . G   B 4  ? 0.71042 0.59242 0.93856 0.11888  0.00936  0.28268 4  G   B "O4'" 
282 C "C3'" . G   B 4  ? 0.66900 0.51143 0.83240 0.10962  0.01213  0.25458 4  G   B "C3'" 
283 O "O3'" . G   B 4  ? 0.77024 0.56131 0.88566 0.11544  0.02387  0.23869 4  G   B "O3'" 
284 C "C2'" . G   B 4  ? 0.70104 0.53930 0.85701 0.10869  -0.00995 0.25637 4  G   B "C2'" 
285 O "O2'" . G   B 4  ? 0.76265 0.54199 0.88190 0.12350  -0.00621 0.24983 4  G   B "O2'" 
286 C "C1'" . G   B 4  ? 0.73125 0.60923 0.93456 0.10972  -0.01276 0.27569 4  G   B "C1'" 
287 N N9    . G   B 4  ? 0.69431 0.62563 0.92409 0.09241  -0.02955 0.28190 4  G   B N9    
288 C C8    . G   B 4  ? 0.66288 0.63751 0.92911 0.08499  -0.02757 0.29018 4  G   B C8    
289 N N7    . G   B 4  ? 0.63435 0.64374 0.90934 0.06962  -0.04602 0.29377 4  G   B N7    
290 C C5    . G   B 4  ? 0.64738 0.63696 0.89327 0.06677  -0.05778 0.28766 4  G   B C5    
291 C C6    . G   B 4  ? 0.58744 0.59457 0.82700 0.05250  -0.07516 0.28822 4  G   B C6    
292 O O6    . G   B 4  ? 0.53549 0.57594 0.78717 0.03965  -0.08496 0.29441 4  G   B O6    
293 N N1    . G   B 4  ? 0.56214 0.54038 0.77804 0.05419  -0.08041 0.28057 4  G   B N1    
294 C C2    . G   B 4  ? 0.58283 0.51919 0.78033 0.06760  -0.07388 0.27300 4  G   B C2    
295 N N2    . G   B 4  ? 0.60334 0.51871 0.78492 0.06584  -0.08374 0.26610 4  G   B N2    
296 N N3    . G   B 4  ? 0.61080 0.52490 0.80550 0.08148  -0.05863 0.27229 4  G   B N3    
297 C C4    . G   B 4  ? 0.64422 0.58760 0.86501 0.08032  -0.04946 0.28002 4  G   B C4    
298 P P     . LV2 B 5  ? 0.72730 0.52430 0.82151 0.10198  0.02025  0.22474 5  LV2 B P     
299 O OP1   . LV2 B 5  ? 0.75304 0.48409 0.79174 0.11287  0.03424  0.20952 5  LV2 B OP1   
300 O OP2   . LV2 B 5  ? 0.72178 0.57548 0.86011 0.08918  0.02507  0.23293 5  LV2 B OP2   
301 O "O5'" . LV2 B 5  ? 0.69143 0.50047 0.77643 0.09113  -0.00849 0.21942 5  LV2 B "O5'" 
302 C "C5'" . LV2 B 5  ? 0.68087 0.44609 0.73336 0.09887  -0.02087 0.21098 5  LV2 B "C5'" 
303 C "C4'" . LV2 B 5  ? 0.60379 0.39671 0.67097 0.08717  -0.04471 0.21192 5  LV2 B "C4'" 
304 O "O4'" . LV2 B 5  ? 0.63393 0.47248 0.74357 0.08212  -0.04769 0.22934 5  LV2 B "O4'" 
305 C "C3'" . LV2 B 5  ? 0.61753 0.43635 0.68317 0.07131  -0.05380 0.20383 5  LV2 B "C3'" 
306 C "C2'" . LV2 B 5  ? 0.63535 0.49063 0.72940 0.06062  -0.06959 0.21273 5  LV2 B "C2'" 
307 O "O2'" . LV2 B 5  ? 0.68292 0.51034 0.76639 0.06450  -0.08317 0.20636 5  LV2 B "O2'" 
308 C "C1'" . LV2 B 5  ? 0.64250 0.51746 0.76613 0.06607  -0.06303 0.23049 5  LV2 B "C1'" 
309 N N1    . LV2 B 5  ? 0.60667 0.52926 0.75826 0.05554  -0.05958 0.24069 5  LV2 B N1    
310 C C2    . LV2 B 5  ? 0.59869 0.55741 0.76346 0.04002  -0.07255 0.24570 5  LV2 B C2    
311 O O2    . LV2 B 5  ? 0.61578 0.56890 0.77294 0.03510  -0.08364 0.24217 5  LV2 B O2    
312 N N3    . LV2 B 5  ? 0.61535 0.61232 0.80088 0.03024  -0.07286 0.25441 5  LV2 B N3    
313 C C4    . LV2 B 5  ? 0.61317 0.61923 0.81510 0.03460  -0.06072 0.25823 5  LV2 B C4    
314 N N4    . LV2 B 5  ? 0.55967 0.60584 0.78711 0.02358  -0.06469 0.26689 5  LV2 B N4    
315 C C5    . LV2 B 5  ? 0.61207 0.58468 0.80507 0.04978  -0.04422 0.25342 5  LV2 B C5    
316 C C6    . LV2 B 5  ? 0.61690 0.54495 0.78018 0.06046  -0.04399 0.24458 5  LV2 B C6    
317 C CM4   . LV2 B 5  ? 0.47330 0.53594 0.73420 0.02862  -0.05375 0.27468 5  LV2 B CM4   
318 O "O3'" . LV2 B 5  ? 0.69526 0.47397 0.72252 0.07393  -0.05983 0.18618 5  LV2 B "O3'" 
319 C C1    . LV2 B 5  ? 0.55978 0.62855 0.78031 0.00679  -0.07982 0.26777 5  LV2 B C1    
320 P P     . G   B 6  ? 0.64173 0.43005 0.65377 0.06310  -0.05901 0.17473 6  G   B P     
321 O OP1   . G   B 6  ? 0.67142 0.40134 0.63537 0.07410  -0.05581 0.15863 6  G   B OP1   
322 O OP2   . G   B 6  ? 0.62340 0.45727 0.66168 0.05310  -0.04707 0.18488 6  G   B OP2   
323 O "O5'" . G   B 6  ? 0.55702 0.37056 0.58316 0.05022  -0.07836 0.17183 6  G   B "O5'" 
324 C "C5'" . G   B 6  ? 0.57848 0.37278 0.60602 0.05397  -0.09441 0.16798 6  G   B "C5'" 
325 C "C4'" . G   B 6  ? 0.58003 0.40637 0.62923 0.03949  -0.10586 0.16740 6  G   B "C4'" 
326 O "O4'" . G   B 6  ? 0.55372 0.41920 0.63511 0.03165  -0.10471 0.18406 6  G   B "O4'" 
327 C "C3'" . G   B 6  ? 0.56650 0.41423 0.60955 0.02751  -0.10254 0.16131 6  G   B "C3'" 
328 O "O3'" . G   B 6  ? 0.54402 0.35806 0.55827 0.03197  -0.10779 0.14382 6  G   B "O3'" 
329 C "C2'" . G   B 6  ? 0.51481 0.39942 0.58623 0.01353  -0.10824 0.16866 6  G   B "C2'" 
330 O "O2'" . G   B 6  ? 0.60309 0.47255 0.68181 0.01378  -0.12062 0.15975 6  G   B "O2'" 
331 C "C1'" . G   B 6  ? 0.52589 0.42544 0.61873 0.01594  -0.10615 0.18552 6  G   B "C1'" 
332 N N9    . G   B 6  ? 0.55005 0.48409 0.65199 0.00853  -0.09755 0.19790 6  G   B N9    
333 C C8    . G   B 6  ? 0.54091 0.47732 0.64188 0.01423  -0.08743 0.20287 6  G   B C8    
334 N N7    . G   B 6  ? 0.57034 0.54261 0.68650 0.00423  -0.08520 0.21356 6  G   B N7    
335 C C5    . G   B 6  ? 0.52258 0.51273 0.64229 -0.00852 -0.09341 0.21571 6  G   B C5    
336 C C6    . G   B 6  ? 0.50380 0.52561 0.63054 -0.02260 -0.09650 0.22548 6  G   B C6    
337 O O6    . G   B 6  ? 0.52680 0.57168 0.66235 -0.02763 -0.09610 0.23441 6  G   B O6    
338 N N1    . G   B 6  ? 0.50146 0.52422 0.62395 -0.03157 -0.10096 0.22402 6  G   B N1    
339 C C2    . G   B 6  ? 0.48141 0.48327 0.60239 -0.02819 -0.10283 0.21449 6  G   B C2    
340 N N2    . G   B 6  ? 0.46280 0.47040 0.58532 -0.03865 -0.10365 0.21529 6  G   B N2    
341 N N3    . G   B 6  ? 0.52112 0.49595 0.63925 -0.01557 -0.10391 0.20502 6  G   B N3    
342 C C4    . G   B 6  ? 0.52444 0.49261 0.63796 -0.00608 -0.09893 0.20624 6  G   B C4    
343 P P     . C   B 7  ? 0.55710 0.37544 0.54898 0.02566  -0.09900 0.13556 7  C   B P     
344 O OP1   . C   B 7  ? 0.61614 0.39351 0.57998 0.03270  -0.10979 0.11748 7  C   B OP1   
345 O OP2   . C   B 7  ? 0.55609 0.37835 0.54007 0.02777  -0.08144 0.14222 7  C   B OP2   
346 O "O5'" . C   B 7  ? 0.51967 0.38484 0.53551 0.00781  -0.10008 0.14104 7  C   B "O5'" 
347 C "C5'" . C   B 7  ? 0.52573 0.39334 0.55433 0.00288  -0.11137 0.13486 7  C   B "C5'" 
348 C "C4'" . C   B 7  ? 0.51986 0.42773 0.56653 -0.01366 -0.10712 0.14289 7  C   B "C4'" 
349 O "O4'" . C   B 7  ? 0.46327 0.39647 0.53085 -0.01782 -0.10423 0.16025 7  C   B "O4'" 
350 C "C3'" . C   B 7  ? 0.48930 0.41378 0.51864 -0.02372 -0.09767 0.14191 7  C   B "C3'" 
351 O "O3'" . C   B 7  ? 0.50673 0.41654 0.51841 -0.02482 -0.09923 0.12702 7  C   B "O3'" 
352 C "C2'" . C   B 7  ? 0.45096 0.41056 0.49796 -0.03775 -0.09496 0.15555 7  C   B "C2'" 
353 O "O2'" . C   B 7  ? 0.49231 0.45295 0.54945 -0.04351 -0.09766 0.15108 7  C   B "O2'" 
354 C "C1'" . C   B 7  ? 0.43977 0.40366 0.50714 -0.03166 -0.09786 0.16840 7  C   B "C1'" 
355 N N1    . C   B 7  ? 0.48068 0.45675 0.54739 -0.03019 -0.09236 0.17806 7  C   B N1    
356 C C2    . C   B 7  ? 0.47539 0.48216 0.54948 -0.04208 -0.09121 0.19076 7  C   B C2    
357 O O2    . C   B 7  ? 0.47045 0.48859 0.54442 -0.05313 -0.09314 0.19374 7  C   B O2    
358 N N3    . C   B 7  ? 0.46259 0.48315 0.54409 -0.04095 -0.08806 0.19943 7  C   B N3    
359 C C4    . C   B 7  ? 0.44689 0.45108 0.52783 -0.02866 -0.08184 0.19598 7  C   B C4    
360 N N4    . C   B 7  ? 0.46829 0.48835 0.56390 -0.02787 -0.07663 0.20493 7  C   B N4    
361 C C5    . C   B 7  ? 0.44531 0.41302 0.51056 -0.01623 -0.08081 0.18324 7  C   B C5    
362 C C6    . C   B 7  ? 0.47503 0.43039 0.53384 -0.01755 -0.08830 0.17454 7  C   B C6    
363 P P     . C   B 8  ? 0.56438 0.46736 0.54393 -0.02696 -0.09017 0.11967 8  C   B P     
364 O OP1   . C   B 8  ? 0.55279 0.43062 0.51610 -0.02306 -0.09639 0.10292 8  C   B OP1   
365 O OP2   . C   B 8  ? 0.45836 0.34902 0.42660 -0.01859 -0.08271 0.12308 8  C   B OP2   
366 O "O5'" . C   B 8  ? 0.49082 0.43141 0.47550 -0.04478 -0.08296 0.12936 8  C   B "O5'" 
367 C "C5'" . C   B 8  ? 0.44556 0.39888 0.43762 -0.05486 -0.08404 0.12892 8  C   B "C5'" 
368 C "C4'" . C   B 8  ? 0.46414 0.44566 0.45296 -0.07062 -0.07796 0.14011 8  C   B "C4'" 
369 O "O4'" . C   B 8  ? 0.48595 0.48581 0.49410 -0.07210 -0.08047 0.15621 8  C   B "O4'" 
370 C "C3'" . C   B 8  ? 0.43758 0.42359 0.40393 -0.07675 -0.07177 0.13854 8  C   B "C3'" 
371 O "O3'" . C   B 8  ? 0.43357 0.40797 0.37579 -0.08083 -0.06756 0.12611 8  C   B "O3'" 
372 C "C2'" . C   B 8  ? 0.41838 0.43245 0.39211 -0.08965 -0.07245 0.15424 8  C   B "C2'" 
373 O "O2'" . C   B 8  ? 0.42402 0.44310 0.38727 -0.10162 -0.07076 0.15540 8  C   B "O2'" 
374 C "C1'" . C   B 8  ? 0.43087 0.45047 0.43165 -0.08238 -0.07823 0.16506 8  C   B "C1'" 
375 N N1    . C   B 8  ? 0.41450 0.43755 0.42688 -0.07441 -0.07822 0.17052 8  C   B N1    
376 C C2    . C   B 8  ? 0.44128 0.48840 0.46147 -0.08308 -0.07988 0.18265 8  C   B C2    
377 O O2    . C   B 8  ? 0.42089 0.48074 0.43177 -0.09669 -0.08324 0.18787 8  C   B O2    
378 N N3    . C   B 8  ? 0.45471 0.50790 0.49257 -0.07608 -0.07796 0.18825 8  C   B N3    
379 C C4    . C   B 8  ? 0.47230 0.50366 0.51230 -0.06091 -0.07230 0.18201 8  C   B C4    
380 N N4    . C   B 8  ? 0.43715 0.47206 0.49479 -0.05359 -0.06672 0.18795 8  C   B N4    
381 C C5    . C   B 8  ? 0.46213 0.46425 0.48656 -0.05212 -0.07265 0.16936 8  C   B C5    
382 C C6    . C   B 8  ? 0.41777 0.41875 0.43226 -0.05924 -0.07668 0.16381 8  C   B C6    
383 P P     . G   B 9  ? 0.43563 0.40358 0.35084 -0.08399 -0.06022 0.11961 9  G   B P     
384 O OP1   . G   B 9  ? 0.52910 0.48239 0.41977 -0.08717 -0.05700 0.10666 9  G   B OP1   
385 O OP2   . G   B 9  ? 0.46621 0.41644 0.38042 -0.07091 -0.05813 0.11652 9  G   B OP2   
386 O "O5'" . G   B 9  ? 0.46144 0.45892 0.38077 -0.09928 -0.05901 0.13329 9  G   B "O5'" 
387 C "C5'" . G   B 9  ? 0.49421 0.50327 0.40176 -0.11413 -0.05907 0.13710 9  G   B "C5'" 
388 C "C4'" . G   B 9  ? 0.43795 0.46933 0.34744 -0.12684 -0.06241 0.14934 9  G   B "C4'" 
389 O "O4'" . G   B 9  ? 0.43135 0.47824 0.37062 -0.12227 -0.06963 0.16268 9  G   B "O4'" 
390 C "C3'" . G   B 9  ? 0.44352 0.47654 0.34660 -0.12992 -0.05791 0.14553 9  G   B "C3'" 
391 O "O3'" . G   B 9  ? 0.55316 0.57672 0.42482 -0.13969 -0.05245 0.13640 9  G   B "O3'" 
392 C "C2'" . G   B 9  ? 0.51587 0.57536 0.44248 -0.13723 -0.06655 0.16101 9  G   B "C2'" 
393 O "O2'" . G   B 9  ? 0.45128 0.52015 0.36225 -0.15333 -0.07422 0.16781 9  G   B "O2'" 
394 C "C1'" . G   B 9  ? 0.45400 0.51734 0.40551 -0.12646 -0.07197 0.16950 9  G   B "C1'" 
395 N N9    . G   B 9  ? 0.42582 0.48428 0.39865 -0.11166 -0.06718 0.16817 9  G   B N9    
396 C C8    . G   B 9  ? 0.42492 0.45976 0.39488 -0.09670 -0.06218 0.15908 9  G   B C8    
397 N N7    . G   B 9  ? 0.42597 0.45566 0.41148 -0.08549 -0.05725 0.16057 9  G   B N7    
398 C C5    . G   B 9  ? 0.43291 0.48860 0.43935 -0.09366 -0.05821 0.17130 9  G   B C5    
399 C C6    . G   B 9  ? 0.42468 0.48899 0.45936 -0.08766 -0.05221 0.17784 9  G   B C6    
400 O O6    . G   B 9  ? 0.42977 0.47606 0.47061 -0.07314 -0.04256 0.17552 9  G   B O6    
401 N N1    . G   B 9  ? 0.42239 0.51725 0.47969 -0.10016 -0.05852 0.18806 9  G   B N1    
402 C C2    . G   B 9  ? 0.42369 0.53391 0.46975 -0.11654 -0.07064 0.19149 9  G   B C2    
403 N N2    . G   B 9  ? 0.42563 0.56195 0.49578 -0.12706 -0.07960 0.20118 9  G   B N2    
404 N N3    . G   B 9  ? 0.43553 0.53367 0.44888 -0.12192 -0.07376 0.18566 9  G   B N3    
405 C C4    . G   B 9  ? 0.42434 0.49779 0.42296 -0.10998 -0.06655 0.17585 9  G   B C4    
406 P P     . G   B 10 ? 0.55177 0.56570 0.40998 -0.14058 -0.04309 0.12700 10 G   B P     
407 O OP1   . G   B 10 ? 0.61487 0.62224 0.43972 -0.15386 -0.04036 0.12089 10 G   B OP1   
408 O OP2   . G   B 10 ? 0.45989 0.44989 0.31697 -0.12354 -0.03540 0.11698 10 G   B OP2   
409 O "O5'" . G   B 10 ? 0.50471 0.54487 0.39149 -0.14776 -0.04747 0.13941 10 G   B "O5'" 
410 C "C5'" . G   B 10 ? 0.50239 0.56154 0.38768 -0.16507 -0.05697 0.14795 10 G   B "C5'" 
411 C "C4'" . G   B 10 ? 0.48084 0.56195 0.39942 -0.16960 -0.06013 0.15596 10 G   B "C4'" 
412 O "O4'" . G   B 10 ? 0.49155 0.58670 0.44840 -0.15843 -0.06507 0.16665 10 G   B "O4'" 
413 C "C3'" . G   B 10 ? 0.46487 0.53637 0.38663 -0.16634 -0.04407 0.14654 10 G   B "C3'" 
414 O "O3'" . G   B 10 ? 0.51029 0.57391 0.40432 -0.17975 -0.03954 0.13832 10 G   B "O3'" 
415 C "C2'" . G   B 10 ? 0.45846 0.55521 0.43062 -0.16471 -0.04686 0.15804 10 G   B "C2'" 
416 O "O2'" . G   B 10 ? 0.46383 0.58554 0.45181 -0.18187 -0.06144 0.16658 10 G   B "O2'" 
417 C "C1'" . G   B 10 ? 0.44780 0.55145 0.43659 -0.15393 -0.05684 0.16784 10 G   B "C1'" 
418 N N9    . G   B 10 ? 0.44309 0.52754 0.43697 -0.13454 -0.04403 0.16307 10 G   B N9    
419 C C8    . G   B 10 ? 0.44370 0.50058 0.40986 -0.12340 -0.03955 0.15354 10 G   B C8    
420 N N7    . G   B 10 ? 0.47984 0.51996 0.45488 -0.10698 -0.03057 0.15137 10 G   B N7    
421 C C5    . G   B 10 ? 0.44408 0.50229 0.45594 -0.10673 -0.02549 0.16025 10 G   B C5    
422 C C6    . G   B 10 ? 0.44837 0.49782 0.48329 -0.09232 -0.01287 0.16301 10 G   B C6    
423 O O6    . G   B 10 ? 0.45678 0.47617 0.47839 -0.07630 -0.00466 0.15778 10 G   B O6    
424 N N1    . G   B 10 ? 0.44574 0.52281 0.52398 -0.09750 -0.01001 0.17301 10 G   B N1    
425 C C2    . G   B 10 ? 0.44042 0.54970 0.53736 -0.11511 -0.02215 0.17938 10 G   B C2    
426 N N2    . G   B 10 ? 0.43879 0.57434 0.58545 -0.11821 -0.02056 0.18879 10 G   B N2    
427 N N3    . G   B 10 ? 0.43981 0.55366 0.50919 -0.12887 -0.03566 0.17684 10 G   B N3    
428 C C4    . G   B 10 ? 0.44133 0.52904 0.46874 -0.12370 -0.03481 0.16737 10 G   B C4    
# 
